data_2E0I
#
_entry.id   2E0I
#
_cell.length_a   79.875
_cell.length_b   114.715
_cell.length_c   167.684
_cell.angle_alpha   90.00
_cell.angle_beta   91.49
_cell.angle_gamma   90.00
#
_symmetry.space_group_name_H-M   'P 1 21 1'
#
loop_
_entity.id
_entity.type
_entity.pdbx_description
1 polymer '432aa long hypothetical deoxyribodipyrimidine photolyase'
2 non-polymer 'FLAVIN-ADENINE DINUCLEOTIDE'
3 non-polymer (4S)-2-METHYL-2,4-PENTANEDIOL
4 water water
#
_entity_poly.entity_id   1
_entity_poly.type   'polypeptide(L)'
_entity_poly.pdbx_seq_one_letter_code
;MDCIFIFRRDLRLEDNTGLNYALSECDRVIPVFIADPRQLINNPYKSEFAVSFMINSLLELDDELRKKGSRLNVFFGEAE
KVVSRFFNKVDAIYVNEDYTPFSISRDEKIRKVCEENGIEFKAYEDYLLTPKSLFHHRNFTSFYNEVSKVKVREPETMEG
SFDVTDSSMNVDFLLTFKKIESPLFRGGRREGLYLLHRNVDFRRRDYPAENNNYRLSPHLKFGTISMREAYYTQKGKEEF
VRELYWRDFFTLLAYYNPHVFGHCYRREYDNISWENNESYFEAWKEGRTGYPIIDAGMRMLNSTGYINGRVRMLVAFFLV
KVLFVDWRWGERYFATKLVDYDPAINNGNWQWIASTGVDYMFRVFNPWKQQEKFDPEAKFIKEWVEELKDVPPSIIHSIY
KTKVPGYPSPIVNWLERVNYVKSEYKNVKAVLLEHHHHHH
;
_entity_poly.pdbx_strand_id   A,B,C,D
#
# COMPACT_ATOMS: atom_id res chain seq x y z
N MET A 1 -49.51 -34.83 27.88
CA MET A 1 -48.46 -34.76 28.95
C MET A 1 -48.13 -33.32 29.26
N ASP A 2 -47.35 -33.12 30.32
CA ASP A 2 -46.89 -31.80 30.71
C ASP A 2 -45.42 -31.82 30.32
N CYS A 3 -45.08 -31.19 29.22
CA CYS A 3 -43.70 -31.20 28.80
C CYS A 3 -43.05 -29.83 28.60
N ILE A 4 -41.74 -29.84 28.40
CA ILE A 4 -40.93 -28.64 28.23
C ILE A 4 -40.21 -28.52 26.89
N PHE A 5 -40.19 -27.32 26.33
CA PHE A 5 -39.47 -27.09 25.09
C PHE A 5 -38.38 -26.10 25.41
N ILE A 6 -37.14 -26.44 25.05
CA ILE A 6 -36.02 -25.57 25.31
C ILE A 6 -35.50 -24.87 24.06
N PHE A 7 -35.63 -23.54 24.03
CA PHE A 7 -35.15 -22.75 22.91
C PHE A 7 -33.64 -22.63 23.08
N ARG A 8 -32.93 -22.47 21.97
CA ARG A 8 -31.49 -22.30 22.05
C ARG A 8 -30.99 -21.39 20.95
N ARG A 9 -31.29 -21.77 19.73
CA ARG A 9 -30.84 -21.08 18.52
C ARG A 9 -31.98 -20.99 17.52
N ASP A 10 -33.19 -21.32 17.99
CA ASP A 10 -34.43 -21.33 17.18
C ASP A 10 -35.42 -20.33 17.76
N LEU A 11 -34.98 -19.08 17.90
CA LEU A 11 -35.79 -18.05 18.52
C LEU A 11 -37.01 -17.55 17.76
N ARG A 12 -38.02 -18.42 17.64
CA ARG A 12 -39.26 -18.10 16.94
C ARG A 12 -40.30 -19.13 17.31
N LEU A 13 -41.56 -18.82 17.02
CA LEU A 13 -42.67 -19.75 17.32
C LEU A 13 -43.23 -20.34 16.04
N GLU A 14 -42.84 -19.77 14.91
CA GLU A 14 -43.29 -20.21 13.58
C GLU A 14 -42.32 -21.20 12.97
N ASP A 15 -42.86 -22.25 12.36
CA ASP A 15 -42.05 -23.28 11.72
C ASP A 15 -40.86 -23.72 12.54
N ASN A 16 -41.13 -24.12 13.77
CA ASN A 16 -40.08 -24.60 14.65
C ASN A 16 -40.42 -26.07 14.86
N THR A 17 -39.65 -26.94 14.20
CA THR A 17 -39.87 -28.38 14.24
C THR A 17 -40.11 -28.97 15.63
N GLY A 18 -39.09 -28.90 16.47
CA GLY A 18 -39.23 -29.45 17.79
C GLY A 18 -40.40 -28.85 18.54
N LEU A 19 -40.57 -27.54 18.42
CA LEU A 19 -41.65 -26.88 19.12
C LEU A 19 -42.99 -27.40 18.61
N ASN A 20 -43.08 -27.62 17.30
CA ASN A 20 -44.31 -28.14 16.69
C ASN A 20 -44.67 -29.48 17.30
N TYR A 21 -43.73 -30.42 17.30
CA TYR A 21 -44.01 -31.73 17.85
C TYR A 21 -44.41 -31.61 19.31
N ALA A 22 -43.71 -30.74 20.04
CA ALA A 22 -44.03 -30.55 21.44
C ALA A 22 -45.47 -30.10 21.62
N LEU A 23 -45.89 -29.12 20.83
CA LEU A 23 -47.25 -28.59 20.93
C LEU A 23 -48.34 -29.59 20.57
N SER A 24 -48.06 -30.47 19.63
CA SER A 24 -49.05 -31.43 19.21
C SER A 24 -49.03 -32.72 20.02
N GLU A 25 -47.90 -33.04 20.64
CA GLU A 25 -47.79 -34.26 21.42
C GLU A 25 -48.11 -34.13 22.92
N CYS A 26 -48.01 -32.93 23.48
CA CYS A 26 -48.32 -32.76 24.92
C CYS A 26 -49.51 -31.82 25.10
N ASP A 27 -50.06 -31.81 26.30
CA ASP A 27 -51.20 -30.96 26.61
C ASP A 27 -50.75 -29.53 26.83
N ARG A 28 -49.75 -29.36 27.68
CA ARG A 28 -49.21 -28.04 27.98
C ARG A 28 -47.71 -28.06 27.67
N VAL A 29 -47.20 -26.93 27.19
CA VAL A 29 -45.80 -26.81 26.88
C VAL A 29 -45.22 -25.56 27.53
N ILE A 30 -44.18 -25.75 28.33
CA ILE A 30 -43.54 -24.62 28.98
C ILE A 30 -42.32 -24.19 28.16
N PRO A 31 -42.36 -22.98 27.60
CA PRO A 31 -41.25 -22.46 26.79
C PRO A 31 -40.10 -22.03 27.69
N VAL A 32 -38.95 -22.65 27.49
CA VAL A 32 -37.78 -22.38 28.31
C VAL A 32 -36.54 -21.94 27.57
N PHE A 33 -35.76 -21.08 28.21
CA PHE A 33 -34.46 -20.66 27.67
C PHE A 33 -33.49 -20.70 28.85
N ILE A 34 -32.36 -21.37 28.67
CA ILE A 34 -31.39 -21.50 29.72
C ILE A 34 -30.14 -20.68 29.44
N ALA A 35 -29.86 -19.72 30.31
CA ALA A 35 -28.68 -18.87 30.18
C ALA A 35 -27.52 -19.69 30.75
N ASP A 36 -26.64 -20.16 29.85
CA ASP A 36 -25.51 -21.01 30.23
C ASP A 36 -24.22 -20.23 30.44
N PRO A 37 -23.68 -20.27 31.66
CA PRO A 37 -22.44 -19.57 31.99
C PRO A 37 -21.23 -19.96 31.12
N ARG A 38 -21.28 -21.15 30.52
CA ARG A 38 -20.18 -21.62 29.66
C ARG A 38 -20.18 -20.85 28.35
N GLN A 39 -21.33 -20.23 28.05
CA GLN A 39 -21.49 -19.47 26.83
C GLN A 39 -21.53 -17.97 27.10
N LEU A 40 -22.09 -17.56 28.23
CA LEU A 40 -22.19 -16.14 28.53
C LEU A 40 -21.12 -15.52 29.42
N ILE A 41 -20.42 -16.34 30.19
CA ILE A 41 -19.37 -15.87 31.10
C ILE A 41 -18.02 -16.53 30.84
N ASN A 42 -17.02 -15.72 30.52
CA ASN A 42 -15.68 -16.24 30.24
C ASN A 42 -15.69 -17.23 29.07
N ASN A 43 -16.20 -16.74 27.94
CA ASN A 43 -16.26 -17.51 26.73
C ASN A 43 -15.26 -16.79 25.84
N PRO A 44 -14.13 -17.44 25.55
CA PRO A 44 -13.16 -16.77 24.69
C PRO A 44 -13.73 -16.48 23.28
N TYR A 45 -14.72 -17.25 22.87
CA TYR A 45 -15.31 -17.11 21.56
C TYR A 45 -16.61 -16.31 21.55
N LYS A 46 -16.84 -15.56 22.61
CA LYS A 46 -18.06 -14.79 22.70
C LYS A 46 -18.00 -13.43 22.02
N SER A 47 -19.10 -13.07 21.39
CA SER A 47 -19.25 -11.81 20.70
C SER A 47 -20.29 -10.99 21.46
N GLU A 48 -19.96 -9.75 21.81
CA GLU A 48 -20.92 -8.92 22.52
C GLU A 48 -22.07 -8.57 21.57
N PHE A 49 -21.75 -8.31 20.31
CA PHE A 49 -22.79 -7.99 19.35
C PHE A 49 -23.77 -9.14 19.17
N ALA A 50 -23.24 -10.35 18.99
CA ALA A 50 -24.08 -11.53 18.82
C ALA A 50 -25.01 -11.72 20.01
N VAL A 51 -24.47 -11.53 21.21
CA VAL A 51 -25.24 -11.69 22.43
C VAL A 51 -26.39 -10.71 22.51
N SER A 52 -26.14 -9.45 22.17
CA SER A 52 -27.20 -8.44 22.22
C SER A 52 -28.32 -8.81 21.27
N PHE A 53 -27.93 -9.26 20.08
CA PHE A 53 -28.89 -9.67 19.07
C PHE A 53 -29.74 -10.82 19.59
N MET A 54 -29.10 -11.78 20.25
CA MET A 54 -29.81 -12.91 20.82
C MET A 54 -30.78 -12.44 21.92
N ILE A 55 -30.28 -11.64 22.85
CA ILE A 55 -31.12 -11.11 23.93
C ILE A 55 -32.32 -10.34 23.33
N ASN A 56 -32.06 -9.45 22.38
CA ASN A 56 -33.15 -8.71 21.75
C ASN A 56 -34.15 -9.69 21.11
N SER A 57 -33.64 -10.70 20.42
CA SER A 57 -34.51 -11.67 19.80
C SER A 57 -35.27 -12.43 20.87
N LEU A 58 -34.63 -12.68 22.00
CA LEU A 58 -35.28 -13.37 23.11
C LEU A 58 -36.37 -12.48 23.71
N LEU A 59 -36.14 -11.16 23.73
CA LEU A 59 -37.14 -10.23 24.25
C LEU A 59 -38.36 -10.27 23.34
N GLU A 60 -38.13 -10.23 22.02
CA GLU A 60 -39.23 -10.26 21.07
C GLU A 60 -40.04 -11.56 21.18
N LEU A 61 -39.33 -12.68 21.32
CA LEU A 61 -39.95 -14.00 21.45
C LEU A 61 -40.84 -14.03 22.68
N ASP A 62 -40.40 -13.37 23.75
CA ASP A 62 -41.16 -13.30 24.98
C ASP A 62 -42.49 -12.58 24.75
N ASP A 63 -42.51 -11.58 23.88
CA ASP A 63 -43.74 -10.86 23.60
C ASP A 63 -44.71 -11.77 22.88
N GLU A 64 -44.21 -12.51 21.92
CA GLU A 64 -45.06 -13.42 21.17
C GLU A 64 -45.69 -14.43 22.11
N LEU A 65 -44.95 -14.81 23.15
CA LEU A 65 -45.44 -15.77 24.13
C LEU A 65 -46.48 -15.15 25.06
N ARG A 66 -46.32 -13.86 25.36
CA ARG A 66 -47.27 -13.20 26.24
C ARG A 66 -48.60 -13.02 25.52
N LYS A 67 -48.54 -12.93 24.19
CA LYS A 67 -49.75 -12.78 23.40
C LYS A 67 -50.48 -14.12 23.34
N LYS A 68 -49.93 -15.11 24.03
CA LYS A 68 -50.52 -16.44 24.08
C LYS A 68 -50.73 -16.88 25.52
N GLY A 69 -50.83 -15.88 26.40
CA GLY A 69 -51.05 -16.15 27.81
C GLY A 69 -49.97 -17.01 28.40
N SER A 70 -48.73 -16.68 28.04
CA SER A 70 -47.58 -17.41 28.53
C SER A 70 -46.45 -16.40 28.60
N ARG A 71 -45.22 -16.91 28.64
CA ARG A 71 -44.04 -16.05 28.67
C ARG A 71 -42.85 -16.96 28.69
N LEU A 72 -41.71 -16.40 28.33
CA LEU A 72 -40.48 -17.16 28.31
C LEU A 72 -40.03 -17.43 29.76
N ASN A 73 -39.79 -18.70 30.06
CA ASN A 73 -39.36 -19.14 31.37
C ASN A 73 -37.84 -19.26 31.34
N VAL A 74 -37.16 -18.34 32.03
CA VAL A 74 -35.70 -18.34 32.03
C VAL A 74 -35.04 -18.95 33.26
N PHE A 75 -33.96 -19.69 33.02
CA PHE A 75 -33.18 -20.35 34.07
C PHE A 75 -31.73 -20.03 33.84
N PHE A 76 -30.90 -20.24 34.86
CA PHE A 76 -29.47 -19.96 34.71
C PHE A 76 -28.64 -21.14 35.18
N GLY A 77 -27.55 -21.39 34.45
CA GLY A 77 -26.65 -22.49 34.78
C GLY A 77 -26.32 -23.35 33.58
N GLU A 78 -25.56 -24.42 33.80
CA GLU A 78 -25.23 -25.33 32.71
C GLU A 78 -26.47 -26.16 32.40
N ALA A 79 -26.86 -26.19 31.12
CA ALA A 79 -28.03 -26.92 30.69
C ALA A 79 -28.31 -28.23 31.43
N GLU A 80 -27.37 -29.17 31.38
CA GLU A 80 -27.55 -30.45 32.06
C GLU A 80 -27.88 -30.30 33.55
N LYS A 81 -27.15 -29.44 34.25
CA LYS A 81 -27.41 -29.23 35.66
C LYS A 81 -28.75 -28.57 35.92
N VAL A 82 -29.18 -27.67 35.04
CA VAL A 82 -30.45 -26.99 35.21
C VAL A 82 -31.60 -27.98 35.12
N VAL A 83 -31.60 -28.78 34.05
CA VAL A 83 -32.64 -29.80 33.85
C VAL A 83 -32.71 -30.62 35.12
N SER A 84 -31.54 -31.08 35.55
CA SER A 84 -31.42 -31.87 36.74
C SER A 84 -32.13 -31.25 37.97
N ARG A 85 -31.84 -29.99 38.29
CA ARG A 85 -32.43 -29.37 39.47
C ARG A 85 -33.91 -29.01 39.37
N PHE A 86 -34.32 -28.46 38.24
CA PHE A 86 -35.69 -28.00 38.07
C PHE A 86 -36.72 -28.86 37.33
N PHE A 87 -36.30 -29.66 36.36
CA PHE A 87 -37.29 -30.43 35.60
C PHE A 87 -37.41 -31.93 35.90
N ASN A 88 -36.81 -32.38 36.98
CA ASN A 88 -36.86 -33.79 37.34
C ASN A 88 -38.28 -34.39 37.36
N LYS A 89 -39.31 -33.57 37.50
CA LYS A 89 -40.67 -34.11 37.55
C LYS A 89 -41.55 -33.90 36.31
N VAL A 90 -40.95 -33.36 35.25
CA VAL A 90 -41.68 -33.11 34.01
C VAL A 90 -41.76 -34.41 33.21
N ASP A 91 -42.70 -34.50 32.29
CA ASP A 91 -42.87 -35.72 31.48
C ASP A 91 -41.86 -35.92 30.37
N ALA A 92 -41.73 -34.91 29.53
CA ALA A 92 -40.81 -34.95 28.41
C ALA A 92 -40.16 -33.59 28.20
N ILE A 93 -39.08 -33.60 27.44
CA ILE A 93 -38.33 -32.39 27.11
C ILE A 93 -38.07 -32.43 25.61
N TYR A 94 -38.47 -31.37 24.92
CA TYR A 94 -38.27 -31.31 23.47
C TYR A 94 -37.24 -30.25 23.10
N VAL A 95 -36.47 -30.51 22.05
CA VAL A 95 -35.47 -29.56 21.56
C VAL A 95 -35.13 -29.85 20.11
N ASN A 96 -34.32 -28.99 19.54
CA ASN A 96 -33.87 -29.16 18.18
C ASN A 96 -32.37 -29.42 18.30
N GLU A 97 -31.94 -30.58 17.84
CA GLU A 97 -30.54 -30.98 17.92
C GLU A 97 -29.66 -29.99 17.17
N ASP A 98 -28.42 -29.87 17.60
CA ASP A 98 -27.47 -28.99 16.93
C ASP A 98 -26.33 -29.89 16.48
N TYR A 99 -25.30 -29.33 15.87
CA TYR A 99 -24.23 -30.14 15.33
C TYR A 99 -22.80 -29.84 15.74
N THR A 100 -22.60 -29.20 16.88
CA THR A 100 -21.23 -28.92 17.32
C THR A 100 -20.89 -29.77 18.53
N PRO A 101 -19.61 -30.08 18.71
CA PRO A 101 -19.17 -30.91 19.86
C PRO A 101 -19.85 -30.47 21.16
N PHE A 102 -19.79 -29.19 21.45
CA PHE A 102 -20.39 -28.65 22.66
C PHE A 102 -21.86 -29.00 22.74
N SER A 103 -22.55 -28.83 21.62
CA SER A 103 -23.97 -29.11 21.59
C SER A 103 -24.27 -30.58 21.72
N ILE A 104 -23.45 -31.41 21.11
CA ILE A 104 -23.67 -32.84 21.16
C ILE A 104 -23.46 -33.41 22.54
N SER A 105 -22.39 -32.97 23.22
CA SER A 105 -22.12 -33.51 24.54
C SER A 105 -23.11 -32.97 25.56
N ARG A 106 -23.57 -31.75 25.34
CA ARG A 106 -24.54 -31.12 26.22
C ARG A 106 -25.86 -31.88 26.19
N ASP A 107 -26.22 -32.35 25.00
CA ASP A 107 -27.45 -33.08 24.85
C ASP A 107 -27.29 -34.51 25.38
N GLU A 108 -26.09 -35.05 25.27
CA GLU A 108 -25.87 -36.38 25.81
C GLU A 108 -26.09 -36.33 27.32
N LYS A 109 -25.54 -35.30 27.95
CA LYS A 109 -25.70 -35.17 29.38
C LYS A 109 -27.16 -34.96 29.72
N ILE A 110 -27.88 -34.16 28.95
CA ILE A 110 -29.28 -33.95 29.27
C ILE A 110 -30.04 -35.27 29.12
N ARG A 111 -29.61 -36.08 28.14
CA ARG A 111 -30.25 -37.37 27.91
C ARG A 111 -30.04 -38.28 29.11
N LYS A 112 -28.80 -38.36 29.59
CA LYS A 112 -28.52 -39.17 30.77
C LYS A 112 -29.39 -38.74 31.96
N VAL A 113 -29.41 -37.44 32.25
CA VAL A 113 -30.21 -36.93 33.34
C VAL A 113 -31.69 -37.25 33.14
N CYS A 114 -32.12 -37.29 31.89
CA CYS A 114 -33.52 -37.58 31.57
C CYS A 114 -33.91 -39.02 31.80
N GLU A 115 -33.02 -39.93 31.46
CA GLU A 115 -33.27 -41.36 31.64
C GLU A 115 -33.33 -41.72 33.12
N GLU A 116 -32.51 -41.07 33.92
CA GLU A 116 -32.46 -41.32 35.35
C GLU A 116 -33.49 -40.50 36.10
N ASN A 117 -34.62 -40.22 35.47
CA ASN A 117 -35.66 -39.44 36.11
C ASN A 117 -36.97 -39.73 35.42
N GLY A 118 -36.89 -40.58 34.40
CA GLY A 118 -38.08 -40.96 33.66
C GLY A 118 -38.65 -39.86 32.79
N ILE A 119 -37.78 -38.99 32.29
CA ILE A 119 -38.21 -37.90 31.43
C ILE A 119 -37.86 -38.28 30.01
N GLU A 120 -38.83 -38.22 29.10
CA GLU A 120 -38.55 -38.54 27.72
C GLU A 120 -37.81 -37.35 27.06
N PHE A 121 -36.69 -37.63 26.38
CA PHE A 121 -35.92 -36.57 25.74
C PHE A 121 -36.00 -36.71 24.24
N LYS A 122 -36.70 -35.77 23.61
CA LYS A 122 -36.90 -35.80 22.17
C LYS A 122 -36.21 -34.66 21.43
N ALA A 123 -35.26 -34.98 20.55
CA ALA A 123 -34.54 -33.97 19.76
C ALA A 123 -34.95 -34.10 18.30
N TYR A 124 -35.09 -32.99 17.60
CA TYR A 124 -35.52 -33.01 16.21
C TYR A 124 -34.60 -32.18 15.33
N GLU A 125 -34.59 -32.49 14.03
CA GLU A 125 -33.78 -31.74 13.08
C GLU A 125 -34.59 -30.51 12.67
N ASP A 126 -33.94 -29.35 12.67
CA ASP A 126 -34.62 -28.11 12.31
C ASP A 126 -33.71 -27.09 11.66
N TYR A 127 -32.48 -26.99 12.15
CA TYR A 127 -31.53 -26.01 11.63
C TYR A 127 -31.12 -26.20 10.20
N LEU A 128 -31.11 -27.43 9.71
CA LEU A 128 -30.69 -27.69 8.34
C LEU A 128 -31.82 -27.67 7.31
N LEU A 129 -31.45 -27.33 6.09
CA LEU A 129 -32.39 -27.27 4.98
C LEU A 129 -32.54 -28.69 4.43
N THR A 130 -31.52 -29.50 4.64
CA THR A 130 -31.49 -30.88 4.14
C THR A 130 -31.23 -31.91 5.25
N PRO A 131 -31.70 -33.15 5.08
CA PRO A 131 -31.50 -34.22 6.07
C PRO A 131 -30.02 -34.55 6.19
N LYS A 132 -29.53 -34.65 7.42
CA LYS A 132 -28.11 -34.91 7.60
C LYS A 132 -27.59 -36.22 7.05
N SER A 133 -28.45 -37.21 6.91
CA SER A 133 -28.00 -38.50 6.38
C SER A 133 -27.50 -38.35 4.94
N LEU A 134 -27.99 -37.33 4.26
CA LEU A 134 -27.61 -37.07 2.87
C LEU A 134 -26.21 -36.53 2.64
N PHE A 135 -25.42 -36.31 3.68
CA PHE A 135 -24.09 -35.77 3.46
C PHE A 135 -23.01 -36.85 3.27
N HIS A 136 -22.19 -36.67 2.25
CA HIS A 136 -21.10 -37.58 1.92
C HIS A 136 -20.33 -36.99 0.76
N HIS A 137 -20.14 -35.67 0.77
CA HIS A 137 -19.45 -35.02 -0.35
C HIS A 137 -18.13 -34.30 -0.08
N ARG A 138 -17.24 -34.35 -1.07
CA ARG A 138 -15.92 -33.74 -0.97
C ARG A 138 -15.99 -32.22 -0.99
N ASN A 139 -16.65 -31.68 -2.00
CA ASN A 139 -16.79 -30.24 -2.17
C ASN A 139 -18.25 -29.80 -2.22
N PHE A 140 -18.45 -28.50 -2.25
CA PHE A 140 -19.79 -27.94 -2.28
C PHE A 140 -20.60 -28.21 -3.53
N THR A 141 -19.99 -28.03 -4.70
CA THR A 141 -20.71 -28.21 -5.95
C THR A 141 -21.29 -29.61 -6.07
N SER A 142 -20.53 -30.60 -5.63
CA SER A 142 -20.99 -31.99 -5.68
C SER A 142 -22.22 -32.11 -4.78
N PHE A 143 -22.10 -31.56 -3.56
CA PHE A 143 -23.14 -31.58 -2.53
C PHE A 143 -24.44 -30.92 -3.00
N TYR A 144 -24.33 -29.70 -3.49
CA TYR A 144 -25.47 -28.94 -3.96
C TYR A 144 -26.25 -29.64 -5.07
N ASN A 145 -25.56 -30.05 -6.12
CA ASN A 145 -26.21 -30.73 -7.23
C ASN A 145 -26.98 -31.96 -6.80
N GLU A 146 -26.43 -32.73 -5.87
CA GLU A 146 -27.08 -33.94 -5.40
C GLU A 146 -28.24 -33.65 -4.45
N VAL A 147 -28.01 -32.77 -3.48
CA VAL A 147 -29.03 -32.47 -2.48
C VAL A 147 -30.14 -31.48 -2.89
N SER A 148 -29.82 -30.56 -3.78
CA SER A 148 -30.82 -29.57 -4.22
C SER A 148 -31.99 -30.22 -4.95
N LYS A 149 -31.78 -31.44 -5.45
CA LYS A 149 -32.84 -32.14 -6.15
C LYS A 149 -33.89 -32.58 -5.14
N VAL A 150 -33.49 -32.66 -3.88
CA VAL A 150 -34.42 -33.07 -2.83
C VAL A 150 -35.39 -31.94 -2.53
N LYS A 151 -36.60 -32.28 -2.11
CA LYS A 151 -37.58 -31.25 -1.83
C LYS A 151 -37.50 -30.75 -0.40
N VAL A 152 -37.38 -29.44 -0.24
CA VAL A 152 -37.32 -28.82 1.06
C VAL A 152 -38.68 -28.88 1.74
N ARG A 153 -38.71 -29.28 3.01
CA ARG A 153 -39.96 -29.37 3.73
C ARG A 153 -40.56 -27.96 3.81
N GLU A 154 -41.88 -27.87 3.71
CA GLU A 154 -42.55 -26.58 3.75
C GLU A 154 -42.78 -26.10 5.19
N PRO A 155 -42.72 -24.77 5.41
CA PRO A 155 -42.93 -24.24 6.76
C PRO A 155 -44.30 -24.64 7.27
N GLU A 156 -44.43 -24.78 8.57
CA GLU A 156 -45.71 -25.11 9.16
C GLU A 156 -45.66 -24.89 10.67
N THR A 157 -46.82 -24.68 11.27
CA THR A 157 -46.88 -24.43 12.69
C THR A 157 -48.05 -25.20 13.29
N MET A 158 -47.80 -25.91 14.38
CA MET A 158 -48.86 -26.65 15.03
C MET A 158 -49.47 -25.79 16.13
N GLU A 159 -50.74 -26.04 16.42
CA GLU A 159 -51.44 -25.31 17.47
C GLU A 159 -51.28 -26.15 18.75
N GLY A 160 -51.24 -25.50 19.90
CA GLY A 160 -51.10 -26.20 21.17
C GLY A 160 -51.37 -25.28 22.34
N SER A 161 -50.79 -25.56 23.51
CA SER A 161 -51.01 -24.71 24.67
C SER A 161 -49.72 -24.40 25.41
N PHE A 162 -49.45 -23.12 25.59
CA PHE A 162 -48.25 -22.72 26.29
C PHE A 162 -48.54 -22.47 27.77
N ASP A 163 -47.80 -23.17 28.64
CA ASP A 163 -47.96 -23.00 30.08
C ASP A 163 -46.76 -22.21 30.64
N VAL A 164 -46.77 -21.95 31.94
CA VAL A 164 -45.71 -21.19 32.58
C VAL A 164 -45.31 -21.80 33.91
N THR A 165 -44.13 -21.45 34.40
CA THR A 165 -43.65 -21.93 35.68
C THR A 165 -43.40 -20.68 36.49
N ASP A 166 -44.19 -20.50 37.54
CA ASP A 166 -44.06 -19.33 38.38
C ASP A 166 -42.65 -19.12 38.94
N SER A 167 -42.00 -20.21 39.34
CA SER A 167 -40.66 -20.10 39.90
C SER A 167 -39.65 -19.37 38.98
N SER A 168 -39.53 -19.84 37.74
CA SER A 168 -38.61 -19.29 36.75
C SER A 168 -38.51 -17.77 36.69
N MET A 169 -37.35 -17.28 36.27
CA MET A 169 -37.13 -15.86 36.09
C MET A 169 -37.69 -15.52 34.73
N ASN A 170 -37.68 -14.24 34.38
CA ASN A 170 -38.17 -13.80 33.08
C ASN A 170 -37.06 -13.08 32.32
N VAL A 171 -37.28 -12.83 31.03
CA VAL A 171 -36.28 -12.18 30.20
C VAL A 171 -35.53 -11.01 30.81
N ASP A 172 -36.18 -10.31 31.75
CA ASP A 172 -35.55 -9.17 32.42
C ASP A 172 -34.12 -9.55 32.87
N PHE A 173 -34.00 -10.75 33.42
CA PHE A 173 -32.71 -11.25 33.91
C PHE A 173 -31.62 -11.21 32.85
N LEU A 174 -31.99 -11.49 31.60
CA LEU A 174 -31.03 -11.51 30.51
C LEU A 174 -30.40 -10.16 30.15
N LEU A 175 -31.04 -9.07 30.59
CA LEU A 175 -30.52 -7.73 30.29
C LEU A 175 -29.10 -7.46 30.83
N THR A 176 -28.66 -8.26 31.80
CA THR A 176 -27.32 -8.09 32.35
C THR A 176 -26.27 -8.35 31.31
N PHE A 177 -26.55 -9.32 30.44
CA PHE A 177 -25.63 -9.74 29.40
C PHE A 177 -25.63 -8.87 28.16
N LYS A 178 -26.66 -8.04 28.00
CA LYS A 178 -26.74 -7.16 26.84
C LYS A 178 -25.92 -5.93 27.21
N LYS A 179 -24.69 -5.86 26.69
CA LYS A 179 -23.78 -4.78 27.01
C LYS A 179 -23.54 -3.74 25.91
N ILE A 180 -23.54 -4.18 24.66
CA ILE A 180 -23.29 -3.27 23.56
C ILE A 180 -23.98 -3.82 22.32
N GLU A 181 -24.93 -3.05 21.78
CA GLU A 181 -25.71 -3.46 20.61
C GLU A 181 -25.14 -2.98 19.29
N SER A 182 -25.33 -3.76 18.23
CA SER A 182 -24.86 -3.35 16.91
C SER A 182 -25.78 -2.25 16.41
N PRO A 183 -25.21 -1.16 15.91
CA PRO A 183 -26.04 -0.08 15.40
C PRO A 183 -26.74 -0.52 14.13
N LEU A 184 -26.32 -1.66 13.61
CA LEU A 184 -26.85 -2.16 12.34
C LEU A 184 -27.97 -3.21 12.42
N PHE A 185 -28.21 -3.77 13.59
CA PHE A 185 -29.27 -4.78 13.75
C PHE A 185 -30.03 -4.51 15.02
N ARG A 186 -31.24 -5.04 15.09
CA ARG A 186 -32.05 -4.86 16.28
C ARG A 186 -32.52 -6.20 16.78
N GLY A 187 -32.32 -7.24 15.97
CA GLY A 187 -32.74 -8.58 16.36
C GLY A 187 -34.23 -8.80 16.23
N GLY A 188 -34.70 -10.02 16.50
CA GLY A 188 -36.12 -10.33 16.39
C GLY A 188 -36.62 -10.72 15.01
N ARG A 189 -37.68 -11.52 14.99
CA ARG A 189 -38.29 -12.02 13.76
C ARG A 189 -38.88 -10.94 12.87
N ARG A 190 -39.44 -9.91 13.47
CA ARG A 190 -40.02 -8.82 12.70
C ARG A 190 -38.98 -8.14 11.82
N GLU A 191 -37.82 -7.82 12.37
CA GLU A 191 -36.75 -7.20 11.58
C GLU A 191 -36.29 -8.19 10.54
N GLY A 192 -36.24 -9.47 10.93
CA GLY A 192 -35.80 -10.51 10.04
C GLY A 192 -36.62 -10.57 8.77
N LEU A 193 -37.93 -10.62 8.92
CA LEU A 193 -38.82 -10.69 7.77
C LEU A 193 -38.71 -9.43 6.94
N TYR A 194 -38.50 -8.31 7.61
CA TYR A 194 -38.39 -7.07 6.86
C TYR A 194 -37.18 -7.17 5.93
N LEU A 195 -36.06 -7.67 6.47
CA LEU A 195 -34.84 -7.82 5.68
C LEU A 195 -35.03 -8.83 4.56
N LEU A 196 -35.74 -9.91 4.87
CA LEU A 196 -36.01 -10.96 3.90
C LEU A 196 -36.72 -10.41 2.65
N HIS A 197 -37.48 -9.33 2.84
CA HIS A 197 -38.23 -8.74 1.74
C HIS A 197 -37.67 -7.50 1.07
N ARG A 198 -36.48 -7.07 1.46
CA ARG A 198 -35.90 -5.92 0.77
C ARG A 198 -35.55 -6.46 -0.60
N ASN A 199 -35.77 -5.67 -1.63
CA ASN A 199 -35.44 -6.11 -2.98
C ASN A 199 -34.09 -5.49 -3.34
N VAL A 200 -33.08 -6.34 -3.44
CA VAL A 200 -31.73 -5.90 -3.75
C VAL A 200 -31.23 -6.55 -5.02
N ASP A 201 -30.13 -6.02 -5.57
CA ASP A 201 -29.54 -6.59 -6.76
C ASP A 201 -28.44 -7.54 -6.26
N PHE A 202 -28.82 -8.76 -5.95
CA PHE A 202 -27.91 -9.77 -5.43
C PHE A 202 -26.71 -9.99 -6.34
N ARG A 203 -26.88 -9.61 -7.60
CA ARG A 203 -25.84 -9.70 -8.61
C ARG A 203 -24.62 -8.88 -8.19
N ARG A 204 -24.87 -7.70 -7.64
CA ARG A 204 -23.77 -6.85 -7.22
C ARG A 204 -23.52 -6.94 -5.72
N ARG A 205 -23.74 -8.13 -5.16
CA ARG A 205 -23.57 -8.34 -3.74
C ARG A 205 -22.13 -8.19 -3.26
N ASP A 206 -21.18 -8.09 -4.20
CA ASP A 206 -19.77 -7.98 -3.83
C ASP A 206 -19.35 -6.56 -3.48
N TYR A 207 -20.07 -5.58 -4.00
CA TYR A 207 -19.74 -4.20 -3.75
C TYR A 207 -20.27 -3.75 -2.40
N PRO A 208 -19.35 -3.55 -1.43
CA PRO A 208 -19.69 -3.12 -0.07
C PRO A 208 -20.39 -1.79 -0.02
N ALA A 209 -19.96 -0.85 -0.84
CA ALA A 209 -20.56 0.48 -0.85
C ALA A 209 -22.05 0.40 -1.19
N GLU A 210 -22.40 -0.47 -2.13
CA GLU A 210 -23.80 -0.65 -2.49
C GLU A 210 -24.48 -1.41 -1.34
N ASN A 211 -25.79 -1.61 -1.43
CA ASN A 211 -26.44 -2.30 -0.34
C ASN A 211 -27.11 -3.55 -0.85
N ASN A 212 -26.34 -4.42 -1.48
CA ASN A 212 -26.93 -5.61 -2.07
C ASN A 212 -26.84 -6.93 -1.32
N ASN A 213 -26.69 -6.87 -0.01
CA ASN A 213 -26.66 -8.07 0.80
C ASN A 213 -27.90 -8.03 1.68
N TYR A 214 -28.52 -9.19 1.92
CA TYR A 214 -29.73 -9.23 2.73
C TYR A 214 -29.49 -9.04 4.20
N ARG A 215 -28.24 -9.21 4.65
CA ARG A 215 -27.92 -9.07 6.05
C ARG A 215 -28.82 -9.99 6.89
N LEU A 216 -29.02 -11.21 6.40
CA LEU A 216 -29.87 -12.17 7.09
C LEU A 216 -29.16 -13.17 8.00
N SER A 217 -27.85 -13.31 7.85
CA SER A 217 -27.08 -14.28 8.64
C SER A 217 -27.41 -14.33 10.14
N PRO A 218 -27.42 -13.17 10.81
CA PRO A 218 -27.74 -13.26 12.24
C PRO A 218 -29.15 -13.81 12.51
N HIS A 219 -30.09 -13.50 11.64
CA HIS A 219 -31.45 -13.98 11.82
C HIS A 219 -31.55 -15.50 11.56
N LEU A 220 -30.77 -15.98 10.60
CA LEU A 220 -30.75 -17.41 10.28
C LEU A 220 -30.02 -18.16 11.40
N LYS A 221 -28.85 -17.66 11.78
CA LYS A 221 -28.05 -18.27 12.83
C LYS A 221 -28.83 -18.36 14.14
N PHE A 222 -29.57 -17.32 14.50
CA PHE A 222 -30.34 -17.36 15.75
C PHE A 222 -31.77 -17.83 15.58
N GLY A 223 -32.13 -18.15 14.34
CA GLY A 223 -33.46 -18.66 14.04
C GLY A 223 -34.70 -17.81 14.23
N THR A 224 -34.62 -16.50 13.97
CA THR A 224 -35.80 -15.68 14.11
C THR A 224 -36.73 -16.04 12.95
N ILE A 225 -36.16 -16.63 11.90
CA ILE A 225 -36.91 -17.12 10.74
C ILE A 225 -36.27 -18.47 10.39
N SER A 226 -37.05 -19.43 9.90
CA SER A 226 -36.46 -20.72 9.58
C SER A 226 -35.79 -20.78 8.21
N MET A 227 -34.84 -21.70 8.11
CA MET A 227 -34.07 -21.94 6.90
C MET A 227 -35.04 -22.24 5.76
N ARG A 228 -36.10 -22.95 6.11
CA ARG A 228 -37.15 -23.34 5.18
C ARG A 228 -37.96 -22.12 4.73
N GLU A 229 -38.18 -21.17 5.64
CA GLU A 229 -38.93 -19.98 5.28
C GLU A 229 -38.12 -19.11 4.33
N ALA A 230 -36.84 -18.91 4.64
CA ALA A 230 -35.97 -18.10 3.79
C ALA A 230 -35.97 -18.71 2.42
N TYR A 231 -35.91 -20.05 2.39
CA TYR A 231 -35.88 -20.78 1.15
C TYR A 231 -37.10 -20.58 0.28
N TYR A 232 -38.29 -20.81 0.83
CA TYR A 232 -39.47 -20.67 0.02
C TYR A 232 -39.79 -19.24 -0.40
N THR A 233 -39.40 -18.28 0.42
CA THR A 233 -39.68 -16.90 0.10
C THR A 233 -38.83 -16.45 -1.08
N GLN A 234 -37.65 -17.02 -1.20
CA GLN A 234 -36.71 -16.66 -2.25
C GLN A 234 -36.49 -17.78 -3.25
N LYS A 235 -37.34 -18.79 -3.20
CA LYS A 235 -37.21 -19.96 -4.08
C LYS A 235 -36.81 -19.64 -5.51
N GLY A 236 -37.31 -18.54 -6.04
CA GLY A 236 -36.98 -18.19 -7.41
C GLY A 236 -35.59 -17.61 -7.67
N LYS A 237 -34.88 -17.23 -6.62
CA LYS A 237 -33.55 -16.64 -6.81
C LYS A 237 -32.42 -17.65 -6.62
N GLU A 238 -32.07 -18.32 -7.71
CA GLU A 238 -31.02 -19.34 -7.73
C GLU A 238 -29.75 -18.97 -6.97
N GLU A 239 -29.23 -17.76 -7.19
CA GLU A 239 -28.01 -17.31 -6.52
C GLU A 239 -28.13 -17.33 -5.00
N PHE A 240 -29.23 -16.79 -4.50
CA PHE A 240 -29.47 -16.71 -3.08
C PHE A 240 -29.70 -18.10 -2.48
N VAL A 241 -30.47 -18.92 -3.18
CA VAL A 241 -30.75 -20.27 -2.69
C VAL A 241 -29.47 -21.14 -2.65
N ARG A 242 -28.58 -20.97 -3.64
CA ARG A 242 -27.37 -21.77 -3.63
C ARG A 242 -26.51 -21.34 -2.45
N GLU A 243 -26.47 -20.05 -2.17
CA GLU A 243 -25.68 -19.59 -1.06
C GLU A 243 -26.27 -20.01 0.28
N LEU A 244 -27.58 -20.18 0.30
CA LEU A 244 -28.24 -20.61 1.53
C LEU A 244 -27.75 -22.01 1.85
N TYR A 245 -27.50 -22.79 0.80
CA TYR A 245 -27.03 -24.16 0.95
C TYR A 245 -25.61 -24.23 1.49
N TRP A 246 -24.89 -23.12 1.45
CA TRP A 246 -23.53 -23.12 1.98
C TRP A 246 -23.52 -23.25 3.49
N ARG A 247 -24.64 -22.89 4.11
CA ARG A 247 -24.78 -23.01 5.54
C ARG A 247 -24.85 -24.47 5.93
N ASP A 248 -25.68 -25.22 5.20
CA ASP A 248 -25.83 -26.64 5.46
C ASP A 248 -24.51 -27.35 5.23
N PHE A 249 -23.84 -27.00 4.12
CA PHE A 249 -22.59 -27.63 3.79
C PHE A 249 -21.54 -27.53 4.89
N PHE A 250 -21.26 -26.32 5.33
CA PHE A 250 -20.26 -26.16 6.38
C PHE A 250 -20.67 -26.76 7.71
N THR A 251 -21.95 -26.68 8.04
CA THR A 251 -22.45 -27.26 9.29
C THR A 251 -22.23 -28.77 9.29
N LEU A 252 -22.68 -29.42 8.22
CA LEU A 252 -22.54 -30.87 8.06
C LEU A 252 -21.07 -31.28 7.95
N LEU A 253 -20.28 -30.46 7.25
CA LEU A 253 -18.87 -30.74 7.13
C LEU A 253 -18.31 -30.88 8.55
N ALA A 254 -18.61 -29.91 9.40
CA ALA A 254 -18.12 -29.91 10.76
C ALA A 254 -18.74 -31.03 11.57
N TYR A 255 -20.01 -31.31 11.32
CA TYR A 255 -20.68 -32.36 12.06
C TYR A 255 -20.00 -33.72 11.87
N TYR A 256 -19.56 -34.00 10.65
CA TYR A 256 -18.92 -35.26 10.32
C TYR A 256 -17.39 -35.25 10.46
N ASN A 257 -16.83 -34.09 10.77
CA ASN A 257 -15.39 -33.93 10.92
C ASN A 257 -15.12 -32.99 12.09
N PRO A 258 -15.51 -33.40 13.30
CA PRO A 258 -15.33 -32.59 14.51
C PRO A 258 -13.92 -32.03 14.69
N HIS A 259 -12.92 -32.69 14.11
CA HIS A 259 -11.56 -32.21 14.28
C HIS A 259 -11.32 -30.83 13.69
N VAL A 260 -12.22 -30.34 12.84
CA VAL A 260 -11.98 -29.02 12.26
C VAL A 260 -11.88 -27.98 13.37
N PHE A 261 -12.55 -28.23 14.49
CA PHE A 261 -12.49 -27.28 15.59
C PHE A 261 -11.20 -27.47 16.36
N GLY A 262 -10.12 -26.87 15.87
CA GLY A 262 -8.84 -27.02 16.54
C GLY A 262 -7.73 -27.47 15.62
N HIS A 263 -8.09 -28.21 14.57
CA HIS A 263 -7.10 -28.71 13.60
C HIS A 263 -7.54 -28.35 12.19
N CYS A 264 -6.66 -28.57 11.23
CA CYS A 264 -6.97 -28.29 9.84
C CYS A 264 -7.83 -29.41 9.24
N TYR A 265 -8.77 -29.05 8.38
CA TYR A 265 -9.62 -30.04 7.75
C TYR A 265 -8.67 -31.06 7.13
N ARG A 266 -7.73 -30.57 6.32
CA ARG A 266 -6.73 -31.40 5.70
C ARG A 266 -5.56 -31.39 6.67
N ARG A 267 -5.59 -32.34 7.61
CA ARG A 267 -4.61 -32.47 8.68
C ARG A 267 -3.12 -32.20 8.39
N GLU A 268 -2.62 -32.59 7.22
CA GLU A 268 -1.21 -32.36 6.91
C GLU A 268 -0.73 -30.94 7.23
N TYR A 269 -1.57 -29.95 6.96
CA TYR A 269 -1.21 -28.56 7.22
C TYR A 269 -1.14 -28.15 8.68
N ASP A 270 -1.32 -29.10 9.58
CA ASP A 270 -1.24 -28.81 11.01
C ASP A 270 0.25 -28.61 11.34
N ASN A 271 1.08 -28.72 10.31
CA ASN A 271 2.52 -28.57 10.45
C ASN A 271 3.06 -27.26 9.94
N ILE A 272 2.18 -26.42 9.40
CA ILE A 272 2.60 -25.12 8.89
C ILE A 272 3.23 -24.31 10.02
N SER A 273 4.34 -23.65 9.72
CA SER A 273 5.01 -22.84 10.73
C SER A 273 4.57 -21.41 10.59
N TRP A 274 3.40 -21.10 11.15
CA TRP A 274 2.86 -19.77 11.09
C TRP A 274 3.83 -18.79 11.74
N GLU A 275 4.16 -17.72 11.02
CA GLU A 275 5.07 -16.72 11.54
C GLU A 275 4.47 -16.06 12.79
N ASN A 276 3.14 -16.04 12.85
CA ASN A 276 2.38 -15.43 13.96
C ASN A 276 2.98 -14.21 14.62
N ASN A 277 3.39 -13.23 13.82
CA ASN A 277 3.96 -12.01 14.38
C ASN A 277 2.88 -11.19 15.09
N GLU A 278 2.80 -11.34 16.42
CA GLU A 278 1.82 -10.63 17.23
C GLU A 278 1.64 -9.15 16.90
N SER A 279 2.65 -8.58 16.27
CA SER A 279 2.60 -7.18 15.88
C SER A 279 1.69 -6.97 14.67
N TYR A 280 1.86 -7.78 13.63
CA TYR A 280 1.02 -7.67 12.45
C TYR A 280 -0.44 -7.94 12.82
N PHE A 281 -0.64 -9.01 13.59
CA PHE A 281 -1.97 -9.41 14.03
C PHE A 281 -2.71 -8.27 14.73
N GLU A 282 -1.99 -7.51 15.54
CA GLU A 282 -2.58 -6.40 16.26
C GLU A 282 -2.99 -5.31 15.29
N ALA A 283 -2.18 -5.13 14.25
CA ALA A 283 -2.44 -4.13 13.22
C ALA A 283 -3.68 -4.52 12.42
N TRP A 284 -3.82 -5.82 12.17
CA TRP A 284 -4.96 -6.37 11.42
C TRP A 284 -6.27 -6.15 12.18
N LYS A 285 -6.27 -6.41 13.48
CA LYS A 285 -7.49 -6.25 14.26
C LYS A 285 -7.91 -4.79 14.35
N GLU A 286 -6.94 -3.87 14.30
CA GLU A 286 -7.26 -2.46 14.42
C GLU A 286 -7.53 -1.79 13.09
N GLY A 287 -7.26 -2.48 12.00
CA GLY A 287 -7.47 -1.88 10.70
C GLY A 287 -6.42 -0.81 10.46
N ARG A 288 -5.21 -1.06 10.94
CA ARG A 288 -4.07 -0.15 10.78
C ARG A 288 -3.05 -0.84 9.90
N THR A 289 -3.55 -1.65 8.97
CA THR A 289 -2.69 -2.32 8.02
C THR A 289 -2.52 -1.23 6.98
N GLY A 290 -1.62 -1.38 6.02
CA GLY A 290 -1.49 -0.29 5.05
C GLY A 290 -2.45 -0.29 3.87
N TYR A 291 -3.34 -1.28 3.82
CA TYR A 291 -4.28 -1.44 2.73
C TYR A 291 -5.69 -0.95 3.04
N PRO A 292 -6.14 0.13 2.36
CA PRO A 292 -7.46 0.74 2.54
C PRO A 292 -8.67 -0.20 2.64
N ILE A 293 -8.82 -1.11 1.68
CA ILE A 293 -9.96 -2.03 1.70
C ILE A 293 -9.95 -2.96 2.92
N ILE A 294 -8.76 -3.39 3.32
CA ILE A 294 -8.62 -4.28 4.48
C ILE A 294 -8.94 -3.49 5.75
N ASP A 295 -8.39 -2.28 5.85
CA ASP A 295 -8.63 -1.42 7.00
C ASP A 295 -10.10 -1.07 7.14
N ALA A 296 -10.74 -0.77 6.03
CA ALA A 296 -12.15 -0.41 6.06
C ALA A 296 -12.93 -1.61 6.59
N GLY A 297 -12.64 -2.80 6.05
CA GLY A 297 -13.32 -3.99 6.50
C GLY A 297 -13.24 -4.21 8.01
N MET A 298 -12.03 -4.32 8.54
CA MET A 298 -11.85 -4.55 9.96
C MET A 298 -12.52 -3.48 10.80
N ARG A 299 -12.35 -2.22 10.41
CA ARG A 299 -12.95 -1.14 11.19
C ARG A 299 -14.46 -1.26 11.21
N MET A 300 -15.07 -1.55 10.07
CA MET A 300 -16.51 -1.69 10.03
C MET A 300 -16.90 -2.84 10.97
N LEU A 301 -16.31 -4.01 10.74
CA LEU A 301 -16.59 -5.19 11.56
C LEU A 301 -16.50 -4.84 13.04
N ASN A 302 -15.47 -4.12 13.44
CA ASN A 302 -15.30 -3.79 14.86
C ASN A 302 -16.41 -2.95 15.46
N SER A 303 -16.90 -1.98 14.72
CA SER A 303 -17.93 -1.12 15.26
C SER A 303 -19.32 -1.60 14.91
N THR A 304 -19.43 -2.48 13.93
CA THR A 304 -20.74 -2.94 13.53
C THR A 304 -21.01 -4.43 13.80
N GLY A 305 -19.94 -5.24 13.81
CA GLY A 305 -20.10 -6.67 14.02
C GLY A 305 -20.56 -7.39 12.76
N TYR A 306 -20.42 -6.70 11.62
CA TYR A 306 -20.83 -7.25 10.33
C TYR A 306 -19.99 -6.70 9.17
N ILE A 307 -19.85 -7.50 8.13
CA ILE A 307 -19.15 -7.15 6.88
C ILE A 307 -19.61 -8.17 5.87
N ASN A 308 -19.81 -7.76 4.62
CA ASN A 308 -20.28 -8.70 3.61
C ASN A 308 -19.24 -9.77 3.27
N GLY A 309 -19.69 -10.84 2.62
CA GLY A 309 -18.82 -11.94 2.29
C GLY A 309 -17.57 -11.60 1.51
N ARG A 310 -17.65 -10.57 0.69
CA ARG A 310 -16.50 -10.19 -0.10
C ARG A 310 -15.40 -9.66 0.77
N VAL A 311 -15.72 -8.68 1.61
CA VAL A 311 -14.74 -8.08 2.50
C VAL A 311 -14.28 -9.12 3.50
N ARG A 312 -15.21 -9.94 3.96
CA ARG A 312 -14.93 -10.99 4.92
C ARG A 312 -13.75 -11.86 4.46
N MET A 313 -13.79 -12.35 3.23
CA MET A 313 -12.69 -13.19 2.77
C MET A 313 -11.43 -12.45 2.38
N LEU A 314 -11.56 -11.18 1.99
CA LEU A 314 -10.37 -10.40 1.64
C LEU A 314 -9.57 -10.22 2.90
N VAL A 315 -10.29 -9.94 3.97
CA VAL A 315 -9.71 -9.70 5.28
C VAL A 315 -9.08 -11.00 5.81
N ALA A 316 -9.79 -12.10 5.65
CA ALA A 316 -9.31 -13.38 6.12
C ALA A 316 -8.08 -13.80 5.31
N PHE A 317 -8.12 -13.54 4.00
CA PHE A 317 -7.02 -13.88 3.12
C PHE A 317 -5.76 -13.16 3.59
N PHE A 318 -5.87 -11.84 3.74
CA PHE A 318 -4.77 -10.99 4.17
C PHE A 318 -4.10 -11.45 5.46
N LEU A 319 -4.88 -11.88 6.44
CA LEU A 319 -4.30 -12.30 7.70
C LEU A 319 -3.53 -13.61 7.56
N VAL A 320 -4.07 -14.54 6.79
CA VAL A 320 -3.43 -15.83 6.67
C VAL A 320 -2.33 -15.92 5.63
N LYS A 321 -2.64 -15.55 4.39
CA LYS A 321 -1.68 -15.65 3.30
C LYS A 321 -0.79 -14.45 3.04
N VAL A 322 -0.90 -13.40 3.86
CA VAL A 322 -0.05 -12.24 3.67
C VAL A 322 0.69 -11.90 4.94
N LEU A 323 -0.01 -11.87 6.07
CA LEU A 323 0.65 -11.55 7.34
C LEU A 323 1.13 -12.85 7.96
N PHE A 324 0.81 -13.94 7.29
CA PHE A 324 1.19 -15.29 7.71
C PHE A 324 0.87 -15.58 9.19
N VAL A 325 -0.39 -15.36 9.57
CA VAL A 325 -0.86 -15.61 10.92
C VAL A 325 -1.85 -16.81 10.89
N ASP A 326 -1.71 -17.71 11.86
CA ASP A 326 -2.54 -18.90 11.93
C ASP A 326 -4.03 -18.54 11.77
N TRP A 327 -4.72 -19.25 10.89
CA TRP A 327 -6.14 -18.98 10.67
C TRP A 327 -6.99 -19.13 11.93
N ARG A 328 -6.53 -19.94 12.88
CA ARG A 328 -7.27 -20.15 14.13
C ARG A 328 -7.34 -18.84 14.91
N TRP A 329 -6.31 -18.01 14.80
CA TRP A 329 -6.28 -16.72 15.48
C TRP A 329 -7.41 -15.84 14.91
N GLY A 330 -7.47 -15.80 13.58
CA GLY A 330 -8.48 -15.00 12.92
C GLY A 330 -9.86 -15.55 13.21
N GLU A 331 -9.99 -16.88 13.20
CA GLU A 331 -11.26 -17.53 13.48
C GLU A 331 -11.80 -17.05 14.81
N ARG A 332 -10.95 -17.09 15.84
CA ARG A 332 -11.34 -16.66 17.17
C ARG A 332 -11.65 -15.17 17.23
N TYR A 333 -10.84 -14.36 16.58
CA TYR A 333 -11.12 -12.93 16.59
C TYR A 333 -12.50 -12.64 16.02
N PHE A 334 -12.81 -13.24 14.87
CA PHE A 334 -14.11 -13.07 14.22
C PHE A 334 -15.23 -13.51 15.15
N ALA A 335 -15.02 -14.63 15.83
CA ALA A 335 -16.03 -15.17 16.75
C ALA A 335 -16.33 -14.13 17.82
N THR A 336 -15.36 -13.25 17.99
CA THR A 336 -15.45 -12.21 18.98
C THR A 336 -16.19 -10.98 18.52
N LYS A 337 -16.34 -10.83 17.21
CA LYS A 337 -17.00 -9.63 16.70
C LYS A 337 -18.26 -9.82 15.91
N LEU A 338 -18.33 -10.92 15.15
CA LEU A 338 -19.49 -11.22 14.32
C LEU A 338 -20.83 -11.27 15.06
N VAL A 339 -21.79 -10.51 14.56
CA VAL A 339 -23.12 -10.51 15.15
C VAL A 339 -23.77 -11.83 14.77
N ASP A 340 -23.27 -12.45 13.69
CA ASP A 340 -23.81 -13.72 13.19
C ASP A 340 -22.92 -14.93 13.43
N TYR A 341 -22.00 -14.83 14.38
CA TYR A 341 -21.09 -15.95 14.63
C TYR A 341 -21.69 -17.35 14.66
N ASP A 342 -21.19 -18.19 13.77
CA ASP A 342 -21.61 -19.59 13.71
C ASP A 342 -20.33 -20.43 13.71
N PRO A 343 -20.08 -21.16 14.81
CA PRO A 343 -18.87 -22.00 14.90
C PRO A 343 -18.47 -22.73 13.63
N ALA A 344 -19.38 -23.54 13.10
CA ALA A 344 -19.09 -24.33 11.89
C ALA A 344 -18.94 -23.51 10.63
N ILE A 345 -19.84 -22.56 10.44
CA ILE A 345 -19.78 -21.72 9.25
C ILE A 345 -18.54 -20.83 9.30
N ASN A 346 -18.21 -20.27 10.46
CA ASN A 346 -17.03 -19.44 10.58
C ASN A 346 -15.78 -20.29 10.34
N ASN A 347 -15.72 -21.45 10.99
CA ASN A 347 -14.58 -22.34 10.83
C ASN A 347 -14.39 -22.77 9.37
N GLY A 348 -15.48 -23.24 8.77
CA GLY A 348 -15.45 -23.69 7.39
C GLY A 348 -14.88 -22.67 6.45
N ASN A 349 -15.36 -21.43 6.60
CA ASN A 349 -14.89 -20.35 5.76
C ASN A 349 -13.43 -20.00 5.96
N TRP A 350 -12.97 -19.97 7.21
CA TRP A 350 -11.57 -19.65 7.45
C TRP A 350 -10.65 -20.68 6.80
N GLN A 351 -10.94 -21.95 7.03
CA GLN A 351 -10.12 -23.00 6.46
C GLN A 351 -10.16 -22.93 4.94
N TRP A 352 -11.33 -22.61 4.40
CA TRP A 352 -11.48 -22.51 2.96
C TRP A 352 -10.49 -21.48 2.45
N ILE A 353 -10.50 -20.31 3.04
CA ILE A 353 -9.62 -19.23 2.65
C ILE A 353 -8.14 -19.56 2.84
N ALA A 354 -7.81 -20.21 3.94
CA ALA A 354 -6.43 -20.57 4.24
C ALA A 354 -6.01 -21.75 3.42
N SER A 355 -6.94 -22.22 2.59
CA SER A 355 -6.75 -23.38 1.75
C SER A 355 -6.17 -24.56 2.53
N THR A 356 -6.82 -24.85 3.65
CA THR A 356 -6.48 -25.98 4.50
C THR A 356 -7.80 -26.70 4.66
N GLY A 357 -8.78 -26.25 3.87
CA GLY A 357 -10.11 -26.84 3.92
C GLY A 357 -10.65 -27.44 2.63
N VAL A 358 -11.94 -27.20 2.40
CA VAL A 358 -12.64 -27.73 1.24
C VAL A 358 -12.13 -27.25 -0.11
N ASP A 359 -11.59 -26.04 -0.18
CA ASP A 359 -11.05 -25.59 -1.44
C ASP A 359 -9.63 -26.10 -1.44
N TYR A 360 -9.31 -26.98 -2.39
CA TYR A 360 -7.99 -27.59 -2.46
C TYR A 360 -6.89 -26.76 -3.18
N MET A 361 -7.29 -25.79 -3.98
CA MET A 361 -6.32 -24.95 -4.69
C MET A 361 -5.79 -23.84 -3.75
N PHE A 362 -4.60 -23.33 -4.04
CA PHE A 362 -4.02 -22.25 -3.25
C PHE A 362 -4.46 -20.93 -3.87
N ARG A 363 -5.62 -20.45 -3.44
CA ARG A 363 -6.19 -19.21 -3.95
C ARG A 363 -5.52 -17.96 -3.39
N VAL A 364 -5.32 -16.97 -4.26
CA VAL A 364 -4.70 -15.71 -3.87
C VAL A 364 -5.42 -14.52 -4.51
N PHE A 365 -5.50 -13.41 -3.77
CA PHE A 365 -6.15 -12.20 -4.24
C PHE A 365 -5.18 -11.04 -4.23
N ASN A 366 -5.36 -10.11 -5.16
CA ASN A 366 -4.51 -8.92 -5.20
C ASN A 366 -5.25 -7.83 -4.44
N PRO A 367 -4.76 -7.48 -3.25
CA PRO A 367 -5.40 -6.44 -2.45
C PRO A 367 -5.78 -5.20 -3.23
N TRP A 368 -4.82 -4.63 -3.95
CA TRP A 368 -5.07 -3.42 -4.70
C TRP A 368 -6.03 -3.60 -5.87
N LYS A 369 -5.89 -4.71 -6.58
CA LYS A 369 -6.78 -4.97 -7.71
C LYS A 369 -8.19 -5.15 -7.18
N GLN A 370 -8.30 -5.96 -6.14
CA GLN A 370 -9.57 -6.26 -5.51
C GLN A 370 -10.22 -4.96 -5.00
N GLN A 371 -9.45 -4.19 -4.25
CA GLN A 371 -9.90 -2.92 -3.70
C GLN A 371 -10.47 -2.02 -4.76
N GLU A 372 -9.78 -1.93 -5.89
CA GLU A 372 -10.18 -1.06 -6.99
C GLU A 372 -11.39 -1.55 -7.78
N LYS A 373 -11.62 -2.85 -7.79
CA LYS A 373 -12.75 -3.39 -8.51
C LYS A 373 -14.07 -3.29 -7.76
N PHE A 374 -14.03 -3.62 -6.47
CA PHE A 374 -15.25 -3.61 -5.65
C PHE A 374 -15.56 -2.35 -4.89
N ASP A 375 -14.71 -1.34 -5.01
CA ASP A 375 -14.94 -0.06 -4.36
C ASP A 375 -14.25 1.00 -5.22
N PRO A 376 -14.65 1.08 -6.50
CA PRO A 376 -14.09 2.02 -7.48
C PRO A 376 -14.09 3.49 -7.05
N GLU A 377 -15.11 3.90 -6.31
CA GLU A 377 -15.21 5.28 -5.85
C GLU A 377 -14.64 5.42 -4.45
N ALA A 378 -14.18 4.30 -3.89
CA ALA A 378 -13.63 4.30 -2.55
C ALA A 378 -14.67 4.78 -1.54
N LYS A 379 -15.95 4.66 -1.90
CA LYS A 379 -17.02 5.08 -1.00
C LYS A 379 -17.02 4.29 0.30
N PHE A 380 -16.83 2.97 0.20
CA PHE A 380 -16.80 2.10 1.37
C PHE A 380 -15.60 2.46 2.24
N ILE A 381 -14.46 2.60 1.60
CA ILE A 381 -13.22 2.95 2.29
C ILE A 381 -13.37 4.28 3.01
N LYS A 382 -13.91 5.28 2.31
CA LYS A 382 -14.08 6.62 2.90
C LYS A 382 -15.08 6.60 4.06
N GLU A 383 -16.02 5.67 4.01
CA GLU A 383 -17.04 5.56 5.04
C GLU A 383 -16.49 4.99 6.34
N TRP A 384 -15.41 4.23 6.26
CA TRP A 384 -14.87 3.62 7.47
C TRP A 384 -13.45 3.99 7.85
N VAL A 385 -12.66 4.49 6.92
CA VAL A 385 -11.29 4.87 7.26
C VAL A 385 -11.24 6.39 7.37
N GLU A 386 -11.35 6.87 8.61
CA GLU A 386 -11.34 8.29 8.92
C GLU A 386 -10.35 9.15 8.14
N GLU A 387 -9.06 8.82 8.25
CA GLU A 387 -8.00 9.55 7.58
C GLU A 387 -8.12 9.70 6.05
N LEU A 388 -8.61 8.68 5.35
CA LEU A 388 -8.73 8.78 3.90
C LEU A 388 -10.03 9.43 3.49
N LYS A 389 -10.76 9.95 4.47
CA LYS A 389 -12.05 10.57 4.22
C LYS A 389 -12.09 11.60 3.09
N ASP A 390 -10.98 12.31 2.88
CA ASP A 390 -10.96 13.34 1.84
C ASP A 390 -9.98 13.11 0.71
N VAL A 391 -9.20 12.03 0.81
CA VAL A 391 -8.25 11.70 -0.24
C VAL A 391 -9.06 11.23 -1.45
N PRO A 392 -8.77 11.76 -2.64
CA PRO A 392 -9.53 11.31 -3.82
C PRO A 392 -9.25 9.84 -4.11
N PRO A 393 -10.29 9.10 -4.54
CA PRO A 393 -10.20 7.67 -4.86
C PRO A 393 -8.96 7.28 -5.63
N SER A 394 -8.70 7.98 -6.72
CA SER A 394 -7.52 7.70 -7.55
C SER A 394 -6.27 7.44 -6.70
N ILE A 395 -6.02 8.32 -5.75
CA ILE A 395 -4.87 8.20 -4.87
C ILE A 395 -5.02 7.02 -3.92
N ILE A 396 -6.17 6.91 -3.27
CA ILE A 396 -6.42 5.82 -2.33
C ILE A 396 -6.09 4.46 -2.95
N HIS A 397 -6.44 4.28 -4.23
CA HIS A 397 -6.18 3.02 -4.92
C HIS A 397 -4.69 2.84 -5.24
N SER A 398 -3.87 3.81 -4.88
CA SER A 398 -2.44 3.74 -5.15
C SER A 398 -1.70 4.31 -3.95
N ILE A 399 -2.43 4.46 -2.86
CA ILE A 399 -1.88 5.03 -1.63
C ILE A 399 -0.56 4.40 -1.18
N TYR A 400 -0.13 3.35 -1.86
CA TYR A 400 1.13 2.69 -1.52
C TYR A 400 2.28 3.48 -2.14
N LYS A 401 1.96 4.35 -3.10
CA LYS A 401 2.94 5.18 -3.77
C LYS A 401 3.16 6.47 -2.99
N THR A 402 2.08 6.98 -2.39
CA THR A 402 2.14 8.19 -1.60
C THR A 402 2.28 7.85 -0.11
N LYS A 403 1.71 8.70 0.74
CA LYS A 403 1.75 8.51 2.17
C LYS A 403 0.97 9.64 2.83
N VAL A 404 -0.35 9.50 2.86
CA VAL A 404 -1.20 10.53 3.45
C VAL A 404 -1.01 10.57 4.96
N PRO A 405 -1.24 11.74 5.57
CA PRO A 405 -1.08 11.91 7.02
C PRO A 405 -2.04 11.08 7.85
N GLY A 406 -1.51 10.50 8.93
CA GLY A 406 -2.34 9.71 9.81
C GLY A 406 -2.68 8.31 9.35
N TYR A 407 -2.34 7.97 8.11
CA TYR A 407 -2.63 6.65 7.60
C TYR A 407 -1.33 5.89 7.36
N PRO A 408 -1.10 4.83 8.13
CA PRO A 408 0.11 4.04 7.99
C PRO A 408 0.25 3.52 6.58
N SER A 409 1.49 3.45 6.09
CA SER A 409 1.73 2.94 4.76
C SER A 409 1.75 1.42 4.89
N PRO A 410 1.55 0.70 3.77
CA PRO A 410 1.55 -0.76 3.81
C PRO A 410 2.57 -1.35 4.80
N ILE A 411 2.10 -2.19 5.73
CA ILE A 411 2.98 -2.79 6.71
C ILE A 411 3.77 -3.98 6.18
N VAL A 412 3.57 -4.31 4.90
CA VAL A 412 4.27 -5.40 4.23
C VAL A 412 3.91 -5.37 2.75
N ASN A 413 4.72 -6.03 1.92
CA ASN A 413 4.43 -6.11 0.50
C ASN A 413 3.73 -7.45 0.34
N TRP A 414 2.45 -7.42 0.00
CA TRP A 414 1.68 -8.65 -0.13
C TRP A 414 2.29 -9.66 -1.12
N LEU A 415 2.75 -9.20 -2.27
CA LEU A 415 3.29 -10.11 -3.27
C LEU A 415 4.43 -10.99 -2.76
N GLU A 416 5.44 -10.39 -2.14
CA GLU A 416 6.57 -11.17 -1.62
C GLU A 416 6.08 -12.16 -0.57
N ARG A 417 5.26 -11.66 0.34
CA ARG A 417 4.71 -12.48 1.42
C ARG A 417 3.93 -13.69 0.88
N VAL A 418 2.94 -13.42 0.03
CA VAL A 418 2.12 -14.49 -0.54
C VAL A 418 2.97 -15.58 -1.17
N ASN A 419 4.07 -15.19 -1.82
CA ASN A 419 4.95 -16.16 -2.45
C ASN A 419 5.65 -17.00 -1.38
N TYR A 420 6.08 -16.34 -0.32
CA TYR A 420 6.75 -17.05 0.75
C TYR A 420 5.77 -18.00 1.45
N VAL A 421 4.59 -17.50 1.78
CA VAL A 421 3.60 -18.33 2.45
C VAL A 421 3.29 -19.56 1.62
N LYS A 422 3.16 -19.38 0.31
CA LYS A 422 2.87 -20.52 -0.55
C LYS A 422 3.99 -21.54 -0.56
N SER A 423 5.23 -21.06 -0.67
CA SER A 423 6.37 -21.96 -0.69
C SER A 423 6.33 -22.76 0.60
N GLU A 424 5.97 -22.10 1.70
CA GLU A 424 5.88 -22.77 3.00
C GLU A 424 4.83 -23.87 2.98
N TYR A 425 3.76 -23.66 2.23
CA TYR A 425 2.70 -24.65 2.11
C TYR A 425 3.19 -25.84 1.33
N LYS A 426 3.72 -25.60 0.13
CA LYS A 426 4.26 -26.65 -0.72
C LYS A 426 5.29 -27.42 0.10
N ASN A 427 6.08 -26.68 0.85
CA ASN A 427 7.11 -27.26 1.70
C ASN A 427 6.51 -28.39 2.53
N VAL A 428 5.38 -28.12 3.17
CA VAL A 428 4.70 -29.10 4.01
C VAL A 428 4.30 -30.38 3.25
N MET B 1 -34.69 15.12 -13.89
CA MET B 1 -35.76 16.13 -13.60
C MET B 1 -36.05 16.19 -12.10
N ASP B 2 -36.82 17.20 -11.72
CA ASP B 2 -37.25 17.34 -10.34
C ASP B 2 -38.73 16.95 -10.39
N CYS B 3 -39.05 15.73 -9.96
CA CYS B 3 -40.43 15.30 -10.01
C CYS B 3 -41.05 14.87 -8.67
N ILE B 4 -42.35 14.69 -8.70
CA ILE B 4 -43.12 14.29 -7.54
C ILE B 4 -43.81 12.95 -7.70
N PHE B 5 -43.84 12.19 -6.60
CA PHE B 5 -44.54 10.90 -6.59
C PHE B 5 -45.63 11.02 -5.53
N ILE B 6 -46.87 10.69 -5.91
CA ILE B 6 -47.99 10.79 -4.97
C ILE B 6 -48.50 9.45 -4.48
N PHE B 7 -48.33 9.19 -3.19
CA PHE B 7 -48.80 7.95 -2.59
C PHE B 7 -50.30 8.07 -2.43
N ARG B 8 -51.00 6.96 -2.48
CA ARG B 8 -52.44 6.99 -2.29
C ARG B 8 -52.92 5.74 -1.58
N ARG B 9 -52.63 4.61 -2.20
CA ARG B 9 -53.07 3.33 -1.68
C ARG B 9 -51.92 2.32 -1.79
N ASP B 10 -50.72 2.84 -2.07
CA ASP B 10 -49.48 2.07 -2.24
C ASP B 10 -48.47 2.51 -1.17
N LEU B 11 -48.86 2.37 0.09
CA LEU B 11 -48.03 2.81 1.21
C LEU B 11 -46.81 1.96 1.51
N ARG B 12 -45.82 2.03 0.63
CA ARG B 12 -44.58 1.28 0.78
C ARG B 12 -43.52 1.82 -0.17
N LEU B 13 -42.26 1.49 0.08
CA LEU B 13 -41.17 1.95 -0.78
C LEU B 13 -40.62 0.77 -1.59
N GLU B 14 -41.04 -0.43 -1.24
CA GLU B 14 -40.58 -1.62 -1.92
C GLU B 14 -41.60 -2.03 -3.00
N ASP B 15 -41.08 -2.48 -4.14
CA ASP B 15 -41.90 -2.92 -5.27
C ASP B 15 -43.09 -2.02 -5.56
N ASN B 16 -42.82 -0.74 -5.68
CA ASN B 16 -43.86 0.21 -6.01
C ASN B 16 -43.55 0.66 -7.45
N THR B 17 -44.34 0.14 -8.39
CA THR B 17 -44.15 0.44 -9.81
C THR B 17 -43.92 1.92 -10.12
N GLY B 18 -44.98 2.72 -10.00
CA GLY B 18 -44.85 4.14 -10.28
C GLY B 18 -43.69 4.77 -9.55
N LEU B 19 -43.48 4.40 -8.29
CA LEU B 19 -42.39 4.97 -7.52
C LEU B 19 -41.05 4.59 -8.16
N ASN B 20 -40.96 3.34 -8.62
CA ASN B 20 -39.72 2.88 -9.25
C ASN B 20 -39.40 3.70 -10.47
N TYR B 21 -40.36 3.86 -11.38
CA TYR B 21 -40.11 4.65 -12.56
C TYR B 21 -39.70 6.06 -12.15
N ALA B 22 -40.39 6.61 -11.17
CA ALA B 22 -40.08 7.96 -10.70
C ALA B 22 -38.64 8.08 -10.25
N LEU B 23 -38.20 7.11 -9.45
CA LEU B 23 -36.82 7.11 -8.95
C LEU B 23 -35.75 6.95 -10.02
N SER B 24 -36.05 6.16 -11.05
CA SER B 24 -35.07 5.96 -12.12
C SER B 24 -35.13 7.02 -13.23
N GLU B 25 -36.27 7.66 -13.42
CA GLU B 25 -36.40 8.66 -14.47
C GLU B 25 -36.08 10.10 -14.07
N CYS B 26 -36.14 10.44 -12.79
CA CYS B 26 -35.84 11.81 -12.37
C CYS B 26 -34.64 11.84 -11.44
N ASP B 27 -34.09 13.03 -11.23
CA ASP B 27 -32.94 13.18 -10.36
C ASP B 27 -33.33 13.13 -8.90
N ARG B 28 -34.35 13.91 -8.55
CA ARG B 28 -34.85 13.94 -7.18
C ARG B 28 -36.34 13.64 -7.22
N VAL B 29 -36.84 12.99 -6.18
CA VAL B 29 -38.24 12.67 -6.10
C VAL B 29 -38.77 13.08 -4.74
N ILE B 30 -39.81 13.89 -4.75
CA ILE B 30 -40.42 14.32 -3.51
C ILE B 30 -41.63 13.43 -3.24
N PRO B 31 -41.57 12.65 -2.17
CA PRO B 31 -42.67 11.75 -1.79
C PRO B 31 -43.82 12.54 -1.15
N VAL B 32 -44.98 12.49 -1.79
CA VAL B 32 -46.13 13.23 -1.33
C VAL B 32 -47.38 12.41 -0.99
N PHE B 33 -48.15 12.88 -0.02
CA PHE B 33 -49.42 12.26 0.30
C PHE B 33 -50.39 13.43 0.48
N ILE B 34 -51.55 13.33 -0.18
CA ILE B 34 -52.55 14.38 -0.10
C ILE B 34 -53.78 13.91 0.66
N ALA B 35 -54.02 14.54 1.81
CA ALA B 35 -55.18 14.26 2.65
C ALA B 35 -56.33 14.98 1.94
N ASP B 36 -57.26 14.20 1.42
CA ASP B 36 -58.38 14.76 0.67
C ASP B 36 -59.68 14.83 1.50
N PRO B 37 -60.23 16.04 1.69
CA PRO B 37 -61.46 16.25 2.45
C PRO B 37 -62.66 15.44 1.93
N ARG B 38 -62.65 15.09 0.65
CA ARG B 38 -63.74 14.33 0.08
C ARG B 38 -63.71 12.91 0.63
N GLN B 39 -62.53 12.46 1.02
CA GLN B 39 -62.38 11.13 1.58
C GLN B 39 -62.35 11.10 3.11
N LEU B 40 -61.80 12.15 3.72
CA LEU B 40 -61.67 12.18 5.17
C LEU B 40 -62.75 12.92 5.96
N ILE B 41 -63.44 13.85 5.31
CA ILE B 41 -64.47 14.66 5.97
C ILE B 41 -65.85 14.51 5.33
N ASN B 42 -66.82 14.04 6.11
CA ASN B 42 -68.18 13.85 5.63
C ASN B 42 -68.24 12.88 4.48
N ASN B 43 -67.63 11.73 4.70
CA ASN B 43 -67.61 10.68 3.71
C ASN B 43 -68.59 9.63 4.23
N PRO B 44 -69.73 9.45 3.54
CA PRO B 44 -70.70 8.46 4.03
C PRO B 44 -70.12 7.04 4.02
N TYR B 45 -69.10 6.82 3.22
CA TYR B 45 -68.50 5.50 3.11
C TYR B 45 -67.18 5.36 3.87
N LYS B 46 -66.92 6.26 4.80
CA LYS B 46 -65.67 6.22 5.55
C LYS B 46 -65.70 5.29 6.76
N SER B 47 -64.56 4.64 6.99
CA SER B 47 -64.40 3.74 8.12
C SER B 47 -63.34 4.33 9.03
N GLU B 48 -63.64 4.49 10.32
CA GLU B 48 -62.67 5.04 11.24
C GLU B 48 -61.49 4.08 11.42
N PHE B 49 -61.79 2.79 11.43
CA PHE B 49 -60.76 1.79 11.57
C PHE B 49 -59.82 1.83 10.38
N ALA B 50 -60.39 1.89 9.18
CA ALA B 50 -59.60 1.93 7.96
C ALA B 50 -58.68 3.13 7.95
N VAL B 51 -59.22 4.26 8.39
CA VAL B 51 -58.45 5.49 8.39
C VAL B 51 -57.27 5.41 9.34
N SER B 52 -57.50 4.87 10.54
CA SER B 52 -56.42 4.73 11.51
C SER B 52 -55.30 3.87 10.93
N PHE B 53 -55.69 2.77 10.29
CA PHE B 53 -54.73 1.84 9.70
C PHE B 53 -53.90 2.54 8.64
N MET B 54 -54.56 3.39 7.86
CA MET B 54 -53.89 4.11 6.79
C MET B 54 -52.92 5.10 7.42
N ILE B 55 -53.39 5.85 8.42
CA ILE B 55 -52.56 6.84 9.11
C ILE B 55 -51.34 6.13 9.73
N ASN B 56 -51.59 5.03 10.44
CA ASN B 56 -50.50 4.30 11.04
C ASN B 56 -49.52 3.86 9.95
N SER B 57 -50.06 3.35 8.85
CA SER B 57 -49.21 2.92 7.73
C SER B 57 -48.45 4.10 7.17
N LEU B 58 -49.08 5.28 7.13
CA LEU B 58 -48.43 6.48 6.64
C LEU B 58 -47.31 6.92 7.60
N LEU B 59 -47.52 6.70 8.91
CA LEU B 59 -46.51 7.05 9.89
C LEU B 59 -45.30 6.14 9.69
N GLU B 60 -45.53 4.85 9.48
CA GLU B 60 -44.42 3.91 9.27
C GLU B 60 -43.65 4.26 8.00
N LEU B 61 -44.37 4.59 6.93
CA LEU B 61 -43.77 4.96 5.66
C LEU B 61 -42.88 6.20 5.85
N ASP B 62 -43.33 7.14 6.69
CA ASP B 62 -42.57 8.33 6.96
C ASP B 62 -41.24 8.01 7.64
N ASP B 63 -41.18 6.93 8.41
CA ASP B 63 -39.93 6.55 9.05
C ASP B 63 -38.97 6.01 8.01
N GLU B 64 -39.48 5.20 7.09
CA GLU B 64 -38.66 4.63 6.05
C GLU B 64 -38.05 5.75 5.22
N LEU B 65 -38.81 6.82 5.03
CA LEU B 65 -38.33 7.96 4.26
C LEU B 65 -37.27 8.76 5.03
N ARG B 66 -37.42 8.83 6.35
CA ARG B 66 -36.45 9.56 7.17
C ARG B 66 -35.11 8.84 7.20
N LYS B 67 -35.15 7.52 7.02
CA LYS B 67 -33.93 6.73 7.00
C LYS B 67 -33.24 6.92 5.65
N LYS B 68 -33.80 7.79 4.81
CA LYS B 68 -33.23 8.05 3.51
C LYS B 68 -33.03 9.55 3.33
N GLY B 69 -32.93 10.24 4.47
CA GLY B 69 -32.73 11.69 4.46
C GLY B 69 -33.84 12.41 3.73
N SER B 70 -35.07 11.99 4.02
CA SER B 70 -36.23 12.59 3.41
C SER B 70 -37.33 12.47 4.44
N ARG B 71 -38.57 12.62 4.00
CA ARG B 71 -39.72 12.48 4.88
C ARG B 71 -40.96 12.62 4.03
N LEU B 72 -42.09 12.18 4.55
CA LEU B 72 -43.33 12.28 3.80
C LEU B 72 -43.79 13.75 3.78
N ASN B 73 -44.08 14.26 2.60
CA ASN B 73 -44.53 15.64 2.43
C ASN B 73 -46.05 15.62 2.33
N VAL B 74 -46.73 16.10 3.36
CA VAL B 74 -48.18 16.08 3.38
C VAL B 74 -48.88 17.39 3.03
N PHE B 75 -49.94 17.28 2.25
CA PHE B 75 -50.74 18.43 1.84
C PHE B 75 -52.20 18.14 2.14
N PHE B 76 -53.03 19.17 2.15
CA PHE B 76 -54.45 18.98 2.43
C PHE B 76 -55.33 19.68 1.39
N GLY B 77 -56.42 19.02 0.99
CA GLY B 77 -57.32 19.58 0.00
C GLY B 77 -57.66 18.55 -1.06
N GLU B 78 -58.44 18.93 -2.06
CA GLU B 78 -58.78 17.99 -3.13
C GLU B 78 -57.56 17.86 -4.04
N ALA B 79 -57.17 16.61 -4.30
CA ALA B 79 -56.00 16.32 -5.14
C ALA B 79 -55.75 17.31 -6.30
N GLU B 80 -56.72 17.45 -7.20
CA GLU B 80 -56.57 18.36 -8.33
C GLU B 80 -56.23 19.78 -7.89
N LYS B 81 -56.96 20.30 -6.89
CA LYS B 81 -56.71 21.66 -6.40
C LYS B 81 -55.34 21.84 -5.72
N VAL B 82 -54.88 20.78 -5.07
CA VAL B 82 -53.57 20.80 -4.41
C VAL B 82 -52.46 20.90 -5.47
N VAL B 83 -52.50 20.02 -6.45
CA VAL B 83 -51.51 20.02 -7.52
C VAL B 83 -51.45 21.42 -8.09
N SER B 84 -52.63 21.96 -8.34
CA SER B 84 -52.78 23.29 -8.89
C SER B 84 -52.16 24.35 -7.99
N ARG B 85 -52.45 24.27 -6.68
CA ARG B 85 -51.94 25.22 -5.69
C ARG B 85 -50.45 25.16 -5.32
N PHE B 86 -49.82 23.99 -5.42
CA PHE B 86 -48.42 23.85 -5.03
C PHE B 86 -47.39 23.32 -6.03
N PHE B 87 -47.81 22.45 -6.97
CA PHE B 87 -46.84 21.86 -7.90
C PHE B 87 -46.76 22.43 -9.31
N ASN B 88 -47.36 23.60 -9.53
CA ASN B 88 -47.34 24.20 -10.86
C ASN B 88 -45.95 24.36 -11.49
N LYS B 89 -44.89 24.32 -10.69
CA LYS B 89 -43.53 24.46 -11.22
C LYS B 89 -42.65 23.21 -11.25
N VAL B 90 -43.22 22.06 -10.89
CA VAL B 90 -42.48 20.79 -10.89
C VAL B 90 -42.45 20.27 -12.32
N ASP B 91 -41.52 19.34 -12.60
CA ASP B 91 -41.35 18.76 -13.94
C ASP B 91 -42.36 17.71 -14.31
N ALA B 92 -42.45 16.68 -13.48
CA ALA B 92 -43.37 15.59 -13.72
C ALA B 92 -43.99 15.16 -12.41
N ILE B 93 -45.08 14.41 -12.54
CA ILE B 93 -45.80 13.87 -11.40
C ILE B 93 -46.05 12.40 -11.72
N TYR B 94 -45.64 11.52 -10.81
CA TYR B 94 -45.83 10.08 -10.98
C TYR B 94 -46.83 9.53 -9.98
N VAL B 95 -47.65 8.57 -10.42
CA VAL B 95 -48.63 7.91 -9.55
C VAL B 95 -48.98 6.52 -10.07
N ASN B 96 -49.76 5.78 -9.30
CA ASN B 96 -50.23 4.47 -9.71
C ASN B 96 -51.73 4.62 -9.91
N GLU B 97 -52.19 4.40 -11.14
CA GLU B 97 -53.59 4.52 -11.48
C GLU B 97 -54.46 3.60 -10.62
N ASP B 98 -55.70 4.00 -10.40
CA ASP B 98 -56.63 3.18 -9.64
C ASP B 98 -57.79 2.89 -10.58
N TYR B 99 -58.80 2.17 -10.11
CA TYR B 99 -59.88 1.79 -11.00
C TYR B 99 -61.31 2.11 -10.60
N THR B 100 -61.51 3.15 -9.81
CA THR B 100 -62.88 3.50 -9.43
C THR B 100 -63.22 4.84 -10.04
N PRO B 101 -64.52 5.10 -10.25
CA PRO B 101 -64.98 6.36 -10.83
C PRO B 101 -64.28 7.56 -10.20
N PHE B 102 -64.28 7.62 -8.87
CA PHE B 102 -63.67 8.71 -8.13
C PHE B 102 -62.21 8.89 -8.50
N SER B 103 -61.50 7.78 -8.55
CA SER B 103 -60.07 7.80 -8.86
C SER B 103 -59.80 8.20 -10.30
N ILE B 104 -60.62 7.70 -11.21
CA ILE B 104 -60.46 8.00 -12.61
C ILE B 104 -60.71 9.48 -12.90
N SER B 105 -61.76 10.04 -12.30
CA SER B 105 -62.06 11.44 -12.54
C SER B 105 -61.05 12.34 -11.84
N ARG B 106 -60.57 11.90 -10.69
CA ARG B 106 -59.60 12.68 -9.93
C ARG B 106 -58.31 12.84 -10.74
N ASP B 107 -57.91 11.76 -11.40
CA ASP B 107 -56.70 11.76 -12.20
C ASP B 107 -56.90 12.51 -13.52
N GLU B 108 -58.12 12.51 -14.05
CA GLU B 108 -58.37 13.25 -15.27
C GLU B 108 -58.19 14.72 -14.96
N LYS B 109 -58.69 15.15 -13.81
CA LYS B 109 -58.54 16.54 -13.42
C LYS B 109 -57.07 16.86 -13.18
N ILE B 110 -56.35 15.96 -12.54
CA ILE B 110 -54.93 16.23 -12.31
C ILE B 110 -54.24 16.35 -13.66
N ARG B 111 -54.62 15.50 -14.60
CA ARG B 111 -54.01 15.54 -15.92
C ARG B 111 -54.25 16.91 -16.56
N LYS B 112 -55.49 17.37 -16.53
CA LYS B 112 -55.82 18.67 -17.12
C LYS B 112 -54.94 19.76 -16.52
N VAL B 113 -54.88 19.80 -15.20
CA VAL B 113 -54.06 20.79 -14.51
C VAL B 113 -52.60 20.64 -14.88
N CYS B 114 -52.18 19.42 -15.19
CA CYS B 114 -50.79 19.18 -15.57
C CYS B 114 -50.44 19.67 -16.96
N GLU B 115 -51.34 19.48 -17.91
CA GLU B 115 -51.12 19.92 -19.29
C GLU B 115 -51.08 21.43 -19.37
N GLU B 116 -51.88 22.09 -18.54
CA GLU B 116 -51.95 23.55 -18.52
C GLU B 116 -50.90 24.14 -17.59
N ASN B 117 -49.77 23.47 -17.45
CA ASN B 117 -48.70 23.94 -16.58
C ASN B 117 -47.38 23.31 -17.03
N GLY B 118 -47.46 22.49 -18.07
CA GLY B 118 -46.27 21.85 -18.59
C GLY B 118 -45.70 20.82 -17.65
N ILE B 119 -46.56 20.13 -16.91
CA ILE B 119 -46.10 19.09 -16.00
C ILE B 119 -46.45 17.76 -16.62
N GLU B 120 -45.48 16.87 -16.73
CA GLU B 120 -45.77 15.58 -17.30
C GLU B 120 -46.49 14.74 -16.24
N PHE B 121 -47.62 14.15 -16.62
CA PHE B 121 -48.38 13.31 -15.69
C PHE B 121 -48.26 11.84 -16.08
N LYS B 122 -47.53 11.05 -15.29
CA LYS B 122 -47.33 9.64 -15.59
C LYS B 122 -47.98 8.68 -14.58
N ALA B 123 -48.93 7.87 -15.04
CA ALA B 123 -49.62 6.92 -14.19
C ALA B 123 -49.24 5.50 -14.59
N TYR B 124 -49.03 4.61 -13.62
CA TYR B 124 -48.64 3.24 -13.91
C TYR B 124 -49.53 2.21 -13.24
N GLU B 125 -49.54 0.98 -13.79
CA GLU B 125 -50.34 -0.09 -13.20
C GLU B 125 -49.52 -0.70 -12.06
N ASP B 126 -50.14 -0.90 -10.91
CA ASP B 126 -49.44 -1.47 -9.76
C ASP B 126 -50.33 -2.29 -8.87
N TYR B 127 -51.56 -1.84 -8.66
CA TYR B 127 -52.47 -2.55 -7.78
C TYR B 127 -52.88 -3.93 -8.23
N LEU B 128 -52.92 -4.16 -9.54
CA LEU B 128 -53.34 -5.48 -10.02
C LEU B 128 -52.21 -6.46 -10.22
N LEU B 129 -52.55 -7.74 -10.09
CA LEU B 129 -51.62 -8.84 -10.24
C LEU B 129 -51.51 -9.16 -11.74
N THR B 130 -52.57 -8.82 -12.47
CA THR B 130 -52.66 -9.08 -13.90
C THR B 130 -52.97 -7.82 -14.71
N PRO B 131 -52.48 -7.74 -15.96
CA PRO B 131 -52.70 -6.58 -16.83
C PRO B 131 -54.20 -6.40 -17.07
N LYS B 132 -54.69 -5.17 -17.01
CA LYS B 132 -56.12 -4.96 -17.19
C LYS B 132 -56.67 -5.24 -18.57
N SER B 133 -55.81 -5.22 -19.58
CA SER B 133 -56.29 -5.51 -20.92
C SER B 133 -56.81 -6.93 -21.01
N LEU B 134 -56.27 -7.80 -20.15
CA LEU B 134 -56.65 -9.22 -20.12
C LEU B 134 -58.03 -9.55 -19.58
N PHE B 135 -58.83 -8.55 -19.22
CA PHE B 135 -60.15 -8.86 -18.68
C PHE B 135 -61.24 -8.86 -19.74
N HIS B 136 -62.05 -9.92 -19.72
CA HIS B 136 -63.16 -10.10 -20.66
C HIS B 136 -63.94 -11.35 -20.27
N HIS B 137 -64.07 -11.61 -18.97
CA HIS B 137 -64.75 -12.82 -18.53
C HIS B 137 -66.02 -12.62 -17.72
N ARG B 138 -66.97 -13.55 -17.88
CA ARG B 138 -68.25 -13.45 -17.16
C ARG B 138 -68.07 -13.82 -15.69
N ASN B 139 -67.47 -14.98 -15.44
CA ASN B 139 -67.28 -15.46 -14.08
C ASN B 139 -65.82 -15.60 -13.72
N PHE B 140 -65.59 -15.84 -12.43
CA PHE B 140 -64.24 -15.98 -11.90
C PHE B 140 -63.45 -17.15 -12.43
N THR B 141 -64.04 -18.34 -12.39
CA THR B 141 -63.31 -19.53 -12.84
C THR B 141 -62.80 -19.37 -14.26
N SER B 142 -63.61 -18.77 -15.13
CA SER B 142 -63.18 -18.56 -16.49
C SER B 142 -61.96 -17.63 -16.49
N PHE B 143 -62.06 -16.55 -15.72
CA PHE B 143 -60.99 -15.55 -15.58
C PHE B 143 -59.66 -16.09 -15.05
N TYR B 144 -59.73 -16.81 -13.93
CA TYR B 144 -58.57 -17.39 -13.29
C TYR B 144 -57.80 -18.35 -14.19
N ASN B 145 -58.51 -19.29 -14.81
CA ASN B 145 -57.88 -20.27 -15.69
C ASN B 145 -57.13 -19.62 -16.81
N GLU B 146 -57.72 -18.59 -17.40
CA GLU B 146 -57.07 -17.91 -18.51
C GLU B 146 -55.90 -17.04 -18.06
N VAL B 147 -56.14 -16.20 -17.06
CA VAL B 147 -55.12 -15.27 -16.60
C VAL B 147 -53.99 -15.85 -15.73
N SER B 148 -54.28 -16.90 -14.97
CA SER B 148 -53.27 -17.51 -14.11
C SER B 148 -52.11 -18.11 -14.91
N LYS B 149 -52.33 -18.38 -16.18
CA LYS B 149 -51.28 -18.94 -17.02
C LYS B 149 -50.24 -17.86 -17.31
N VAL B 150 -50.63 -16.59 -17.14
CA VAL B 150 -49.74 -15.47 -17.39
C VAL B 150 -48.73 -15.39 -16.24
N LYS B 151 -47.53 -14.90 -16.53
CA LYS B 151 -46.52 -14.81 -15.49
C LYS B 151 -46.58 -13.50 -14.74
N VAL B 152 -46.65 -13.60 -13.42
CA VAL B 152 -46.72 -12.43 -12.57
C VAL B 152 -45.36 -11.73 -12.54
N ARG B 153 -45.37 -10.41 -12.67
CA ARG B 153 -44.13 -9.66 -12.64
C ARG B 153 -43.51 -9.87 -11.28
N GLU B 154 -42.17 -9.91 -11.23
CA GLU B 154 -41.44 -10.12 -9.97
C GLU B 154 -41.18 -8.80 -9.25
N PRO B 155 -41.23 -8.84 -7.91
CA PRO B 155 -41.00 -7.61 -7.13
C PRO B 155 -39.63 -7.03 -7.46
N GLU B 156 -39.51 -5.72 -7.38
CA GLU B 156 -38.23 -5.07 -7.62
C GLU B 156 -38.29 -3.65 -7.14
N THR B 157 -37.13 -3.07 -6.85
CA THR B 157 -37.06 -1.71 -6.35
C THR B 157 -35.91 -0.96 -7.00
N MET B 158 -36.19 0.22 -7.54
CA MET B 158 -35.15 1.01 -8.16
C MET B 158 -34.53 1.92 -7.12
N GLU B 159 -33.26 2.27 -7.33
CA GLU B 159 -32.56 3.18 -6.44
C GLU B 159 -32.71 4.59 -7.04
N GLY B 160 -32.70 5.61 -6.18
CA GLY B 160 -32.86 6.97 -6.65
C GLY B 160 -32.58 7.96 -5.54
N SER B 161 -33.18 9.14 -5.58
CA SER B 161 -32.97 10.12 -4.54
C SER B 161 -34.24 10.79 -4.08
N PHE B 162 -34.51 10.74 -2.78
CA PHE B 162 -35.70 11.36 -2.23
C PHE B 162 -35.41 12.78 -1.72
N ASP B 163 -36.14 13.75 -2.24
CA ASP B 163 -35.98 15.13 -1.82
C ASP B 163 -37.15 15.54 -0.91
N VAL B 164 -37.14 16.79 -0.45
CA VAL B 164 -38.19 17.28 0.45
C VAL B 164 -38.62 18.69 0.07
N THR B 165 -39.81 19.08 0.53
CA THR B 165 -40.32 20.43 0.30
C THR B 165 -40.54 21.03 1.67
N ASP B 166 -39.77 22.05 2.01
CA ASP B 166 -39.88 22.68 3.32
C ASP B 166 -41.29 23.18 3.62
N SER B 167 -41.98 23.68 2.61
CA SER B 167 -43.32 24.20 2.82
C SER B 167 -44.28 23.17 3.42
N SER B 168 -44.50 22.06 2.69
CA SER B 168 -45.39 20.97 3.12
C SER B 168 -45.43 20.66 4.61
N MET B 169 -46.54 20.06 5.03
CA MET B 169 -46.73 19.66 6.42
C MET B 169 -46.12 18.28 6.55
N ASN B 170 -46.12 17.74 7.76
CA ASN B 170 -45.59 16.40 7.98
C ASN B 170 -46.67 15.50 8.60
N VAL B 171 -46.43 14.20 8.58
CA VAL B 171 -47.40 13.25 9.08
C VAL B 171 -48.14 13.60 10.37
N ASP B 172 -47.52 14.39 11.24
CA ASP B 172 -48.22 14.70 12.49
C ASP B 172 -49.59 15.33 12.24
N PHE B 173 -49.73 16.08 11.14
CA PHE B 173 -51.00 16.69 10.78
C PHE B 173 -52.09 15.63 10.65
N LEU B 174 -51.73 14.47 10.11
CA LEU B 174 -52.66 13.39 9.90
C LEU B 174 -53.23 12.81 11.18
N LEU B 175 -52.58 13.07 12.31
CA LEU B 175 -53.06 12.54 13.58
C LEU B 175 -54.47 13.00 13.95
N THR B 176 -54.93 14.09 13.35
CA THR B 176 -56.26 14.61 13.62
C THR B 176 -57.34 13.62 13.24
N PHE B 177 -57.12 12.96 12.10
CA PHE B 177 -58.06 11.99 11.57
C PHE B 177 -58.00 10.62 12.22
N LYS B 178 -56.95 10.35 13.00
CA LYS B 178 -56.84 9.06 13.67
C LYS B 178 -57.64 9.20 14.95
N LYS B 179 -58.87 8.70 14.94
CA LYS B 179 -59.74 8.81 16.11
C LYS B 179 -59.92 7.48 16.86
N ILE B 180 -60.04 6.36 16.15
CA ILE B 180 -60.19 5.08 16.83
C ILE B 180 -59.48 3.94 16.10
N GLU B 181 -58.55 3.28 16.77
CA GLU B 181 -57.79 2.20 16.14
C GLU B 181 -58.35 0.81 16.39
N SER B 182 -58.13 -0.09 15.45
CA SER B 182 -58.60 -1.45 15.62
C SER B 182 -57.66 -2.14 16.59
N PRO B 183 -58.21 -2.84 17.58
CA PRO B 183 -57.34 -3.53 18.54
C PRO B 183 -56.67 -4.73 17.86
N LEU B 184 -57.14 -5.02 16.65
CA LEU B 184 -56.64 -6.16 15.91
C LEU B 184 -55.52 -5.89 14.90
N PHE B 185 -55.31 -4.63 14.53
CA PHE B 185 -54.28 -4.26 13.57
C PHE B 185 -53.51 -3.04 14.02
N ARG B 186 -52.30 -2.88 13.51
CA ARG B 186 -51.49 -1.76 13.87
C ARG B 186 -51.02 -1.00 12.63
N GLY B 187 -51.26 -1.60 11.47
CA GLY B 187 -50.86 -0.99 10.21
C GLY B 187 -49.38 -1.12 9.91
N GLY B 188 -48.94 -0.59 8.78
CA GLY B 188 -47.53 -0.65 8.42
C GLY B 188 -47.06 -1.95 7.77
N ARG B 189 -46.02 -1.83 6.95
CA ARG B 189 -45.44 -2.96 6.22
C ARG B 189 -44.85 -4.02 7.14
N ARG B 190 -44.25 -3.58 8.24
CA ARG B 190 -43.63 -4.51 9.18
C ARG B 190 -44.64 -5.51 9.70
N GLU B 191 -45.82 -5.04 10.11
CA GLU B 191 -46.86 -5.95 10.60
C GLU B 191 -47.33 -6.80 9.43
N GLY B 192 -47.43 -6.18 8.26
CA GLY B 192 -47.88 -6.86 7.07
C GLY B 192 -47.06 -8.10 6.76
N LEU B 193 -45.74 -7.95 6.72
CA LEU B 193 -44.87 -9.07 6.43
C LEU B 193 -44.96 -10.11 7.55
N TYR B 194 -45.14 -9.64 8.77
CA TYR B 194 -45.24 -10.58 9.87
C TYR B 194 -46.45 -11.50 9.64
N LEU B 195 -47.55 -10.91 9.24
CA LEU B 195 -48.78 -11.67 8.98
C LEU B 195 -48.62 -12.59 7.78
N LEU B 196 -47.97 -12.07 6.74
CA LEU B 196 -47.73 -12.83 5.53
C LEU B 196 -46.99 -14.13 5.83
N HIS B 197 -46.18 -14.12 6.90
CA HIS B 197 -45.39 -15.29 7.28
C HIS B 197 -45.91 -16.19 8.38
N ARG B 198 -47.10 -15.92 8.89
CA ARG B 198 -47.68 -16.81 9.89
C ARG B 198 -48.01 -18.09 9.13
N ASN B 199 -47.79 -19.24 9.75
CA ASN B 199 -48.12 -20.49 9.10
C ASN B 199 -49.44 -20.98 9.65
N VAL B 200 -50.48 -20.90 8.83
CA VAL B 200 -51.82 -21.30 9.22
C VAL B 200 -52.33 -22.43 8.36
N ASP B 201 -53.40 -23.07 8.82
CA ASP B 201 -54.02 -24.16 8.06
C ASP B 201 -55.15 -23.52 7.25
N PHE B 202 -54.79 -22.98 6.09
CA PHE B 202 -55.74 -22.30 5.23
C PHE B 202 -56.96 -23.13 4.86
N ARG B 203 -56.84 -24.45 4.95
CA ARG B 203 -57.95 -25.34 4.63
C ARG B 203 -59.09 -25.09 5.62
N ARG B 204 -58.73 -24.84 6.87
CA ARG B 204 -59.75 -24.60 7.87
C ARG B 204 -59.99 -23.09 8.06
N ARG B 205 -59.86 -22.35 6.97
CA ARG B 205 -60.03 -20.90 7.03
C ARG B 205 -61.48 -20.46 7.25
N ASP B 206 -62.41 -21.40 7.26
CA ASP B 206 -63.82 -21.06 7.47
C ASP B 206 -64.20 -20.98 8.93
N TYR B 207 -63.45 -21.67 9.78
CA TYR B 207 -63.74 -21.68 11.21
C TYR B 207 -63.22 -20.43 11.90
N PRO B 208 -64.12 -19.50 12.24
CA PRO B 208 -63.79 -18.24 12.90
C PRO B 208 -63.04 -18.44 14.20
N ALA B 209 -63.46 -19.42 15.00
CA ALA B 209 -62.81 -19.67 16.28
C ALA B 209 -61.32 -19.96 16.09
N GLU B 210 -60.98 -20.76 15.08
CA GLU B 210 -59.58 -21.06 14.82
C GLU B 210 -58.94 -19.79 14.28
N ASN B 211 -57.64 -19.82 14.03
CA ASN B 211 -57.01 -18.61 13.53
C ASN B 211 -56.35 -18.91 12.21
N ASN B 212 -57.14 -19.35 11.23
CA ASN B 212 -56.55 -19.73 9.95
C ASN B 212 -56.64 -18.75 8.80
N ASN B 213 -56.87 -17.48 9.11
CA ASN B 213 -56.92 -16.48 8.05
C ASN B 213 -55.68 -15.61 8.21
N TYR B 214 -55.12 -15.17 7.10
CA TYR B 214 -53.92 -14.35 7.17
C TYR B 214 -54.17 -12.92 7.64
N ARG B 215 -55.41 -12.47 7.55
CA ARG B 215 -55.73 -11.11 7.96
C ARG B 215 -54.85 -10.13 7.20
N LEU B 216 -54.67 -10.37 5.90
CA LEU B 216 -53.83 -9.52 5.06
C LEU B 216 -54.58 -8.46 4.25
N SER B 217 -55.90 -8.59 4.13
CA SER B 217 -56.68 -7.65 3.34
C SER B 217 -56.35 -6.17 3.52
N PRO B 218 -56.34 -5.67 4.77
CA PRO B 218 -56.02 -4.25 4.95
C PRO B 218 -54.62 -3.91 4.44
N HIS B 219 -53.66 -4.81 4.60
CA HIS B 219 -52.30 -4.55 4.12
C HIS B 219 -52.21 -4.55 2.57
N LEU B 220 -53.03 -5.37 1.94
CA LEU B 220 -53.08 -5.44 0.47
C LEU B 220 -53.85 -4.21 -0.03
N LYS B 221 -55.00 -3.94 0.56
CA LYS B 221 -55.80 -2.79 0.15
C LYS B 221 -54.98 -1.49 0.24
N PHE B 222 -54.29 -1.25 1.36
CA PHE B 222 -53.50 -0.03 1.50
C PHE B 222 -52.07 -0.12 0.98
N GLY B 223 -51.72 -1.28 0.43
CA GLY B 223 -50.39 -1.48 -0.14
C GLY B 223 -49.14 -1.45 0.71
N THR B 224 -49.20 -1.93 1.96
CA THR B 224 -47.99 -1.95 2.77
C THR B 224 -47.06 -3.02 2.16
N ILE B 225 -47.66 -3.95 1.43
CA ILE B 225 -46.93 -4.99 0.71
C ILE B 225 -47.60 -5.09 -0.66
N SER B 226 -46.84 -5.45 -1.69
CA SER B 226 -47.42 -5.55 -3.02
C SER B 226 -48.09 -6.88 -3.31
N MET B 227 -49.09 -6.82 -4.17
CA MET B 227 -49.87 -7.96 -4.64
C MET B 227 -48.89 -9.01 -5.19
N ARG B 228 -47.84 -8.53 -5.84
CA ARG B 228 -46.80 -9.36 -6.42
C ARG B 228 -45.98 -10.01 -5.32
N GLU B 229 -45.74 -9.28 -4.23
CA GLU B 229 -44.98 -9.81 -3.12
C GLU B 229 -45.76 -10.91 -2.43
N ALA B 230 -47.03 -10.67 -2.13
CA ALA B 230 -47.84 -11.67 -1.46
C ALA B 230 -47.84 -12.93 -2.33
N TYR B 231 -47.96 -12.71 -3.65
CA TYR B 231 -48.01 -13.80 -4.60
C TYR B 231 -46.78 -14.70 -4.56
N TYR B 232 -45.60 -14.13 -4.78
CA TYR B 232 -44.39 -14.93 -4.78
C TYR B 232 -44.04 -15.57 -3.45
N THR B 233 -44.42 -14.92 -2.34
CA THR B 233 -44.10 -15.49 -1.04
C THR B 233 -44.95 -16.72 -0.78
N GLN B 234 -46.15 -16.75 -1.36
CA GLN B 234 -47.07 -17.85 -1.18
C GLN B 234 -47.33 -18.64 -2.46
N LYS B 235 -46.49 -18.41 -3.47
CA LYS B 235 -46.65 -19.07 -4.76
C LYS B 235 -47.05 -20.53 -4.70
N GLY B 236 -46.50 -21.28 -3.74
CA GLY B 236 -46.82 -22.68 -3.64
C GLY B 236 -48.18 -23.02 -3.08
N LYS B 237 -48.90 -22.06 -2.51
CA LYS B 237 -50.21 -22.34 -1.93
C LYS B 237 -51.35 -21.97 -2.86
N GLU B 238 -51.75 -22.92 -3.70
CA GLU B 238 -52.82 -22.78 -4.68
C GLU B 238 -54.11 -22.13 -4.17
N GLU B 239 -54.57 -22.54 -2.99
CA GLU B 239 -55.78 -21.98 -2.40
C GLU B 239 -55.67 -20.49 -2.13
N PHE B 240 -54.55 -20.09 -1.55
CA PHE B 240 -54.31 -18.69 -1.23
C PHE B 240 -54.11 -17.84 -2.48
N VAL B 241 -53.38 -18.39 -3.45
CA VAL B 241 -53.13 -17.67 -4.69
C VAL B 241 -54.42 -17.48 -5.50
N ARG B 242 -55.30 -18.47 -5.49
CA ARG B 242 -56.55 -18.34 -6.24
C ARG B 242 -57.41 -17.26 -5.59
N GLU B 243 -57.45 -17.23 -4.27
CA GLU B 243 -58.24 -16.20 -3.60
C GLU B 243 -57.63 -14.81 -3.77
N LEU B 244 -56.33 -14.76 -3.96
CA LEU B 244 -55.66 -13.49 -4.17
C LEU B 244 -56.20 -12.92 -5.48
N TYR B 245 -56.41 -13.81 -6.45
CA TYR B 245 -56.93 -13.41 -7.76
C TYR B 245 -58.35 -12.87 -7.73
N TRP B 246 -59.07 -13.12 -6.65
CA TRP B 246 -60.43 -12.61 -6.52
C TRP B 246 -60.42 -11.08 -6.38
N ARG B 247 -59.30 -10.54 -5.90
CA ARG B 247 -59.16 -9.11 -5.76
C ARG B 247 -59.11 -8.48 -7.13
N ASP B 248 -58.29 -9.06 -8.01
CA ASP B 248 -58.17 -8.55 -9.37
C ASP B 248 -59.52 -8.66 -10.07
N PHE B 249 -60.16 -9.82 -9.95
CA PHE B 249 -61.44 -10.03 -10.58
C PHE B 249 -62.48 -8.97 -10.23
N PHE B 250 -62.74 -8.76 -8.94
CA PHE B 250 -63.73 -7.76 -8.59
C PHE B 250 -63.33 -6.34 -8.97
N THR B 251 -62.04 -6.02 -8.86
CA THR B 251 -61.54 -4.70 -9.21
C THR B 251 -61.80 -4.41 -10.68
N LEU B 252 -61.38 -5.34 -11.54
CA LEU B 252 -61.57 -5.23 -12.99
C LEU B 252 -63.04 -5.28 -13.39
N LEU B 253 -63.83 -6.07 -12.66
CA LEU B 253 -65.25 -6.16 -12.95
C LEU B 253 -65.81 -4.76 -12.81
N ALA B 254 -65.50 -4.11 -11.68
CA ALA B 254 -66.00 -2.76 -11.44
C ALA B 254 -65.40 -1.76 -12.40
N TYR B 255 -64.16 -2.01 -12.83
CA TYR B 255 -63.51 -1.09 -13.74
C TYR B 255 -64.19 -1.03 -15.10
N TYR B 256 -64.61 -2.17 -15.61
CA TYR B 256 -65.29 -2.26 -16.90
C TYR B 256 -66.83 -2.11 -16.81
N ASN B 257 -67.35 -2.04 -15.59
CA ASN B 257 -68.80 -1.91 -15.34
C ASN B 257 -69.06 -0.92 -14.18
N PRO B 258 -68.68 0.35 -14.36
CA PRO B 258 -68.85 1.40 -13.35
C PRO B 258 -70.25 1.48 -12.75
N HIS B 259 -71.24 1.00 -13.48
CA HIS B 259 -72.60 1.06 -12.96
C HIS B 259 -72.82 0.24 -11.70
N VAL B 260 -71.93 -0.71 -11.39
CA VAL B 260 -72.13 -1.51 -10.17
C VAL B 260 -72.18 -0.60 -8.95
N PHE B 261 -71.52 0.55 -9.03
CA PHE B 261 -71.56 1.48 -7.90
C PHE B 261 -72.86 2.28 -7.92
N GLY B 262 -73.92 1.67 -7.40
CA GLY B 262 -75.22 2.35 -7.37
C GLY B 262 -76.34 1.50 -7.94
N HIS B 263 -75.99 0.61 -8.87
CA HIS B 263 -76.97 -0.27 -9.50
C HIS B 263 -76.53 -1.72 -9.40
N CYS B 264 -77.42 -2.64 -9.77
CA CYS B 264 -77.10 -4.06 -9.76
C CYS B 264 -76.28 -4.42 -10.98
N TYR B 265 -75.33 -5.35 -10.82
CA TYR B 265 -74.49 -5.80 -11.93
C TYR B 265 -75.45 -6.25 -13.03
N ARG B 266 -76.41 -7.10 -12.64
CA ARG B 266 -77.43 -7.59 -13.55
C ARG B 266 -78.62 -6.64 -13.36
N ARG B 267 -78.59 -5.56 -14.14
CA ARG B 267 -79.56 -4.47 -14.11
C ARG B 267 -81.04 -4.77 -13.88
N GLU B 268 -81.53 -5.91 -14.35
CA GLU B 268 -82.94 -6.23 -14.16
C GLU B 268 -83.38 -6.14 -12.72
N TYR B 269 -82.52 -6.58 -11.80
CA TYR B 269 -82.85 -6.59 -10.38
C TYR B 269 -82.92 -5.22 -9.70
N ASP B 270 -82.75 -4.15 -10.48
CA ASP B 270 -82.83 -2.80 -9.93
C ASP B 270 -84.30 -2.53 -9.64
N ASN B 271 -85.13 -3.53 -9.90
CA ASN B 271 -86.57 -3.42 -9.70
C ASN B 271 -87.07 -4.17 -8.48
N ILE B 272 -86.17 -4.85 -7.78
CA ILE B 272 -86.57 -5.58 -6.59
C ILE B 272 -87.18 -4.61 -5.58
N SER B 273 -88.27 -5.03 -4.95
CA SER B 273 -88.94 -4.18 -3.98
C SER B 273 -88.46 -4.58 -2.60
N TRP B 274 -87.29 -4.07 -2.22
CA TRP B 274 -86.71 -4.39 -0.92
C TRP B 274 -87.66 -3.94 0.18
N GLU B 275 -87.95 -4.84 1.11
CA GLU B 275 -88.83 -4.52 2.22
C GLU B 275 -88.23 -3.41 3.09
N ASN B 276 -86.90 -3.31 3.07
CA ASN B 276 -86.15 -2.31 3.85
C ASN B 276 -86.74 -1.88 5.17
N ASN B 277 -87.12 -2.85 6.00
CA ASN B 277 -87.66 -2.55 7.32
C ASN B 277 -86.56 -2.00 8.23
N GLU B 278 -86.45 -0.68 8.29
CA GLU B 278 -85.45 0.00 9.10
C GLU B 278 -85.25 -0.61 10.47
N SER B 279 -86.26 -1.31 10.96
CA SER B 279 -86.18 -1.95 12.27
C SER B 279 -85.25 -3.16 12.26
N TYR B 280 -85.43 -4.05 11.29
CA TYR B 280 -84.59 -5.24 11.18
C TYR B 280 -83.14 -4.81 10.94
N PHE B 281 -82.98 -3.85 10.04
CA PHE B 281 -81.65 -3.34 9.69
C PHE B 281 -80.89 -2.90 10.92
N GLU B 282 -81.59 -2.23 11.83
CA GLU B 282 -80.91 -1.77 13.03
C GLU B 282 -80.48 -2.97 13.88
N ALA B 283 -81.36 -3.95 13.98
CA ALA B 283 -81.06 -5.16 14.75
C ALA B 283 -79.82 -5.85 14.18
N TRP B 284 -79.71 -5.85 12.85
CA TRP B 284 -78.59 -6.46 12.14
C TRP B 284 -77.29 -5.73 12.47
N LYS B 285 -77.31 -4.40 12.42
CA LYS B 285 -76.11 -3.64 12.70
C LYS B 285 -75.63 -3.81 14.13
N GLU B 286 -76.56 -4.02 15.04
CA GLU B 286 -76.22 -4.16 16.46
C GLU B 286 -75.93 -5.59 16.87
N GLY B 287 -76.25 -6.55 16.00
CA GLY B 287 -76.01 -7.94 16.36
C GLY B 287 -77.01 -8.38 17.39
N ARG B 288 -78.22 -7.85 17.27
CA ARG B 288 -79.33 -8.18 18.17
C ARG B 288 -80.35 -8.94 17.35
N THR B 289 -79.87 -9.72 16.40
CA THR B 289 -80.75 -10.53 15.58
C THR B 289 -80.90 -11.77 16.47
N GLY B 290 -81.80 -12.67 16.17
CA GLY B 290 -81.92 -13.82 17.06
C GLY B 290 -80.92 -14.94 16.82
N TYR B 291 -80.06 -14.79 15.82
CA TYR B 291 -79.11 -15.84 15.46
C TYR B 291 -77.69 -15.60 15.98
N PRO B 292 -77.22 -16.48 16.86
CA PRO B 292 -75.88 -16.42 17.48
C PRO B 292 -74.70 -16.14 16.55
N ILE B 293 -74.57 -16.92 15.48
CA ILE B 293 -73.45 -16.73 14.56
C ILE B 293 -73.48 -15.38 13.86
N ILE B 294 -74.69 -14.91 13.51
CA ILE B 294 -74.85 -13.63 12.85
C ILE B 294 -74.53 -12.52 13.83
N ASP B 295 -75.02 -12.66 15.07
CA ASP B 295 -74.79 -11.67 16.11
C ASP B 295 -73.31 -11.57 16.46
N ALA B 296 -72.64 -12.72 16.51
CA ALA B 296 -71.23 -12.75 16.82
C ALA B 296 -70.48 -11.99 15.72
N GLY B 297 -70.81 -12.29 14.47
CA GLY B 297 -70.17 -11.63 13.35
C GLY B 297 -70.26 -10.11 13.42
N MET B 298 -71.48 -9.60 13.46
CA MET B 298 -71.66 -8.16 13.51
C MET B 298 -70.97 -7.51 14.70
N ARG B 299 -71.09 -8.13 15.86
CA ARG B 299 -70.45 -7.56 17.04
C ARG B 299 -68.95 -7.50 16.88
N MET B 300 -68.35 -8.59 16.39
CA MET B 300 -66.92 -8.58 16.20
C MET B 300 -66.58 -7.44 15.25
N LEU B 301 -67.22 -7.45 14.08
CA LEU B 301 -66.99 -6.44 13.07
C LEU B 301 -67.04 -5.04 13.66
N ASN B 302 -68.05 -4.78 14.47
CA ASN B 302 -68.20 -3.45 15.05
C ASN B 302 -67.07 -3.01 15.95
N SER B 303 -66.53 -3.91 16.76
CA SER B 303 -65.48 -3.51 17.66
C SER B 303 -64.10 -3.75 17.07
N THR B 304 -64.02 -4.60 16.06
CA THR B 304 -62.73 -4.91 15.48
C THR B 304 -62.51 -4.37 14.06
N GLY B 305 -63.60 -4.21 13.31
CA GLY B 305 -63.47 -3.72 11.95
C GLY B 305 -63.01 -4.83 11.00
N TYR B 306 -63.15 -6.07 11.46
CA TYR B 306 -62.74 -7.25 10.67
C TYR B 306 -63.57 -8.48 11.00
N ILE B 307 -63.70 -9.38 10.03
CA ILE B 307 -64.41 -10.66 10.19
C ILE B 307 -63.96 -11.49 9.01
N ASN B 308 -63.79 -12.79 9.19
CA ASN B 308 -63.33 -13.62 8.08
C ASN B 308 -64.40 -13.76 7.01
N GLY B 309 -63.96 -14.17 5.82
CA GLY B 309 -64.88 -14.31 4.71
C GLY B 309 -66.13 -15.11 4.95
N ARG B 310 -66.00 -16.17 5.75
CA ARG B 310 -67.13 -17.01 6.03
C ARG B 310 -68.24 -16.24 6.74
N VAL B 311 -67.90 -15.61 7.85
CA VAL B 311 -68.85 -14.85 8.60
C VAL B 311 -69.33 -13.67 7.76
N ARG B 312 -68.41 -13.08 7.01
CA ARG B 312 -68.72 -11.95 6.16
C ARG B 312 -69.92 -12.25 5.26
N MET B 313 -69.90 -13.39 4.59
CA MET B 313 -71.02 -13.67 3.70
C MET B 313 -72.26 -14.21 4.38
N LEU B 314 -72.09 -14.80 5.56
CA LEU B 314 -73.24 -15.31 6.29
C LEU B 314 -74.05 -14.10 6.72
N VAL B 315 -73.32 -13.10 7.20
CA VAL B 315 -73.89 -11.86 7.66
C VAL B 315 -74.53 -11.12 6.49
N ALA B 316 -73.84 -11.06 5.37
CA ALA B 316 -74.36 -10.39 4.19
C ALA B 316 -75.62 -11.10 3.70
N PHE B 317 -75.56 -12.43 3.67
CA PHE B 317 -76.68 -13.24 3.24
C PHE B 317 -77.93 -12.91 4.05
N PHE B 318 -77.78 -12.98 5.36
CA PHE B 318 -78.86 -12.71 6.29
C PHE B 318 -79.56 -11.39 6.09
N LEU B 319 -78.80 -10.34 5.83
CA LEU B 319 -79.41 -9.04 5.66
C LEU B 319 -80.20 -8.93 4.35
N VAL B 320 -79.66 -9.48 3.28
CA VAL B 320 -80.33 -9.37 2.00
C VAL B 320 -81.42 -10.42 1.75
N LYS B 321 -81.07 -11.69 1.89
CA LYS B 321 -82.02 -12.75 1.63
C LYS B 321 -82.88 -13.25 2.79
N VAL B 322 -82.79 -12.60 3.95
CA VAL B 322 -83.60 -13.02 5.08
C VAL B 322 -84.34 -11.83 5.70
N LEU B 323 -83.64 -10.70 5.88
CA LEU B 323 -84.28 -9.52 6.44
C LEU B 323 -84.80 -8.68 5.29
N PHE B 324 -84.51 -9.15 4.07
CA PHE B 324 -84.94 -8.50 2.84
C PHE B 324 -84.64 -6.99 2.83
N VAL B 325 -83.38 -6.66 3.07
CA VAL B 325 -82.89 -5.27 3.06
C VAL B 325 -81.95 -5.06 1.86
N ASP B 326 -82.13 -3.96 1.14
CA ASP B 326 -81.31 -3.65 -0.03
C ASP B 326 -79.82 -3.84 0.24
N TRP B 327 -79.15 -4.64 -0.59
CA TRP B 327 -77.73 -4.89 -0.40
C TRP B 327 -76.90 -3.59 -0.35
N ARG B 328 -77.36 -2.53 -1.01
CA ARG B 328 -76.62 -1.27 -0.98
C ARG B 328 -76.51 -0.73 0.44
N TRP B 329 -77.52 -0.99 1.26
CA TRP B 329 -77.53 -0.55 2.65
C TRP B 329 -76.39 -1.25 3.40
N GLY B 330 -76.32 -2.57 3.22
CA GLY B 330 -75.28 -3.36 3.87
C GLY B 330 -73.92 -2.98 3.32
N GLU B 331 -73.84 -2.77 2.01
CA GLU B 331 -72.59 -2.39 1.37
C GLU B 331 -72.04 -1.15 2.08
N ARG B 332 -72.88 -0.14 2.23
CA ARG B 332 -72.46 1.10 2.88
C ARG B 332 -72.09 0.88 4.34
N TYR B 333 -72.88 0.10 5.07
CA TYR B 333 -72.58 -0.12 6.45
C TYR B 333 -71.16 -0.73 6.59
N PHE B 334 -70.89 -1.76 5.81
CA PHE B 334 -69.59 -2.43 5.83
C PHE B 334 -68.49 -1.43 5.53
N ALA B 335 -68.74 -0.54 4.58
CA ALA B 335 -67.73 0.46 4.19
C ALA B 335 -67.44 1.35 5.38
N THR B 336 -68.38 1.34 6.31
CA THR B 336 -68.26 2.15 7.51
C THR B 336 -67.47 1.49 8.63
N LYS B 337 -67.30 0.17 8.54
CA LYS B 337 -66.62 -0.57 9.58
C LYS B 337 -65.35 -1.29 9.17
N LEU B 338 -65.36 -1.87 7.99
CA LEU B 338 -64.22 -2.63 7.50
C LEU B 338 -62.88 -1.91 7.57
N VAL B 339 -61.89 -2.54 8.19
CA VAL B 339 -60.57 -1.93 8.27
C VAL B 339 -59.91 -2.05 6.88
N ASP B 340 -60.41 -2.99 6.10
CA ASP B 340 -59.88 -3.27 4.77
C ASP B 340 -60.81 -2.80 3.63
N TYR B 341 -61.74 -1.90 3.93
CA TYR B 341 -62.67 -1.45 2.91
C TYR B 341 -62.12 -1.17 1.52
N ASP B 342 -62.67 -1.88 0.54
CA ASP B 342 -62.29 -1.72 -0.86
C ASP B 342 -63.59 -1.57 -1.66
N PRO B 343 -63.85 -0.38 -2.21
CA PRO B 343 -65.07 -0.12 -2.99
C PRO B 343 -65.48 -1.23 -3.95
N ALA B 344 -64.58 -1.62 -4.84
CA ALA B 344 -64.91 -2.65 -5.82
C ALA B 344 -65.01 -4.06 -5.23
N ILE B 345 -64.12 -4.39 -4.30
CA ILE B 345 -64.14 -5.72 -3.70
C ILE B 345 -65.34 -5.87 -2.79
N ASN B 346 -65.68 -4.82 -2.06
CA ASN B 346 -66.82 -4.89 -1.18
C ASN B 346 -68.09 -4.94 -2.03
N ASN B 347 -68.15 -4.12 -3.07
CA ASN B 347 -69.32 -4.09 -3.93
C ASN B 347 -69.52 -5.44 -4.63
N GLY B 348 -68.45 -5.95 -5.22
CA GLY B 348 -68.53 -7.24 -5.90
C GLY B 348 -69.07 -8.34 -5.01
N ASN B 349 -68.55 -8.43 -3.79
CA ASN B 349 -69.00 -9.45 -2.86
C ASN B 349 -70.47 -9.30 -2.44
N TRP B 350 -70.91 -8.07 -2.20
CA TRP B 350 -72.30 -7.88 -1.80
C TRP B 350 -73.24 -8.33 -2.91
N GLN B 351 -72.98 -7.86 -4.12
CA GLN B 351 -73.84 -8.25 -5.25
C GLN B 351 -73.80 -9.77 -5.46
N TRP B 352 -72.63 -10.37 -5.27
CA TRP B 352 -72.46 -11.81 -5.43
C TRP B 352 -73.42 -12.53 -4.51
N ILE B 353 -73.41 -12.13 -3.24
CA ILE B 353 -74.25 -12.72 -2.20
C ILE B 353 -75.74 -12.47 -2.40
N ALA B 354 -76.08 -11.30 -2.91
CA ALA B 354 -77.48 -10.96 -3.15
C ALA B 354 -77.91 -11.54 -4.48
N SER B 355 -76.99 -12.28 -5.10
CA SER B 355 -77.18 -12.88 -6.43
C SER B 355 -77.76 -11.92 -7.45
N THR B 356 -77.16 -10.74 -7.51
CA THR B 356 -77.53 -9.71 -8.46
C THR B 356 -76.22 -9.42 -9.18
N GLY B 357 -75.23 -10.28 -8.92
CA GLY B 357 -73.92 -10.11 -9.52
C GLY B 357 -73.40 -11.28 -10.32
N VAL B 358 -72.09 -11.49 -10.22
CA VAL B 358 -71.39 -12.54 -10.93
C VAL B 358 -71.90 -13.96 -10.68
N ASP B 359 -72.41 -14.25 -9.49
CA ASP B 359 -72.95 -15.58 -9.24
C ASP B 359 -74.40 -15.50 -9.71
N TYR B 360 -74.72 -16.27 -10.74
CA TYR B 360 -76.06 -16.24 -11.32
C TYR B 360 -77.13 -17.10 -10.60
N MET B 361 -76.68 -18.08 -9.80
CA MET B 361 -77.64 -18.93 -9.07
C MET B 361 -78.13 -18.20 -7.81
N PHE B 362 -79.31 -18.60 -7.32
CA PHE B 362 -79.87 -17.99 -6.11
C PHE B 362 -79.40 -18.81 -4.92
N ARG B 363 -78.22 -18.49 -4.41
CA ARG B 363 -77.63 -19.21 -3.30
C ARG B 363 -78.25 -18.89 -1.94
N VAL B 364 -78.46 -19.92 -1.13
CA VAL B 364 -79.04 -19.75 0.19
C VAL B 364 -78.29 -20.59 1.23
N PHE B 365 -78.19 -20.07 2.45
CA PHE B 365 -77.50 -20.76 3.55
C PHE B 365 -78.44 -20.96 4.74
N ASN B 366 -78.24 -22.06 5.46
CA ASN B 366 -79.06 -22.34 6.64
C ASN B 366 -78.31 -21.80 7.85
N PRO B 367 -78.77 -20.67 8.41
CA PRO B 367 -78.13 -20.06 9.57
C PRO B 367 -77.71 -21.04 10.66
N TRP B 368 -78.64 -21.87 11.08
CA TRP B 368 -78.34 -22.82 12.14
C TRP B 368 -77.38 -23.92 11.71
N LYS B 369 -77.58 -24.45 10.51
CA LYS B 369 -76.70 -25.51 10.02
C LYS B 369 -75.29 -24.97 9.89
N GLN B 370 -75.19 -23.78 9.30
CA GLN B 370 -73.92 -23.11 9.11
C GLN B 370 -73.25 -22.85 10.46
N GLN B 371 -74.02 -22.23 11.36
CA GLN B 371 -73.54 -21.90 12.69
C GLN B 371 -72.94 -23.12 13.38
N GLU B 372 -73.64 -24.24 13.26
CA GLU B 372 -73.20 -25.47 13.90
C GLU B 372 -72.00 -26.14 13.27
N LYS B 373 -71.80 -25.92 11.98
CA LYS B 373 -70.67 -26.54 11.30
C LYS B 373 -69.35 -25.80 11.48
N PHE B 374 -69.39 -24.48 11.42
CA PHE B 374 -68.18 -23.67 11.54
C PHE B 374 -67.85 -23.15 12.92
N ASP B 375 -68.71 -23.43 13.89
CA ASP B 375 -68.46 -23.03 15.27
C ASP B 375 -69.13 -24.08 16.17
N PRO B 376 -68.72 -25.35 16.02
CA PRO B 376 -69.24 -26.48 16.78
C PRO B 376 -69.21 -26.30 18.28
N GLU B 377 -68.16 -25.66 18.78
CA GLU B 377 -68.01 -25.45 20.22
C GLU B 377 -68.59 -24.11 20.62
N ALA B 378 -69.08 -23.36 19.64
CA ALA B 378 -69.65 -22.05 19.88
C ALA B 378 -68.60 -21.14 20.54
N LYS B 379 -67.33 -21.46 20.31
CA LYS B 379 -66.23 -20.66 20.87
C LYS B 379 -66.25 -19.24 20.33
N PHE B 380 -66.47 -19.12 19.01
CA PHE B 380 -66.52 -17.81 18.38
C PHE B 380 -67.69 -17.02 18.93
N ILE B 381 -68.86 -17.66 18.94
CA ILE B 381 -70.07 -17.04 19.43
C ILE B 381 -69.92 -16.57 20.87
N LYS B 382 -69.32 -17.43 21.69
CA LYS B 382 -69.11 -17.13 23.11
C LYS B 382 -68.13 -15.97 23.31
N GLU B 383 -67.22 -15.82 22.36
CA GLU B 383 -66.21 -14.78 22.44
C GLU B 383 -66.76 -13.40 22.12
N TRP B 384 -67.87 -13.34 21.39
CA TRP B 384 -68.42 -12.04 21.02
C TRP B 384 -69.84 -11.73 21.49
N VAL B 385 -70.62 -12.76 21.79
CA VAL B 385 -71.98 -12.54 22.28
C VAL B 385 -71.97 -12.70 23.79
N GLU B 386 -71.87 -11.57 24.48
CA GLU B 386 -71.84 -11.51 25.95
C GLU B 386 -72.82 -12.45 26.66
N GLU B 387 -74.11 -12.28 26.39
CA GLU B 387 -75.16 -13.07 27.00
C GLU B 387 -75.03 -14.58 26.88
N LEU B 388 -74.57 -15.09 25.74
CA LEU B 388 -74.45 -16.54 25.58
C LEU B 388 -73.12 -17.05 26.11
N LYS B 389 -72.38 -16.18 26.79
CA LYS B 389 -71.07 -16.54 27.32
C LYS B 389 -71.00 -17.84 28.12
N ASP B 390 -72.08 -18.18 28.82
CA ASP B 390 -72.07 -19.40 29.63
C ASP B 390 -73.06 -20.47 29.20
N VAL B 391 -73.89 -20.16 28.21
CA VAL B 391 -74.85 -21.14 27.71
C VAL B 391 -74.05 -22.23 27.01
N PRO B 392 -74.31 -23.51 27.33
CA PRO B 392 -73.56 -24.58 26.66
C PRO B 392 -73.88 -24.62 25.17
N PRO B 393 -72.86 -24.88 24.34
CA PRO B 393 -72.99 -24.94 22.88
C PRO B 393 -74.24 -25.63 22.36
N SER B 394 -74.50 -26.83 22.88
CA SER B 394 -75.66 -27.61 22.49
C SER B 394 -76.93 -26.77 22.42
N ILE B 395 -77.15 -25.96 23.46
CA ILE B 395 -78.31 -25.08 23.52
C ILE B 395 -78.20 -23.94 22.52
N ILE B 396 -77.05 -23.26 22.54
CA ILE B 396 -76.81 -22.15 21.62
C ILE B 396 -77.19 -22.54 20.17
N HIS B 397 -76.81 -23.75 19.75
CA HIS B 397 -77.12 -24.21 18.40
C HIS B 397 -78.60 -24.51 18.19
N SER B 398 -79.40 -24.33 19.24
CA SER B 398 -80.84 -24.59 19.15
C SER B 398 -81.57 -23.51 19.94
N ILE B 399 -80.85 -22.45 20.28
CA ILE B 399 -81.39 -21.35 21.07
C ILE B 399 -82.72 -20.79 20.56
N TYR B 400 -83.17 -21.28 19.40
CA TYR B 400 -84.43 -20.83 18.85
C TYR B 400 -85.58 -21.59 19.53
N LYS B 401 -85.22 -22.68 20.20
CA LYS B 401 -86.18 -23.51 20.93
C LYS B 401 -86.37 -22.96 22.34
N THR B 402 -85.27 -22.45 22.91
CA THR B 402 -85.28 -21.89 24.25
C THR B 402 -85.43 -20.36 24.18
N LYS B 403 -84.86 -19.69 25.16
CA LYS B 403 -84.91 -18.25 25.24
C LYS B 403 -84.12 -17.81 26.46
N VAL B 404 -82.81 -17.74 26.30
CA VAL B 404 -81.93 -17.36 27.39
C VAL B 404 -82.12 -15.87 27.71
N PRO B 405 -81.84 -15.47 28.96
CA PRO B 405 -82.00 -14.08 29.40
C PRO B 405 -81.09 -13.09 28.70
N GLY B 406 -81.66 -11.94 28.34
CA GLY B 406 -80.89 -10.89 27.68
C GLY B 406 -80.55 -11.11 26.22
N TYR B 407 -80.89 -12.28 25.69
CA TYR B 407 -80.60 -12.54 24.29
C TYR B 407 -81.90 -12.64 23.52
N PRO B 408 -82.15 -11.69 22.61
CA PRO B 408 -83.39 -11.72 21.84
C PRO B 408 -83.54 -13.04 21.09
N SER B 409 -84.77 -13.50 20.97
CA SER B 409 -85.03 -14.73 20.25
C SER B 409 -85.10 -14.32 18.77
N PRO B 410 -84.90 -15.28 17.85
CA PRO B 410 -84.93 -14.98 16.42
C PRO B 410 -85.95 -13.92 16.02
N ILE B 411 -85.44 -12.89 15.34
CA ILE B 411 -86.25 -11.77 14.90
C ILE B 411 -87.09 -12.06 13.65
N VAL B 412 -87.03 -13.30 13.18
CA VAL B 412 -87.78 -13.77 12.00
C VAL B 412 -87.43 -15.23 11.77
N ASN B 413 -88.23 -15.91 10.96
CA ASN B 413 -87.95 -17.30 10.61
C ASN B 413 -87.29 -17.22 9.24
N TRP B 414 -86.00 -17.52 9.19
CA TRP B 414 -85.25 -17.44 7.95
C TRP B 414 -85.86 -18.23 6.79
N LEU B 415 -86.32 -19.45 7.06
CA LEU B 415 -86.88 -20.28 6.00
C LEU B 415 -88.06 -19.65 5.25
N GLU B 416 -89.03 -19.11 5.98
CA GLU B 416 -90.17 -18.47 5.35
C GLU B 416 -89.69 -17.26 4.55
N ARG B 417 -88.88 -16.43 5.19
CA ARG B 417 -88.35 -15.22 4.57
C ARG B 417 -87.61 -15.54 3.27
N VAL B 418 -86.63 -16.43 3.35
CA VAL B 418 -85.84 -16.80 2.17
C VAL B 418 -86.74 -17.21 0.99
N ASN B 419 -87.81 -17.94 1.28
CA ASN B 419 -88.72 -18.35 0.22
C ASN B 419 -89.42 -17.15 -0.37
N TYR B 420 -89.84 -16.23 0.49
CA TYR B 420 -90.52 -15.04 0.01
C TYR B 420 -89.57 -14.18 -0.83
N VAL B 421 -88.38 -13.94 -0.31
CA VAL B 421 -87.40 -13.13 -1.02
C VAL B 421 -87.12 -13.71 -2.40
N LYS B 422 -87.00 -15.04 -2.47
CA LYS B 422 -86.73 -15.68 -3.75
C LYS B 422 -87.90 -15.54 -4.73
N SER B 423 -89.11 -15.71 -4.23
CA SER B 423 -90.29 -15.58 -5.09
C SER B 423 -90.28 -14.16 -5.67
N GLU B 424 -89.90 -13.19 -4.83
CA GLU B 424 -89.83 -11.81 -5.25
C GLU B 424 -88.80 -11.60 -6.36
N TYR B 425 -87.73 -12.39 -6.32
CA TYR B 425 -86.68 -12.31 -7.33
C TYR B 425 -87.22 -12.87 -8.64
N LYS B 426 -87.74 -14.10 -8.59
CA LYS B 426 -88.29 -14.77 -9.77
C LYS B 426 -89.35 -13.85 -10.36
N ASN B 427 -90.09 -13.21 -9.48
CA ASN B 427 -91.14 -12.27 -9.84
C ASN B 427 -90.62 -11.19 -10.78
N VAL B 428 -89.59 -10.47 -10.32
CA VAL B 428 -88.97 -9.39 -11.09
C VAL B 428 -88.63 -9.83 -12.52
N LYS B 429 -88.11 -11.05 -12.66
CA LYS B 429 -87.74 -11.59 -13.96
C LYS B 429 -88.99 -11.87 -14.78
N ALA B 430 -89.97 -12.52 -14.15
CA ALA B 430 -91.23 -12.86 -14.81
C ALA B 430 -92.08 -11.63 -15.14
N VAL B 431 -91.47 -10.69 -15.85
CA VAL B 431 -92.15 -9.46 -16.27
C VAL B 431 -91.21 -8.64 -17.16
N MET C 1 75.39 8.70 -5.23
CA MET C 1 75.72 7.25 -5.09
C MET C 1 74.79 6.42 -5.96
N ASP C 2 75.09 5.14 -6.07
CA ASP C 2 74.24 4.21 -6.81
C ASP C 2 73.59 3.39 -5.72
N CYS C 3 72.33 3.68 -5.41
CA CYS C 3 71.67 2.95 -4.36
C CYS C 3 70.37 2.27 -4.76
N ILE C 4 69.87 1.43 -3.86
CA ILE C 4 68.65 0.64 -4.04
C ILE C 4 67.53 0.96 -3.07
N PHE C 5 66.30 0.99 -3.58
CA PHE C 5 65.15 1.19 -2.71
C PHE C 5 64.30 -0.07 -2.80
N ILE C 6 63.97 -0.65 -1.64
CA ILE C 6 63.15 -1.87 -1.62
C ILE C 6 61.70 -1.63 -1.21
N PHE C 7 60.77 -1.87 -2.13
CA PHE C 7 59.36 -1.71 -1.83
C PHE C 7 58.94 -2.94 -1.06
N ARG C 8 57.94 -2.80 -0.21
CA ARG C 8 57.46 -3.95 0.54
C ARG C 8 55.98 -3.83 0.76
N ARG C 9 55.58 -2.72 1.39
CA ARG C 9 54.19 -2.51 1.75
C ARG C 9 53.82 -1.06 1.47
N ASP C 10 54.68 -0.38 0.71
CA ASP C 10 54.53 1.03 0.33
C ASP C 10 54.46 1.14 -1.18
N LEU C 11 53.53 0.40 -1.78
CA LEU C 11 53.41 0.35 -3.23
C LEU C 11 52.94 1.61 -3.95
N ARG C 12 53.80 2.63 -3.97
CA ARG C 12 53.50 3.89 -4.63
C ARG C 12 54.78 4.71 -4.82
N LEU C 13 54.71 5.73 -5.68
CA LEU C 13 55.87 6.58 -5.92
C LEU C 13 55.64 7.96 -5.31
N GLU C 14 54.41 8.23 -4.89
CA GLU C 14 54.06 9.51 -4.29
C GLU C 14 54.11 9.44 -2.77
N ASP C 15 54.63 10.49 -2.15
CA ASP C 15 54.75 10.56 -0.69
C ASP C 15 55.26 9.29 -0.04
N ASN C 16 56.37 8.80 -0.54
CA ASN C 16 56.98 7.61 0.03
C ASN C 16 58.27 8.11 0.66
N THR C 17 58.25 8.19 1.99
CA THR C 17 59.39 8.70 2.78
C THR C 17 60.75 8.14 2.39
N GLY C 18 60.95 6.85 2.63
CA GLY C 18 62.21 6.23 2.29
C GLY C 18 62.60 6.43 0.84
N LEU C 19 61.62 6.32 -0.05
CA LEU C 19 61.91 6.50 -1.47
C LEU C 19 62.35 7.93 -1.74
N ASN C 20 61.71 8.89 -1.07
CA ASN C 20 62.07 10.30 -1.24
C ASN C 20 63.53 10.52 -0.87
N TYR C 21 63.92 10.09 0.32
CA TYR C 21 65.30 10.25 0.74
C TYR C 21 66.25 9.58 -0.24
N ALA C 22 65.88 8.40 -0.71
CA ALA C 22 66.70 7.68 -1.66
C ALA C 22 66.92 8.52 -2.92
N LEU C 23 65.84 9.07 -3.46
CA LEU C 23 65.91 9.84 -4.68
C LEU C 23 66.73 11.12 -4.56
N SER C 24 66.66 11.76 -3.39
CA SER C 24 67.39 13.00 -3.20
C SER C 24 68.83 12.79 -2.71
N GLU C 25 69.11 11.64 -2.10
CA GLU C 25 70.46 11.38 -1.61
C GLU C 25 71.38 10.65 -2.57
N CYS C 26 70.84 9.91 -3.53
CA CYS C 26 71.70 9.19 -4.48
C CYS C 26 71.50 9.70 -5.90
N ASP C 27 72.41 9.34 -6.79
CA ASP C 27 72.32 9.75 -8.18
C ASP C 27 71.30 8.92 -8.93
N ARG C 28 71.39 7.60 -8.79
CA ARG C 28 70.47 6.70 -9.45
C ARG C 28 69.85 5.80 -8.37
N VAL C 29 68.59 5.43 -8.57
CA VAL C 29 67.91 4.57 -7.60
C VAL C 29 67.26 3.41 -8.35
N ILE C 30 67.57 2.20 -7.94
CA ILE C 30 66.99 1.02 -8.56
C ILE C 30 65.81 0.55 -7.72
N PRO C 31 64.58 0.63 -8.28
CA PRO C 31 63.39 0.19 -7.55
C PRO C 31 63.28 -1.35 -7.53
N VAL C 32 63.30 -1.90 -6.32
CA VAL C 32 63.28 -3.33 -6.14
C VAL C 32 62.12 -3.86 -5.30
N PHE C 33 61.67 -5.06 -5.63
CA PHE C 33 60.63 -5.75 -4.86
C PHE C 33 61.10 -7.20 -4.78
N ILE C 34 61.12 -7.74 -3.56
CA ILE C 34 61.58 -9.09 -3.36
C ILE C 34 60.46 -10.02 -2.97
N ALA C 35 60.22 -11.02 -3.81
CA ALA C 35 59.18 -12.02 -3.56
C ALA C 35 59.83 -13.00 -2.59
N ASP C 36 59.33 -13.00 -1.36
CA ASP C 36 59.87 -13.83 -0.30
C ASP C 36 59.07 -15.10 -0.09
N PRO C 37 59.71 -16.27 -0.27
CA PRO C 37 59.03 -17.56 -0.10
C PRO C 37 58.42 -17.74 1.29
N ARG C 38 58.95 -17.05 2.29
CA ARG C 38 58.42 -17.17 3.65
C ARG C 38 57.04 -16.53 3.73
N GLN C 39 56.74 -15.67 2.78
CA GLN C 39 55.48 -14.96 2.74
C GLN C 39 54.54 -15.46 1.64
N LEU C 40 55.11 -15.93 0.53
CA LEU C 40 54.31 -16.41 -0.58
C LEU C 40 54.10 -17.92 -0.72
N ILE C 41 54.96 -18.71 -0.09
CA ILE C 41 54.88 -20.17 -0.16
C ILE C 41 54.81 -20.83 1.22
N ASN C 42 53.72 -21.56 1.45
CA ASN C 42 53.52 -22.23 2.73
C ASN C 42 53.50 -21.24 3.90
N ASN C 43 52.64 -20.25 3.78
CA ASN C 43 52.47 -19.24 4.79
C ASN C 43 51.10 -19.56 5.37
N PRO C 44 51.06 -20.06 6.61
CA PRO C 44 49.76 -20.38 7.20
C PRO C 44 48.83 -19.16 7.28
N TYR C 45 49.41 -17.98 7.33
CA TYR C 45 48.66 -16.74 7.46
C TYR C 45 48.47 -15.99 6.16
N LYS C 46 48.63 -16.70 5.05
CA LYS C 46 48.50 -16.05 3.76
C LYS C 46 47.07 -15.98 3.25
N SER C 47 46.76 -14.89 2.57
CA SER C 47 45.45 -14.66 2.00
C SER C 47 45.62 -14.60 0.49
N GLU C 48 44.86 -15.39 -0.25
CA GLU C 48 44.98 -15.35 -1.71
C GLU C 48 44.49 -14.00 -2.22
N PHE C 49 43.41 -13.49 -1.61
CA PHE C 49 42.87 -12.21 -2.03
C PHE C 49 43.87 -11.09 -1.82
N ALA C 50 44.49 -11.05 -0.64
CA ALA C 50 45.50 -10.04 -0.33
C ALA C 50 46.66 -10.06 -1.32
N VAL C 51 47.10 -11.28 -1.65
CA VAL C 51 48.21 -11.46 -2.57
C VAL C 51 47.89 -10.92 -3.97
N SER C 52 46.69 -11.19 -4.45
CA SER C 52 46.29 -10.73 -5.77
C SER C 52 46.32 -9.21 -5.79
N PHE C 53 45.76 -8.63 -4.74
CA PHE C 53 45.71 -7.17 -4.61
C PHE C 53 47.11 -6.58 -4.62
N MET C 54 48.03 -7.23 -3.92
CA MET C 54 49.40 -6.76 -3.87
C MET C 54 50.02 -6.87 -5.27
N ILE C 55 49.87 -8.03 -5.91
CA ILE C 55 50.40 -8.23 -7.25
C ILE C 55 49.81 -7.19 -8.23
N ASN C 56 48.50 -7.00 -8.20
CA ASN C 56 47.90 -6.00 -9.07
C ASN C 56 48.48 -4.62 -8.78
N SER C 57 48.67 -4.30 -7.50
CA SER C 57 49.23 -3.03 -7.14
C SER C 57 50.67 -2.95 -7.62
N LEU C 58 51.39 -4.07 -7.57
CA LEU C 58 52.76 -4.14 -8.03
C LEU C 58 52.82 -3.96 -9.55
N LEU C 59 51.81 -4.48 -10.26
CA LEU C 59 51.76 -4.32 -11.70
C LEU C 59 51.56 -2.84 -12.03
N GLU C 60 50.66 -2.17 -11.30
CA GLU C 60 50.39 -0.76 -11.53
C GLU C 60 51.64 0.07 -11.24
N LEU C 61 52.32 -0.25 -10.14
CA LEU C 61 53.52 0.47 -9.75
C LEU C 61 54.58 0.32 -10.85
N ASP C 62 54.60 -0.84 -11.51
CA ASP C 62 55.57 -1.07 -12.56
C ASP C 62 55.32 -0.15 -13.76
N ASP C 63 54.06 0.18 -14.02
CA ASP C 63 53.72 1.08 -15.12
C ASP C 63 54.21 2.47 -14.80
N GLU C 64 53.99 2.91 -13.58
CA GLU C 64 54.42 4.23 -13.18
C GLU C 64 55.94 4.35 -13.35
N LEU C 65 56.63 3.24 -13.12
CA LEU C 65 58.08 3.21 -13.24
C LEU C 65 58.51 3.25 -14.70
N ARG C 66 57.74 2.59 -15.56
CA ARG C 66 58.09 2.58 -16.98
C ARG C 66 57.89 3.95 -17.60
N LYS C 67 56.98 4.73 -17.03
CA LYS C 67 56.73 6.08 -17.53
C LYS C 67 57.87 6.98 -17.08
N LYS C 68 58.87 6.40 -16.43
CA LYS C 68 60.02 7.16 -15.96
C LYS C 68 61.30 6.51 -16.46
N GLY C 69 61.17 5.75 -17.55
CA GLY C 69 62.31 5.10 -18.15
C GLY C 69 62.97 4.14 -17.19
N SER C 70 62.14 3.41 -16.46
CA SER C 70 62.63 2.44 -15.50
C SER C 70 61.62 1.30 -15.47
N ARG C 71 61.67 0.48 -14.43
CA ARG C 71 60.71 -0.61 -14.27
C ARG C 71 61.01 -1.26 -12.96
N LEU C 72 60.06 -2.04 -12.46
CA LEU C 72 60.25 -2.71 -11.19
C LEU C 72 61.24 -3.86 -11.38
N ASN C 73 62.28 -3.90 -10.54
CA ASN C 73 63.30 -4.94 -10.59
C ASN C 73 62.92 -6.02 -9.57
N VAL C 74 62.48 -7.18 -10.05
CA VAL C 74 62.06 -8.24 -9.15
C VAL C 74 63.06 -9.35 -8.88
N PHE C 75 63.10 -9.78 -7.63
CA PHE C 75 64.01 -10.84 -7.19
C PHE C 75 63.22 -11.86 -6.37
N PHE C 76 63.77 -13.06 -6.20
CA PHE C 76 63.08 -14.07 -5.43
C PHE C 76 63.97 -14.67 -4.36
N GLY C 77 63.40 -14.93 -3.18
CA GLY C 77 64.16 -15.50 -2.09
C GLY C 77 63.93 -14.76 -0.79
N GLU C 78 64.61 -15.17 0.28
CA GLU C 78 64.46 -14.49 1.56
C GLU C 78 65.25 -13.17 1.46
N ALA C 79 64.58 -12.08 1.81
CA ALA C 79 65.19 -10.76 1.73
C ALA C 79 66.68 -10.69 2.07
N GLU C 80 67.05 -11.16 3.26
CA GLU C 80 68.45 -11.12 3.66
C GLU C 80 69.38 -11.85 2.69
N LYS C 81 68.97 -13.03 2.26
CA LYS C 81 69.78 -13.81 1.33
C LYS C 81 69.87 -13.16 -0.04
N VAL C 82 68.80 -12.51 -0.47
CA VAL C 82 68.78 -11.84 -1.76
C VAL C 82 69.77 -10.68 -1.79
N VAL C 83 69.70 -9.83 -0.78
CA VAL C 83 70.60 -8.67 -0.66
C VAL C 83 72.01 -9.20 -0.78
N SER C 84 72.27 -10.23 0.01
CA SER C 84 73.56 -10.88 0.06
C SER C 84 74.06 -11.35 -1.32
N ARG C 85 73.21 -12.05 -2.07
CA ARG C 85 73.62 -12.55 -3.37
C ARG C 85 73.77 -11.50 -4.46
N PHE C 86 72.81 -10.59 -4.55
CA PHE C 86 72.82 -9.59 -5.62
C PHE C 86 73.29 -8.16 -5.37
N PHE C 87 73.13 -7.64 -4.16
CA PHE C 87 73.50 -6.24 -3.92
C PHE C 87 74.80 -5.97 -3.19
N ASN C 88 75.62 -6.99 -3.00
CA ASN C 88 76.88 -6.81 -2.30
C ASN C 88 77.76 -5.64 -2.80
N LYS C 89 77.55 -5.18 -4.04
CA LYS C 89 78.36 -4.08 -4.57
C LYS C 89 77.70 -2.71 -4.69
N VAL C 90 76.46 -2.59 -4.21
CA VAL C 90 75.72 -1.34 -4.26
C VAL C 90 76.18 -0.44 -3.10
N ASP C 91 75.94 0.86 -3.21
CA ASP C 91 76.35 1.82 -2.19
C ASP C 91 75.51 1.83 -0.93
N ALA C 92 74.21 2.00 -1.12
CA ALA C 92 73.29 2.05 -0.01
C ALA C 92 71.99 1.36 -0.38
N ILE C 93 71.20 1.07 0.65
CA ILE C 93 69.91 0.44 0.49
C ILE C 93 68.94 1.22 1.35
N TYR C 94 67.83 1.64 0.75
CA TYR C 94 66.83 2.41 1.47
C TYR C 94 65.54 1.62 1.60
N VAL C 95 64.85 1.78 2.73
CA VAL C 95 63.58 1.11 2.96
C VAL C 95 62.78 1.86 4.03
N ASN C 96 61.54 1.42 4.21
CA ASN C 96 60.65 1.98 5.22
C ASN C 96 60.49 0.89 6.26
N GLU C 97 60.93 1.17 7.47
CA GLU C 97 60.85 0.19 8.55
C GLU C 97 59.41 -0.24 8.79
N ASP C 98 59.24 -1.45 9.30
CA ASP C 98 57.91 -1.94 9.64
C ASP C 98 57.97 -2.25 11.14
N TYR C 99 56.88 -2.74 11.69
CA TYR C 99 56.80 -2.97 13.12
C TYR C 99 56.40 -4.34 13.62
N THR C 100 56.63 -5.39 12.83
CA THR C 100 56.28 -6.73 13.32
C THR C 100 57.56 -7.49 13.52
N PRO C 101 57.51 -8.49 14.41
CA PRO C 101 58.69 -9.32 14.69
C PRO C 101 59.41 -9.76 13.40
N PHE C 102 58.65 -10.34 12.48
CA PHE C 102 59.19 -10.81 11.22
C PHE C 102 59.92 -9.73 10.47
N SER C 103 59.33 -8.54 10.46
CA SER C 103 59.93 -7.40 9.76
C SER C 103 61.15 -6.86 10.46
N ILE C 104 61.11 -6.86 11.79
CA ILE C 104 62.24 -6.35 12.55
C ILE C 104 63.46 -7.27 12.42
N SER C 105 63.25 -8.58 12.50
CA SER C 105 64.38 -9.47 12.39
C SER C 105 64.88 -9.54 10.97
N ARG C 106 63.97 -9.35 10.01
CA ARG C 106 64.36 -9.39 8.62
C ARG C 106 65.31 -8.24 8.31
N ASP C 107 65.02 -7.08 8.90
CA ASP C 107 65.84 -5.91 8.67
C ASP C 107 67.15 -5.98 9.44
N GLU C 108 67.14 -6.65 10.58
CA GLU C 108 68.37 -6.81 11.35
C GLU C 108 69.35 -7.63 10.51
N LYS C 109 68.84 -8.69 9.90
CA LYS C 109 69.70 -9.53 9.09
C LYS C 109 70.17 -8.74 7.89
N ILE C 110 69.31 -7.93 7.29
CA ILE C 110 69.75 -7.15 6.13
C ILE C 110 70.84 -6.18 6.58
N ARG C 111 70.68 -5.63 7.78
CA ARG C 111 71.66 -4.70 8.31
C ARG C 111 73.01 -5.39 8.48
N LYS C 112 73.01 -6.57 9.09
CA LYS C 112 74.25 -7.32 9.26
C LYS C 112 74.93 -7.54 7.90
N VAL C 113 74.19 -8.06 6.94
CA VAL C 113 74.72 -8.30 5.61
C VAL C 113 75.25 -7.00 5.01
N CYS C 114 74.62 -5.89 5.35
CA CYS C 114 75.03 -4.60 4.82
C CYS C 114 76.35 -4.09 5.38
N GLU C 115 76.53 -4.27 6.69
CA GLU C 115 77.76 -3.84 7.36
C GLU C 115 78.96 -4.67 6.89
N GLU C 116 78.73 -5.94 6.59
CA GLU C 116 79.79 -6.82 6.14
C GLU C 116 79.98 -6.77 4.63
N ASN C 117 79.67 -5.62 4.04
CA ASN C 117 79.82 -5.45 2.60
C ASN C 117 79.99 -3.99 2.28
N GLY C 118 79.95 -3.17 3.33
CA GLY C 118 80.12 -1.75 3.17
C GLY C 118 78.93 -1.04 2.53
N ILE C 119 77.74 -1.60 2.72
CA ILE C 119 76.54 -1.00 2.15
C ILE C 119 75.84 -0.25 3.26
N GLU C 120 75.50 1.00 3.02
CA GLU C 120 74.79 1.76 4.04
C GLU C 120 73.32 1.33 4.03
N PHE C 121 72.78 1.03 5.21
CA PHE C 121 71.39 0.60 5.29
C PHE C 121 70.57 1.67 5.97
N LYS C 122 69.70 2.32 5.22
CA LYS C 122 68.88 3.38 5.78
C LYS C 122 67.38 3.06 5.82
N ALA C 123 66.81 3.03 7.02
CA ALA C 123 65.38 2.75 7.16
C ALA C 123 64.66 4.01 7.67
N TYR C 124 63.46 4.27 7.17
CA TYR C 124 62.71 5.47 7.57
C TYR C 124 61.29 5.13 8.00
N GLU C 125 60.69 6.03 8.79
CA GLU C 125 59.32 5.87 9.24
C GLU C 125 58.42 6.39 8.13
N ASP C 126 57.38 5.63 7.78
CA ASP C 126 56.46 6.04 6.72
C ASP C 126 55.05 5.50 6.93
N TYR C 127 54.94 4.28 7.42
CA TYR C 127 53.62 3.67 7.60
C TYR C 127 52.74 4.34 8.64
N LEU C 128 53.33 4.93 9.66
CA LEU C 128 52.53 5.57 10.71
C LEU C 128 52.22 7.04 10.46
N LEU C 129 51.10 7.47 11.03
CA LEU C 129 50.63 8.84 10.92
C LEU C 129 51.35 9.67 11.97
N THR C 130 51.77 9.01 13.04
CA THR C 130 52.45 9.65 14.17
C THR C 130 53.79 8.99 14.49
N PRO C 131 54.74 9.76 15.04
CA PRO C 131 56.07 9.25 15.40
C PRO C 131 55.93 8.18 16.48
N LYS C 132 56.65 7.08 16.33
CA LYS C 132 56.53 5.99 17.29
C LYS C 132 56.99 6.28 18.70
N SER C 133 57.87 7.28 18.85
CA SER C 133 58.34 7.61 20.18
C SER C 133 57.18 8.10 21.03
N LEU C 134 56.16 8.67 20.39
CA LEU C 134 55.00 9.19 21.08
C LEU C 134 54.05 8.18 21.70
N PHE C 135 54.32 6.88 21.59
CA PHE C 135 53.40 5.91 22.18
C PHE C 135 53.73 5.52 23.62
N HIS C 136 52.72 5.54 24.49
CA HIS C 136 52.87 5.19 25.89
C HIS C 136 51.48 5.21 26.52
N HIS C 137 50.47 4.72 25.78
CA HIS C 137 49.11 4.76 26.30
C HIS C 137 48.41 3.43 26.53
N ARG C 138 47.52 3.43 27.51
CA ARG C 138 46.78 2.23 27.90
C ARG C 138 45.63 1.90 26.96
N ASN C 139 44.89 2.93 26.57
CA ASN C 139 43.76 2.76 25.68
C ASN C 139 43.82 3.76 24.54
N PHE C 140 42.93 3.58 23.58
CA PHE C 140 42.89 4.43 22.40
C PHE C 140 42.52 5.89 22.65
N THR C 141 41.49 6.14 23.43
CA THR C 141 41.04 7.51 23.66
C THR C 141 42.15 8.38 24.25
N SER C 142 42.93 7.79 25.17
CA SER C 142 44.03 8.51 25.79
C SER C 142 45.06 8.86 24.70
N PHE C 143 45.39 7.85 23.89
CA PHE C 143 46.33 7.97 22.79
C PHE C 143 45.95 9.03 21.76
N TYR C 144 44.72 8.95 21.28
CA TYR C 144 44.21 9.89 20.29
C TYR C 144 44.25 11.34 20.76
N ASN C 145 43.70 11.60 21.94
CA ASN C 145 43.67 12.96 22.47
C ASN C 145 45.06 13.57 22.58
N GLU C 146 46.04 12.78 22.99
CA GLU C 146 47.39 13.27 23.15
C GLU C 146 48.10 13.42 21.81
N VAL C 147 48.03 12.39 20.97
CA VAL C 147 48.72 12.42 19.68
C VAL C 147 48.06 13.23 18.54
N SER C 148 46.74 13.34 18.55
CA SER C 148 46.05 14.09 17.50
C SER C 148 46.41 15.57 17.55
N LYS C 149 46.92 16.05 18.68
CA LYS C 149 47.30 17.45 18.80
C LYS C 149 48.56 17.71 17.98
N VAL C 150 49.30 16.65 17.68
CA VAL C 150 50.53 16.75 16.90
C VAL C 150 50.16 17.00 15.43
N LYS C 151 51.04 17.67 14.70
CA LYS C 151 50.77 17.96 13.31
C LYS C 151 51.30 16.89 12.37
N VAL C 152 50.40 16.34 11.55
CA VAL C 152 50.73 15.31 10.60
C VAL C 152 51.60 15.90 9.50
N ARG C 153 52.68 15.20 9.15
CA ARG C 153 53.55 15.68 8.10
C ARG C 153 52.76 15.70 6.79
N GLU C 154 53.00 16.71 5.98
CA GLU C 154 52.29 16.84 4.70
C GLU C 154 52.92 15.97 3.61
N PRO C 155 52.09 15.46 2.69
CA PRO C 155 52.63 14.61 1.63
C PRO C 155 53.64 15.39 0.82
N GLU C 156 54.58 14.69 0.20
CA GLU C 156 55.56 15.34 -0.65
C GLU C 156 56.32 14.28 -1.44
N THR C 157 56.89 14.70 -2.56
CA THR C 157 57.63 13.79 -3.42
C THR C 157 58.90 14.43 -3.93
N MET C 158 60.01 13.74 -3.79
CA MET C 158 61.28 14.26 -4.27
C MET C 158 61.52 13.80 -5.69
N GLU C 159 62.25 14.60 -6.45
CA GLU C 159 62.58 14.27 -7.82
C GLU C 159 63.93 13.56 -7.76
N GLY C 160 64.18 12.65 -8.70
CA GLY C 160 65.44 11.92 -8.73
C GLY C 160 65.58 11.14 -10.02
N SER C 161 66.33 10.04 -10.00
CA SER C 161 66.50 9.24 -11.20
C SER C 161 66.39 7.76 -10.93
N PHE C 162 65.49 7.11 -11.66
CA PHE C 162 65.30 5.68 -11.51
C PHE C 162 66.12 4.89 -12.54
N ASP C 163 66.96 3.99 -12.03
CA ASP C 163 67.78 3.15 -12.89
C ASP C 163 67.20 1.72 -12.90
N VAL C 164 67.83 0.82 -13.65
CA VAL C 164 67.37 -0.55 -13.76
C VAL C 164 68.53 -1.54 -13.71
N THR C 165 68.24 -2.79 -13.42
CA THR C 165 69.24 -3.84 -13.39
C THR C 165 68.79 -4.86 -14.40
N ASP C 166 69.55 -5.00 -15.48
CA ASP C 166 69.19 -5.93 -16.54
C ASP C 166 69.00 -7.36 -16.05
N SER C 167 69.84 -7.82 -15.13
CA SER C 167 69.73 -9.18 -14.61
C SER C 167 68.32 -9.51 -14.05
N SER C 168 67.84 -8.69 -13.13
CA SER C 168 66.55 -8.88 -12.47
C SER C 168 65.38 -9.30 -13.36
N MET C 169 64.43 -9.97 -12.73
CA MET C 169 63.22 -10.40 -13.41
C MET C 169 62.28 -9.21 -13.36
N ASN C 170 61.13 -9.35 -14.02
CA ASN C 170 60.14 -8.28 -14.03
C ASN C 170 58.82 -8.78 -13.46
N VAL C 171 57.90 -7.86 -13.18
CA VAL C 171 56.62 -8.23 -12.60
C VAL C 171 55.93 -9.44 -13.18
N ASP C 172 56.19 -9.74 -14.45
CA ASP C 172 55.57 -10.93 -15.08
C ASP C 172 55.72 -12.14 -14.14
N PHE C 173 56.91 -12.32 -13.59
CA PHE C 173 57.20 -13.43 -12.68
C PHE C 173 56.19 -13.56 -11.55
N LEU C 174 55.74 -12.43 -11.02
CA LEU C 174 54.79 -12.41 -9.92
C LEU C 174 53.42 -12.98 -10.25
N LEU C 175 53.08 -13.07 -11.53
CA LEU C 175 51.78 -13.60 -11.92
C LEU C 175 51.52 -15.04 -11.44
N THR C 176 52.58 -15.77 -11.12
CA THR C 176 52.41 -17.16 -10.65
C THR C 176 51.62 -17.19 -9.35
N PHE C 177 51.88 -16.21 -8.49
CA PHE C 177 51.25 -16.11 -7.19
C PHE C 177 49.85 -15.50 -7.23
N LYS C 178 49.45 -14.91 -8.33
CA LYS C 178 48.12 -14.33 -8.41
C LYS C 178 47.21 -15.46 -8.84
N LYS C 179 46.47 -16.02 -7.89
CA LYS C 179 45.60 -17.15 -8.15
C LYS C 179 44.10 -16.88 -8.13
N ILE C 180 43.65 -16.01 -7.24
CA ILE C 180 42.23 -15.73 -7.15
C ILE C 180 42.01 -14.30 -6.69
N GLU C 181 41.48 -13.47 -7.59
CA GLU C 181 41.24 -12.06 -7.30
C GLU C 181 39.90 -11.76 -6.66
N SER C 182 39.87 -10.74 -5.81
CA SER C 182 38.61 -10.34 -5.17
C SER C 182 37.78 -9.63 -6.22
N PRO C 183 36.50 -10.02 -6.34
CA PRO C 183 35.65 -9.37 -7.32
C PRO C 183 35.35 -7.94 -6.90
N LEU C 184 35.74 -7.63 -5.67
CA LEU C 184 35.47 -6.33 -5.11
C LEU C 184 36.58 -5.29 -5.17
N PHE C 185 37.81 -5.72 -5.48
CA PHE C 185 38.93 -4.79 -5.57
C PHE C 185 39.77 -5.09 -6.79
N ARG C 186 40.55 -4.11 -7.23
CA ARG C 186 41.40 -4.32 -8.38
C ARG C 186 42.83 -3.93 -8.06
N GLY C 187 43.03 -3.35 -6.87
CA GLY C 187 44.36 -2.95 -6.45
C GLY C 187 44.86 -1.72 -7.18
N GLY C 188 46.04 -1.24 -6.82
CA GLY C 188 46.61 -0.05 -7.46
C GLY C 188 46.17 1.29 -6.87
N ARG C 189 47.06 2.28 -7.00
CA ARG C 189 46.82 3.63 -6.50
C ARG C 189 45.64 4.34 -7.15
N ARG C 190 45.44 4.09 -8.44
CA ARG C 190 44.35 4.74 -9.14
C ARG C 190 43.00 4.38 -8.55
N GLU C 191 42.77 3.09 -8.28
CA GLU C 191 41.50 2.67 -7.67
C GLU C 191 41.43 3.26 -6.27
N GLY C 192 42.59 3.30 -5.59
CA GLY C 192 42.65 3.83 -4.25
C GLY C 192 42.15 5.24 -4.14
N LEU C 193 42.67 6.12 -4.98
CA LEU C 193 42.24 7.51 -4.95
C LEU C 193 40.78 7.62 -5.34
N TYR C 194 40.34 6.76 -6.24
CA TYR C 194 38.94 6.82 -6.64
C TYR C 194 38.10 6.56 -5.39
N LEU C 195 38.45 5.53 -4.64
CA LEU C 195 37.71 5.19 -3.41
C LEU C 195 37.80 6.29 -2.37
N LEU C 196 38.99 6.88 -2.24
CA LEU C 196 39.22 7.95 -1.29
C LEU C 196 38.25 9.13 -1.54
N HIS C 197 37.82 9.29 -2.79
CA HIS C 197 36.93 10.39 -3.14
C HIS C 197 35.46 10.07 -3.29
N ARG C 198 35.03 8.86 -2.97
CA ARG C 198 33.60 8.60 -3.05
C ARG C 198 33.02 9.37 -1.88
N ASN C 199 31.85 9.97 -2.05
CA ASN C 199 31.24 10.69 -0.95
C ASN C 199 30.18 9.77 -0.36
N VAL C 200 30.41 9.33 0.87
CA VAL C 200 29.51 8.42 1.55
C VAL C 200 29.04 9.02 2.86
N ASP C 201 27.99 8.44 3.44
CA ASP C 201 27.49 8.91 4.73
C ASP C 201 28.15 8.04 5.79
N PHE C 202 29.36 8.44 6.19
CA PHE C 202 30.14 7.70 7.18
C PHE C 202 29.39 7.45 8.48
N ARG C 203 28.36 8.26 8.70
CA ARG C 203 27.51 8.15 9.87
C ARG C 203 26.82 6.79 9.91
N ARG C 204 26.37 6.34 8.75
CA ARG C 204 25.69 5.07 8.64
C ARG C 204 26.63 3.97 8.17
N ARG C 205 27.89 4.06 8.57
CA ARG C 205 28.88 3.10 8.15
C ARG C 205 28.67 1.70 8.74
N ASP C 206 27.73 1.58 9.67
CA ASP C 206 27.47 0.30 10.31
C ASP C 206 26.54 -0.60 9.50
N TYR C 207 25.72 0.01 8.67
CA TYR C 207 24.77 -0.74 7.86
C TYR C 207 25.45 -1.33 6.63
N PRO C 208 25.66 -2.66 6.63
CA PRO C 208 26.31 -3.38 5.53
C PRO C 208 25.58 -3.24 4.22
N ALA C 209 24.25 -3.28 4.27
CA ALA C 209 23.47 -3.18 3.05
C ALA C 209 23.77 -1.86 2.34
N GLU C 210 23.89 -0.78 3.11
CA GLU C 210 24.19 0.51 2.52
C GLU C 210 25.65 0.45 2.05
N ASN C 211 26.14 1.51 1.44
CA ASN C 211 27.51 1.47 0.96
C ASN C 211 28.27 2.63 1.56
N ASN C 212 28.30 2.69 2.89
CA ASN C 212 28.96 3.81 3.54
C ASN C 212 30.35 3.61 4.09
N ASN C 213 31.08 2.66 3.56
CA ASN C 213 32.45 2.43 4.01
C ASN C 213 33.32 2.76 2.82
N TYR C 214 34.49 3.34 3.07
CA TYR C 214 35.39 3.72 1.99
C TYR C 214 36.10 2.54 1.34
N ARG C 215 36.15 1.41 2.03
CA ARG C 215 36.82 0.23 1.52
C ARG C 215 38.26 0.58 1.16
N LEU C 216 38.91 1.37 2.02
CA LEU C 216 40.29 1.80 1.83
C LEU C 216 41.38 0.95 2.49
N SER C 217 41.01 0.14 3.47
CA SER C 217 41.98 -0.68 4.21
C SER C 217 43.03 -1.38 3.36
N PRO C 218 42.63 -2.10 2.30
CA PRO C 218 43.68 -2.75 1.51
C PRO C 218 44.65 -1.76 0.85
N HIS C 219 44.14 -0.59 0.47
CA HIS C 219 44.99 0.42 -0.14
C HIS C 219 45.94 1.06 0.87
N LEU C 220 45.48 1.21 2.11
CA LEU C 220 46.31 1.77 3.18
C LEU C 220 47.34 0.70 3.62
N LYS C 221 46.87 -0.52 3.82
CA LYS C 221 47.74 -1.61 4.24
C LYS C 221 48.88 -1.84 3.23
N PHE C 222 48.57 -1.84 1.95
CA PHE C 222 49.62 -2.06 0.95
C PHE C 222 50.25 -0.78 0.43
N GLY C 223 49.80 0.35 0.95
CA GLY C 223 50.36 1.62 0.58
C GLY C 223 50.21 2.20 -0.81
N THR C 224 49.09 1.96 -1.48
CA THR C 224 48.92 2.54 -2.80
C THR C 224 48.75 4.05 -2.60
N ILE C 225 48.33 4.45 -1.40
CA ILE C 225 48.19 5.86 -1.00
C ILE C 225 48.76 5.97 0.41
N SER C 226 49.37 7.10 0.75
CA SER C 226 49.94 7.21 2.09
C SER C 226 48.94 7.60 3.14
N MET C 227 49.25 7.19 4.37
CA MET C 227 48.46 7.47 5.56
C MET C 227 48.24 8.97 5.69
N ARG C 228 49.28 9.71 5.32
CA ARG C 228 49.28 11.16 5.34
C ARG C 228 48.37 11.73 4.26
N GLU C 229 48.28 11.05 3.12
CA GLU C 229 47.42 11.51 2.04
C GLU C 229 45.96 11.31 2.42
N ALA C 230 45.63 10.12 2.91
CA ALA C 230 44.26 9.84 3.33
C ALA C 230 43.86 10.91 4.33
N TYR C 231 44.78 11.18 5.26
CA TYR C 231 44.53 12.14 6.31
C TYR C 231 44.21 13.54 5.82
N TYR C 232 45.07 14.12 5.00
CA TYR C 232 44.81 15.46 4.52
C TYR C 232 43.61 15.60 3.60
N THR C 233 43.32 14.56 2.82
CA THR C 233 42.19 14.63 1.92
C THR C 233 40.88 14.62 2.70
N GLN C 234 40.88 13.97 3.85
CA GLN C 234 39.69 13.85 4.67
C GLN C 234 39.81 14.61 6.00
N LYS C 235 40.82 15.47 6.09
CA LYS C 235 41.06 16.22 7.31
C LYS C 235 39.82 16.76 8.00
N GLY C 236 38.83 17.17 7.22
CA GLY C 236 37.63 17.71 7.82
C GLY C 236 36.66 16.72 8.45
N LYS C 237 36.82 15.44 8.16
CA LYS C 237 35.89 14.45 8.70
C LYS C 237 36.42 13.76 9.95
N GLU C 238 36.10 14.35 11.10
CA GLU C 238 36.52 13.85 12.40
C GLU C 238 36.35 12.34 12.63
N GLU C 239 35.19 11.81 12.26
CA GLU C 239 34.93 10.39 12.43
C GLU C 239 35.92 9.52 11.68
N PHE C 240 36.18 9.88 10.42
CA PHE C 240 37.09 9.12 9.59
C PHE C 240 38.53 9.27 10.08
N VAL C 241 38.92 10.48 10.42
CA VAL C 241 40.26 10.72 10.90
C VAL C 241 40.54 9.98 12.22
N ARG C 242 39.56 9.92 13.12
CA ARG C 242 39.78 9.22 14.38
C ARG C 242 39.98 7.75 14.10
N GLU C 243 39.18 7.19 13.19
CA GLU C 243 39.32 5.79 12.89
C GLU C 243 40.62 5.50 12.16
N LEU C 244 41.14 6.50 11.46
CA LEU C 244 42.40 6.31 10.76
C LEU C 244 43.48 6.11 11.81
N TYR C 245 43.31 6.79 12.95
CA TYR C 245 44.26 6.70 14.04
C TYR C 245 44.25 5.35 14.73
N TRP C 246 43.22 4.54 14.49
CA TRP C 246 43.17 3.22 15.10
C TRP C 246 44.22 2.30 14.48
N ARG C 247 44.65 2.61 13.27
CA ARG C 247 45.67 1.82 12.61
C ARG C 247 47.00 2.03 13.30
N ASP C 248 47.30 3.29 13.63
CA ASP C 248 48.54 3.60 14.33
C ASP C 248 48.53 2.95 15.71
N PHE C 249 47.40 3.11 16.41
CA PHE C 249 47.29 2.55 17.74
C PHE C 249 47.59 1.07 17.81
N PHE C 250 46.90 0.26 17.02
CA PHE C 250 47.14 -1.18 17.07
C PHE C 250 48.54 -1.57 16.61
N THR C 251 49.06 -0.86 15.62
CA THR C 251 50.40 -1.14 15.11
C THR C 251 51.42 -0.90 16.22
N LEU C 252 51.35 0.27 16.84
CA LEU C 252 52.26 0.63 17.93
C LEU C 252 52.07 -0.25 19.16
N LEU C 253 50.83 -0.62 19.42
CA LEU C 253 50.55 -1.49 20.54
C LEU C 253 51.38 -2.77 20.33
N ALA C 254 51.26 -3.35 19.14
CA ALA C 254 51.97 -4.58 18.83
C ALA C 254 53.48 -4.36 18.78
N TYR C 255 53.89 -3.20 18.34
CA TYR C 255 55.32 -2.93 18.24
C TYR C 255 55.98 -2.93 19.61
N TYR C 256 55.29 -2.36 20.61
CA TYR C 256 55.83 -2.30 21.96
C TYR C 256 55.44 -3.50 22.84
N ASN C 257 54.65 -4.41 22.29
CA ASN C 257 54.22 -5.61 23.01
C ASN C 257 54.18 -6.78 22.03
N PRO C 258 55.35 -7.20 21.54
CA PRO C 258 55.46 -8.31 20.59
C PRO C 258 54.74 -9.59 21.01
N HIS C 259 54.59 -9.79 22.31
CA HIS C 259 53.94 -11.00 22.79
C HIS C 259 52.48 -11.16 22.31
N VAL C 260 51.86 -10.10 21.81
CA VAL C 260 50.48 -10.24 21.37
C VAL C 260 50.40 -11.26 20.26
N PHE C 261 51.48 -11.43 19.51
CA PHE C 261 51.47 -12.41 18.44
C PHE C 261 51.73 -13.81 19.00
N GLY C 262 50.69 -14.42 19.54
CA GLY C 262 50.83 -15.76 20.11
C GLY C 262 50.24 -15.86 21.50
N HIS C 263 50.22 -14.74 22.22
CA HIS C 263 49.67 -14.69 23.58
C HIS C 263 48.66 -13.56 23.71
N CYS C 264 47.96 -13.56 24.83
CA CYS C 264 46.96 -12.53 25.11
C CYS C 264 47.66 -11.26 25.57
N TYR C 265 47.13 -10.10 25.15
CA TYR C 265 47.70 -8.82 25.54
C TYR C 265 47.77 -8.84 27.07
N ARG C 266 46.64 -9.16 27.69
CA ARG C 266 46.56 -9.28 29.13
C ARG C 266 46.84 -10.74 29.43
N ARG C 267 48.13 -11.05 29.56
CA ARG C 267 48.64 -12.39 29.79
C ARG C 267 47.81 -13.37 30.64
N GLU C 268 47.19 -12.91 31.73
CA GLU C 268 46.41 -13.82 32.58
C GLU C 268 45.46 -14.73 31.83
N TYR C 269 44.82 -14.21 30.80
CA TYR C 269 43.86 -14.98 30.02
C TYR C 269 44.45 -16.06 29.14
N ASP C 270 45.76 -16.27 29.24
CA ASP C 270 46.41 -17.32 28.46
C ASP C 270 46.04 -18.66 29.09
N ASN C 271 45.23 -18.59 30.14
CA ASN C 271 44.77 -19.76 30.87
C ASN C 271 43.34 -20.16 30.60
N ILE C 272 42.66 -19.40 29.74
CA ILE C 272 41.28 -19.72 29.41
C ILE C 272 41.22 -21.10 28.77
N SER C 273 40.24 -21.90 29.16
CA SER C 273 40.11 -23.22 28.61
C SER C 273 39.12 -23.18 27.47
N TRP C 274 39.59 -22.78 26.30
CA TRP C 274 38.74 -22.68 25.12
C TRP C 274 38.14 -24.04 24.79
N GLU C 275 36.83 -24.09 24.63
CA GLU C 275 36.15 -25.34 24.32
C GLU C 275 36.61 -25.85 22.96
N ASN C 276 37.06 -24.94 22.10
CA ASN C 276 37.52 -25.25 20.75
C ASN C 276 36.88 -26.43 20.05
N ASN C 277 35.55 -26.47 20.03
CA ASN C 277 34.85 -27.55 19.36
C ASN C 277 35.02 -27.42 17.84
N GLU C 278 35.98 -28.14 17.28
CA GLU C 278 36.28 -28.11 15.84
C GLU C 278 35.04 -28.14 14.95
N SER C 279 33.95 -28.63 15.49
CA SER C 279 32.71 -28.73 14.74
C SER C 279 32.08 -27.35 14.57
N TYR C 280 31.92 -26.62 15.66
CA TYR C 280 31.34 -25.28 15.60
C TYR C 280 32.21 -24.40 14.72
N PHE C 281 33.52 -24.45 14.92
CA PHE C 281 34.46 -23.66 14.16
C PHE C 281 34.29 -23.85 12.66
N GLU C 282 34.01 -25.09 12.27
CA GLU C 282 33.84 -25.42 10.88
C GLU C 282 32.59 -24.74 10.36
N ALA C 283 31.56 -24.75 11.19
CA ALA C 283 30.27 -24.13 10.87
C ALA C 283 30.41 -22.62 10.70
N TRP C 284 31.26 -22.03 11.54
CA TRP C 284 31.54 -20.60 11.53
C TRP C 284 32.25 -20.18 10.24
N LYS C 285 33.25 -20.94 9.83
CA LYS C 285 33.96 -20.60 8.61
C LYS C 285 33.07 -20.73 7.38
N GLU C 286 32.11 -21.63 7.41
CA GLU C 286 31.24 -21.83 6.26
C GLU C 286 30.01 -20.95 6.26
N GLY C 287 29.74 -20.30 7.38
CA GLY C 287 28.55 -19.46 7.44
C GLY C 287 27.32 -20.35 7.50
N ARG C 288 27.46 -21.47 8.21
CA ARG C 288 26.36 -22.42 8.38
C ARG C 288 26.01 -22.42 9.87
N THR C 289 26.14 -21.27 10.48
CA THR C 289 25.79 -21.12 11.88
C THR C 289 24.29 -20.85 11.76
N GLY C 290 23.54 -20.90 12.84
CA GLY C 290 22.12 -20.65 12.66
C GLY C 290 21.68 -19.20 12.59
N TYR C 291 22.63 -18.28 12.69
CA TYR C 291 22.34 -16.84 12.70
C TYR C 291 22.57 -16.13 11.36
N PRO C 292 21.50 -15.65 10.72
CA PRO C 292 21.56 -14.95 9.44
C PRO C 292 22.66 -13.90 9.26
N ILE C 293 22.75 -12.95 10.18
CA ILE C 293 23.75 -11.90 10.05
C ILE C 293 25.18 -12.43 10.09
N ILE C 294 25.43 -13.44 10.93
CA ILE C 294 26.75 -14.04 11.06
C ILE C 294 27.06 -14.82 9.79
N ASP C 295 26.08 -15.58 9.31
CA ASP C 295 26.26 -16.37 8.10
C ASP C 295 26.53 -15.48 6.91
N ALA C 296 25.79 -14.38 6.83
CA ALA C 296 25.97 -13.45 5.73
C ALA C 296 27.39 -12.91 5.77
N GLY C 297 27.83 -12.49 6.95
CA GLY C 297 29.18 -11.97 7.07
C GLY C 297 30.26 -12.93 6.58
N MET C 298 30.29 -14.13 7.16
CA MET C 298 31.29 -15.12 6.78
C MET C 298 31.26 -15.44 5.29
N ARG C 299 30.06 -15.65 4.76
CA ARG C 299 29.94 -15.97 3.35
C ARG C 299 30.48 -14.85 2.49
N MET C 300 30.16 -13.60 2.84
CA MET C 300 30.67 -12.48 2.05
C MET C 300 32.19 -12.49 2.11
N LEU C 301 32.72 -12.48 3.33
CA LEU C 301 34.15 -12.50 3.55
C LEU C 301 34.82 -13.59 2.71
N ASN C 302 34.23 -14.79 2.70
CA ASN C 302 34.81 -15.90 1.95
C ASN C 302 34.91 -15.68 0.45
N SER C 303 33.89 -15.09 -0.14
CA SER C 303 33.93 -14.91 -1.57
C SER C 303 34.46 -13.56 -1.97
N THR C 304 34.52 -12.63 -1.02
CA THR C 304 34.98 -11.30 -1.35
C THR C 304 36.30 -10.90 -0.67
N GLY C 305 36.56 -11.47 0.49
CA GLY C 305 37.78 -11.15 1.23
C GLY C 305 37.65 -9.83 1.96
N TYR C 306 36.42 -9.35 2.09
CA TYR C 306 36.14 -8.10 2.77
C TYR C 306 34.78 -8.11 3.50
N ILE C 307 34.68 -7.33 4.57
CA ILE C 307 33.43 -7.17 5.32
C ILE C 307 33.65 -5.93 6.13
N ASN C 308 32.62 -5.11 6.32
CA ASN C 308 32.80 -3.88 7.09
C ASN C 308 33.05 -4.17 8.57
N GLY C 309 33.57 -3.17 9.26
CA GLY C 309 33.90 -3.31 10.67
C GLY C 309 32.80 -3.81 11.58
N ARG C 310 31.56 -3.48 11.24
CA ARG C 310 30.46 -3.89 12.07
C ARG C 310 30.31 -5.39 12.02
N VAL C 311 30.21 -5.94 10.82
CA VAL C 311 30.04 -7.37 10.64
C VAL C 311 31.29 -8.08 11.15
N ARG C 312 32.43 -7.48 10.88
CA ARG C 312 33.70 -8.03 11.29
C ARG C 312 33.70 -8.36 12.79
N MET C 313 33.28 -7.42 13.62
CA MET C 313 33.28 -7.73 15.04
C MET C 313 32.13 -8.59 15.53
N LEU C 314 31.02 -8.57 14.82
CA LEU C 314 29.89 -9.40 15.22
C LEU C 314 30.32 -10.85 15.02
N VAL C 315 30.98 -11.07 13.89
CA VAL C 315 31.46 -12.39 13.53
C VAL C 315 32.53 -12.86 14.51
N ALA C 316 33.47 -11.96 14.83
CA ALA C 316 34.54 -12.27 15.75
C ALA C 316 33.98 -12.55 17.12
N PHE C 317 32.99 -11.76 17.53
CA PHE C 317 32.36 -11.92 18.82
C PHE C 317 31.75 -13.32 18.93
N PHE C 318 30.94 -13.68 17.95
CA PHE C 318 30.26 -14.95 17.91
C PHE C 318 31.19 -16.16 18.03
N LEU C 319 32.35 -16.09 17.39
CA LEU C 319 33.28 -17.21 17.46
C LEU C 319 33.93 -17.35 18.84
N VAL C 320 34.29 -16.23 19.43
CA VAL C 320 34.94 -16.29 20.71
C VAL C 320 34.03 -16.40 21.91
N LYS C 321 33.09 -15.47 22.02
CA LYS C 321 32.18 -15.45 23.17
C LYS C 321 30.87 -16.23 23.07
N VAL C 322 30.68 -16.98 21.98
CA VAL C 322 29.47 -17.76 21.84
C VAL C 322 29.79 -19.22 21.49
N LEU C 323 30.69 -19.42 20.55
CA LEU C 323 31.07 -20.78 20.18
C LEU C 323 32.26 -21.19 21.04
N PHE C 324 32.74 -20.24 21.84
CA PHE C 324 33.87 -20.44 22.73
C PHE C 324 35.07 -21.08 22.06
N VAL C 325 35.54 -20.46 20.98
CA VAL C 325 36.71 -20.92 20.23
C VAL C 325 37.83 -19.90 20.41
N ASP C 326 39.05 -20.37 20.61
CA ASP C 326 40.20 -19.49 20.82
C ASP C 326 40.28 -18.41 19.75
N TRP C 327 40.44 -17.16 20.19
CA TRP C 327 40.52 -16.06 19.26
C TRP C 327 41.68 -16.19 18.26
N ARG C 328 42.72 -16.92 18.62
CA ARG C 328 43.85 -17.13 17.71
C ARG C 328 43.40 -17.91 16.49
N TRP C 329 42.42 -18.79 16.67
CA TRP C 329 41.90 -19.58 15.56
C TRP C 329 41.25 -18.64 14.55
N GLY C 330 40.40 -17.75 15.06
CA GLY C 330 39.71 -16.81 14.20
C GLY C 330 40.70 -15.82 13.60
N GLU C 331 41.70 -15.41 14.38
CA GLU C 331 42.71 -14.49 13.89
C GLU C 331 43.36 -15.07 12.66
N ARG C 332 43.78 -16.33 12.75
CA ARG C 332 44.42 -16.97 11.62
C ARG C 332 43.48 -17.15 10.43
N TYR C 333 42.24 -17.54 10.70
CA TYR C 333 41.31 -17.72 9.61
C TYR C 333 41.12 -16.41 8.82
N PHE C 334 40.96 -15.31 9.54
CA PHE C 334 40.79 -13.99 8.92
C PHE C 334 42.00 -13.64 8.10
N ALA C 335 43.18 -13.93 8.64
CA ALA C 335 44.45 -13.64 7.97
C ALA C 335 44.47 -14.37 6.63
N THR C 336 43.65 -15.40 6.56
CA THR C 336 43.55 -16.24 5.40
C THR C 336 42.58 -15.72 4.35
N LYS C 337 41.69 -14.84 4.76
CA LYS C 337 40.69 -14.34 3.83
C LYS C 337 40.74 -12.84 3.52
N LEU C 338 41.05 -12.05 4.54
CA LEU C 338 41.10 -10.60 4.39
C LEU C 338 41.98 -10.09 3.25
N VAL C 339 41.40 -9.25 2.39
CA VAL C 339 42.15 -8.68 1.30
C VAL C 339 43.05 -7.60 1.91
N ASP C 340 42.68 -7.13 3.11
CA ASP C 340 43.44 -6.10 3.80
C ASP C 340 44.22 -6.59 5.02
N TYR C 341 44.49 -7.89 5.09
CA TYR C 341 45.18 -8.41 6.25
C TYR C 341 46.39 -7.62 6.76
N ASP C 342 46.31 -7.25 8.04
CA ASP C 342 47.39 -6.53 8.70
C ASP C 342 47.61 -7.26 10.03
N PRO C 343 48.76 -7.93 10.21
CA PRO C 343 49.06 -8.68 11.43
C PRO C 343 48.68 -7.97 12.73
N ALA C 344 49.21 -6.77 12.93
CA ALA C 344 48.95 -6.03 14.15
C ALA C 344 47.51 -5.55 14.27
N ILE C 345 46.96 -5.01 13.19
CA ILE C 345 45.61 -4.50 13.22
C ILE C 345 44.63 -5.66 13.40
N ASN C 346 44.86 -6.78 12.73
CA ASN C 346 43.96 -7.94 12.88
C ASN C 346 44.07 -8.47 14.30
N ASN C 347 45.29 -8.65 14.78
CA ASN C 347 45.50 -9.14 16.14
C ASN C 347 44.85 -8.25 17.19
N GLY C 348 45.13 -6.95 17.10
CA GLY C 348 44.59 -5.99 18.04
C GLY C 348 43.08 -6.07 18.13
N ASN C 349 42.43 -6.13 16.97
CA ASN C 349 40.98 -6.20 16.94
C ASN C 349 40.44 -7.49 17.54
N TRP C 350 41.05 -8.63 17.22
CA TRP C 350 40.56 -9.89 17.79
C TRP C 350 40.66 -9.88 19.31
N GLN C 351 41.81 -9.51 19.84
CA GLN C 351 41.95 -9.46 21.28
C GLN C 351 40.98 -8.48 21.89
N TRP C 352 40.74 -7.36 21.21
CA TRP C 352 39.81 -6.36 21.71
C TRP C 352 38.45 -7.01 21.90
N ILE C 353 37.98 -7.68 20.87
CA ILE C 353 36.69 -8.35 20.91
C ILE C 353 36.60 -9.50 21.92
N ALA C 354 37.69 -10.24 22.07
CA ALA C 354 37.72 -11.37 23.01
C ALA C 354 37.95 -10.84 24.42
N SER C 355 38.05 -9.52 24.50
CA SER C 355 38.30 -8.81 25.74
C SER C 355 39.48 -9.38 26.50
N THR C 356 40.56 -9.62 25.76
CA THR C 356 41.81 -10.10 26.33
C THR C 356 42.81 -9.04 25.90
N GLY C 357 42.30 -7.93 25.41
CA GLY C 357 43.16 -6.85 24.95
C GLY C 357 42.90 -5.48 25.55
N VAL C 358 43.03 -4.46 24.72
CA VAL C 358 42.86 -3.08 25.12
C VAL C 358 41.51 -2.73 25.74
N ASP C 359 40.44 -3.38 25.32
CA ASP C 359 39.15 -3.10 25.94
C ASP C 359 39.11 -4.01 27.17
N TYR C 360 39.06 -3.40 28.35
CA TYR C 360 39.07 -4.16 29.59
C TYR C 360 37.70 -4.72 30.06
N MET C 361 36.61 -4.16 29.56
CA MET C 361 35.27 -4.64 29.92
C MET C 361 34.92 -5.90 29.12
N PHE C 362 34.00 -6.70 29.65
CA PHE C 362 33.57 -7.92 28.95
C PHE C 362 32.36 -7.54 28.12
N ARG C 363 32.63 -7.10 26.89
CA ARG C 363 31.56 -6.67 25.99
C ARG C 363 30.81 -7.82 25.34
N VAL C 364 29.49 -7.67 25.23
CA VAL C 364 28.64 -8.69 24.62
C VAL C 364 27.59 -8.06 23.69
N PHE C 365 27.28 -8.76 22.60
CA PHE C 365 26.30 -8.29 21.62
C PHE C 365 25.17 -9.31 21.44
N ASN C 366 23.98 -8.82 21.18
CA ASN C 366 22.84 -9.70 20.96
C ASN C 366 22.74 -9.93 19.46
N PRO C 367 23.09 -11.14 19.01
CA PRO C 367 23.03 -11.44 17.58
C PRO C 367 21.75 -10.99 16.90
N TRP C 368 20.61 -11.37 17.46
CA TRP C 368 19.34 -11.02 16.85
C TRP C 368 19.03 -9.54 16.92
N LYS C 369 19.31 -8.90 18.05
CA LYS C 369 19.06 -7.47 18.16
C LYS C 369 19.93 -6.73 17.16
N GLN C 370 21.19 -7.10 17.14
CA GLN C 370 22.18 -6.50 16.25
C GLN C 370 21.75 -6.70 14.80
N GLN C 371 21.44 -7.93 14.46
CA GLN C 371 21.01 -8.28 13.11
C GLN C 371 19.85 -7.40 12.65
N GLU C 372 18.88 -7.22 13.54
CA GLU C 372 17.68 -6.45 13.24
C GLU C 372 17.89 -4.95 13.18
N LYS C 373 18.91 -4.44 13.84
CA LYS C 373 19.16 -3.01 13.81
C LYS C 373 19.95 -2.56 12.60
N PHE C 374 20.98 -3.32 12.25
CA PHE C 374 21.85 -2.96 11.13
C PHE C 374 21.51 -3.54 9.77
N ASP C 375 20.46 -4.35 9.72
CA ASP C 375 20.00 -4.92 8.46
C ASP C 375 18.50 -5.14 8.59
N PRO C 376 17.76 -4.05 8.88
CA PRO C 376 16.30 -4.09 9.06
C PRO C 376 15.53 -4.75 7.93
N GLU C 377 15.99 -4.56 6.70
CA GLU C 377 15.32 -5.13 5.53
C GLU C 377 15.92 -6.47 5.16
N ALA C 378 16.93 -6.88 5.91
CA ALA C 378 17.61 -8.14 5.65
C ALA C 378 18.19 -8.14 4.24
N LYS C 379 18.44 -6.95 3.70
CA LYS C 379 18.99 -6.84 2.35
C LYS C 379 20.39 -7.46 2.28
N PHE C 380 21.21 -7.19 3.28
CA PHE C 380 22.56 -7.74 3.31
C PHE C 380 22.49 -9.26 3.42
N ILE C 381 21.68 -9.74 4.36
CA ILE C 381 21.51 -11.16 4.58
C ILE C 381 21.04 -11.84 3.30
N LYS C 382 20.03 -11.25 2.66
CA LYS C 382 19.47 -11.81 1.42
C LYS C 382 20.48 -11.83 0.29
N GLU C 383 21.43 -10.91 0.33
CA GLU C 383 22.44 -10.81 -0.71
C GLU C 383 23.51 -11.88 -0.60
N TRP C 384 23.69 -12.43 0.60
CA TRP C 384 24.74 -13.42 0.78
C TRP C 384 24.30 -14.80 1.25
N VAL C 385 23.13 -14.91 1.85
CA VAL C 385 22.66 -16.20 2.30
C VAL C 385 21.62 -16.70 1.29
N GLU C 386 22.07 -17.52 0.37
CA GLU C 386 21.24 -18.09 -0.69
C GLU C 386 19.84 -18.55 -0.28
N GLU C 387 19.79 -19.45 0.68
CA GLU C 387 18.53 -20.00 1.15
C GLU C 387 17.51 -18.97 1.67
N LEU C 388 17.96 -17.92 2.33
CA LEU C 388 17.03 -16.93 2.86
C LEU C 388 16.68 -15.87 1.83
N LYS C 389 17.08 -16.12 0.59
CA LYS C 389 16.85 -15.16 -0.48
C LYS C 389 15.41 -14.68 -0.66
N ASP C 390 14.44 -15.53 -0.33
CA ASP C 390 13.05 -15.13 -0.50
C ASP C 390 12.23 -15.08 0.79
N VAL C 391 12.85 -15.44 1.90
CA VAL C 391 12.15 -15.39 3.18
C VAL C 391 11.97 -13.91 3.52
N PRO C 392 10.74 -13.50 3.89
CA PRO C 392 10.56 -12.08 4.23
C PRO C 392 11.34 -11.73 5.50
N PRO C 393 11.94 -10.53 5.52
CA PRO C 393 12.73 -10.02 6.64
C PRO C 393 12.17 -10.33 8.01
N SER C 394 10.89 -10.02 8.21
CA SER C 394 10.21 -10.26 9.48
C SER C 394 10.55 -11.65 10.06
N ILE C 395 10.48 -12.68 9.20
CA ILE C 395 10.77 -14.04 9.60
C ILE C 395 12.26 -14.24 9.84
N ILE C 396 13.08 -13.78 8.90
CA ILE C 396 14.53 -13.91 9.03
C ILE C 396 15.02 -13.42 10.40
N HIS C 397 14.47 -12.30 10.87
CA HIS C 397 14.86 -11.74 12.16
C HIS C 397 14.34 -12.56 13.34
N SER C 398 13.61 -13.61 13.04
CA SER C 398 13.05 -14.48 14.08
C SER C 398 13.17 -15.92 13.63
N ILE C 399 13.98 -16.14 12.61
CA ILE C 399 14.18 -17.46 12.03
C ILE C 399 14.53 -18.56 13.04
N TYR C 400 14.76 -18.18 14.29
CA TYR C 400 15.08 -19.14 15.33
C TYR C 400 13.78 -19.78 15.82
N LYS C 401 12.66 -19.16 15.50
CA LYS C 401 11.34 -19.65 15.88
C LYS C 401 10.84 -20.62 14.82
N THR C 402 11.18 -20.37 13.57
CA THR C 402 10.78 -21.22 12.46
C THR C 402 11.92 -22.18 12.09
N LYS C 403 12.01 -22.51 10.81
CA LYS C 403 13.04 -23.41 10.32
C LYS C 403 12.84 -23.55 8.82
N VAL C 404 13.36 -22.59 8.06
CA VAL C 404 13.24 -22.59 6.62
C VAL C 404 14.09 -23.70 6.01
N PRO C 405 13.69 -24.22 4.84
CA PRO C 405 14.42 -25.29 4.17
C PRO C 405 15.84 -24.92 3.75
N GLY C 406 16.77 -25.84 3.97
CA GLY C 406 18.15 -25.61 3.58
C GLY C 406 18.96 -24.70 4.48
N TYR C 407 18.32 -24.08 5.45
CA TYR C 407 19.04 -23.19 6.35
C TYR C 407 19.07 -23.78 7.75
N PRO C 408 20.26 -24.17 8.22
CA PRO C 408 20.38 -24.74 9.56
C PRO C 408 19.83 -23.82 10.63
N SER C 409 19.21 -24.40 11.64
CA SER C 409 18.66 -23.60 12.71
C SER C 409 19.83 -23.32 13.65
N PRO C 410 19.72 -22.27 14.48
CA PRO C 410 20.79 -21.95 15.40
C PRO C 410 21.51 -23.17 15.97
N ILE C 411 22.84 -23.20 15.79
CA ILE C 411 23.65 -24.32 16.29
C ILE C 411 23.92 -24.25 17.79
N VAL C 412 23.47 -23.19 18.45
CA VAL C 412 23.62 -23.00 19.89
C VAL C 412 22.76 -21.83 20.32
N ASN C 413 22.51 -21.72 21.62
CA ASN C 413 21.75 -20.58 22.15
C ASN C 413 22.81 -19.60 22.65
N TRP C 414 22.95 -18.47 21.98
CA TRP C 414 23.98 -17.51 22.35
C TRP C 414 23.93 -17.07 23.81
N LEU C 415 22.74 -16.78 24.33
CA LEU C 415 22.60 -16.32 25.71
C LEU C 415 23.21 -17.25 26.76
N GLU C 416 22.87 -18.53 26.71
CA GLU C 416 23.43 -19.47 27.67
C GLU C 416 24.95 -19.52 27.51
N ARG C 417 25.39 -19.65 26.26
CA ARG C 417 26.81 -19.72 25.95
C ARG C 417 27.57 -18.52 26.49
N VAL C 418 27.15 -17.31 26.11
CA VAL C 418 27.82 -16.10 26.56
C VAL C 418 27.98 -16.05 28.07
N ASN C 419 26.96 -16.53 28.79
CA ASN C 419 27.03 -16.54 30.25
C ASN C 419 28.09 -17.51 30.73
N TYR C 420 28.15 -18.67 30.09
CA TYR C 420 29.15 -19.66 30.46
C TYR C 420 30.55 -19.15 30.16
N VAL C 421 30.74 -18.63 28.95
CA VAL C 421 32.05 -18.12 28.55
C VAL C 421 32.51 -17.05 29.53
N LYS C 422 31.60 -16.17 29.95
CA LYS C 422 31.97 -15.11 30.87
C LYS C 422 32.36 -15.66 32.25
N SER C 423 31.59 -16.62 32.74
CA SER C 423 31.89 -17.22 34.04
C SER C 423 33.30 -17.79 33.96
N GLU C 424 33.62 -18.41 32.82
CA GLU C 424 34.94 -18.99 32.59
C GLU C 424 36.03 -17.93 32.64
N TYR C 425 35.72 -16.73 32.20
CA TYR C 425 36.68 -15.63 32.23
C TYR C 425 36.90 -15.19 33.66
N LYS C 426 35.81 -14.88 34.37
CA LYS C 426 35.88 -14.45 35.77
C LYS C 426 36.65 -15.52 36.55
N ASN C 427 36.39 -16.76 36.19
CA ASN C 427 37.03 -17.90 36.81
C ASN C 427 38.55 -17.71 36.78
N VAL C 428 39.10 -17.38 35.62
CA VAL C 428 40.54 -17.18 35.49
C VAL C 428 41.00 -16.02 36.38
N MET D 1 8.76 11.28 -8.87
CA MET D 1 8.48 11.60 -10.30
C MET D 1 9.47 10.88 -11.20
N ASP D 2 9.20 10.92 -12.50
CA ASP D 2 10.09 10.32 -13.49
C ASP D 2 10.75 11.52 -14.14
N CYS D 3 11.99 11.81 -13.76
CA CYS D 3 12.65 12.96 -14.33
C CYS D 3 13.98 12.69 -15.04
N ILE D 4 14.46 13.71 -15.73
CA ILE D 4 15.69 13.64 -16.50
C ILE D 4 16.77 14.59 -15.99
N PHE D 5 18.02 14.15 -16.04
CA PHE D 5 19.14 15.00 -15.68
C PHE D 5 20.02 15.09 -16.92
N ILE D 6 20.38 16.31 -17.31
CA ILE D 6 21.20 16.50 -18.51
C ILE D 6 22.62 16.92 -18.16
N PHE D 7 23.58 16.08 -18.52
CA PHE D 7 24.99 16.36 -18.29
C PHE D 7 25.42 17.32 -19.38
N ARG D 8 26.38 18.18 -19.08
CA ARG D 8 26.89 19.09 -20.09
C ARG D 8 28.38 19.35 -19.94
N ARG D 9 28.74 19.78 -18.74
CA ARG D 9 30.12 20.14 -18.44
C ARG D 9 30.44 19.65 -17.03
N ASP D 10 29.58 18.80 -16.49
CA ASP D 10 29.69 18.20 -15.14
C ASP D 10 29.76 16.68 -15.28
N LEU D 11 30.76 16.20 -16.02
CA LEU D 11 30.91 14.76 -16.29
C LEU D 11 31.38 13.88 -15.12
N ARG D 12 30.52 13.72 -14.13
CA ARG D 12 30.82 12.91 -12.96
C ARG D 12 29.51 12.61 -12.22
N LEU D 13 29.54 11.62 -11.32
CA LEU D 13 28.35 11.26 -10.54
C LEU D 13 28.55 11.66 -9.09
N GLU D 14 29.76 12.09 -8.75
CA GLU D 14 30.08 12.50 -7.40
C GLU D 14 30.00 14.01 -7.27
N ASP D 15 29.46 14.47 -6.15
CA ASP D 15 29.30 15.89 -5.86
C ASP D 15 28.79 16.71 -7.04
N ASN D 16 27.71 16.26 -7.63
CA ASN D 16 27.09 16.97 -8.74
C ASN D 16 25.78 17.53 -8.19
N THR D 17 25.78 18.83 -7.91
CA THR D 17 24.63 19.51 -7.33
C THR D 17 23.29 19.17 -7.98
N GLY D 18 23.09 19.59 -9.22
CA GLY D 18 21.84 19.31 -9.90
C GLY D 18 21.51 17.83 -9.90
N LEU D 19 22.51 16.98 -10.15
CA LEU D 19 22.26 15.55 -10.17
C LEU D 19 21.78 15.10 -8.81
N ASN D 20 22.37 15.65 -7.75
CA ASN D 20 21.98 15.27 -6.38
C ASN D 20 20.52 15.58 -6.15
N TYR D 21 20.12 16.81 -6.44
CA TYR D 21 18.71 17.17 -6.24
C TYR D 21 17.83 16.24 -7.06
N ALA D 22 18.24 15.97 -8.29
CA ALA D 22 17.47 15.10 -9.16
C ALA D 22 17.26 13.74 -8.53
N LEU D 23 18.33 13.17 -7.98
CA LEU D 23 18.26 11.85 -7.38
C LEU D 23 17.40 11.78 -6.12
N SER D 24 17.41 12.84 -5.32
CA SER D 24 16.63 12.84 -4.10
C SER D 24 15.18 13.30 -4.29
N GLU D 25 14.92 14.10 -5.32
CA GLU D 25 13.56 14.60 -5.56
C GLU D 25 12.69 13.74 -6.46
N CYS D 26 13.27 12.89 -7.30
CA CYS D 26 12.44 12.04 -8.17
C CYS D 26 12.68 10.57 -7.86
N ASP D 27 11.80 9.71 -8.36
CA ASP D 27 11.91 8.28 -8.13
C ASP D 27 12.98 7.67 -9.01
N ARG D 28 12.89 7.96 -10.30
CA ARG D 28 13.86 7.46 -11.26
C ARG D 28 14.47 8.67 -11.99
N VAL D 29 15.73 8.55 -12.36
CA VAL D 29 16.43 9.62 -13.06
C VAL D 29 17.13 9.04 -14.27
N ILE D 30 16.82 9.59 -15.44
CA ILE D 30 17.45 9.14 -16.66
C ILE D 30 18.60 10.08 -16.98
N PRO D 31 19.84 9.57 -16.94
CA PRO D 31 21.03 10.38 -17.22
C PRO D 31 21.16 10.61 -18.74
N VAL D 32 21.17 11.88 -19.12
CA VAL D 32 21.23 12.22 -20.54
C VAL D 32 22.38 13.14 -20.94
N PHE D 33 22.83 12.98 -22.17
CA PHE D 33 23.84 13.86 -22.73
C PHE D 33 23.43 14.14 -24.16
N ILE D 34 23.35 15.43 -24.49
CA ILE D 34 22.95 15.84 -25.83
C ILE D 34 24.10 16.36 -26.66
N ALA D 35 24.41 15.64 -27.73
CA ALA D 35 25.46 16.03 -28.67
C ALA D 35 24.83 17.12 -29.55
N ASP D 36 25.28 18.35 -29.36
CA ASP D 36 24.72 19.49 -30.08
C ASP D 36 25.56 19.90 -31.30
N PRO D 37 24.96 19.84 -32.49
CA PRO D 37 25.64 20.20 -33.75
C PRO D 37 26.25 21.62 -33.73
N ARG D 38 25.66 22.52 -32.95
CA ARG D 38 26.16 23.89 -32.87
C ARG D 38 27.52 23.88 -32.20
N GLN D 39 27.76 22.87 -31.39
CA GLN D 39 29.03 22.77 -30.68
C GLN D 39 30.00 21.81 -31.35
N LEU D 40 29.49 20.73 -31.93
CA LEU D 40 30.34 19.72 -32.55
C LEU D 40 30.61 19.82 -34.05
N ILE D 41 29.70 20.48 -34.77
CA ILE D 41 29.85 20.62 -36.23
C ILE D 41 29.90 22.06 -36.68
N ASN D 42 31.01 22.41 -37.35
CA ASN D 42 31.23 23.77 -37.86
C ASN D 42 31.22 24.80 -36.75
N ASN D 43 32.05 24.54 -35.75
CA ASN D 43 32.18 25.42 -34.61
C ASN D 43 33.56 26.06 -34.79
N PRO D 44 33.58 27.36 -35.09
CA PRO D 44 34.87 28.04 -35.28
C PRO D 44 35.75 28.00 -34.02
N TYR D 45 35.12 27.83 -32.87
CA TYR D 45 35.83 27.81 -31.59
C TYR D 45 36.03 26.40 -31.02
N LYS D 46 35.89 25.38 -31.86
CA LYS D 46 36.04 24.02 -31.40
C LYS D 46 37.48 23.55 -31.41
N SER D 47 37.83 22.74 -30.42
CA SER D 47 39.15 22.16 -30.29
C SER D 47 38.98 20.65 -30.42
N GLU D 48 39.78 20.01 -31.26
CA GLU D 48 39.65 18.57 -31.41
C GLU D 48 40.11 17.88 -30.12
N PHE D 49 41.18 18.40 -29.54
CA PHE D 49 41.70 17.83 -28.31
C PHE D 49 40.64 17.89 -27.20
N ALA D 50 40.02 19.06 -27.05
CA ALA D 50 38.99 19.23 -26.02
C ALA D 50 37.86 18.24 -26.21
N VAL D 51 37.47 18.05 -27.46
CA VAL D 51 36.38 17.15 -27.77
C VAL D 51 36.70 15.70 -27.43
N SER D 52 37.92 15.27 -27.76
CA SER D 52 38.32 13.90 -27.45
C SER D 52 38.26 13.68 -25.93
N PHE D 53 38.78 14.66 -25.19
CA PHE D 53 38.81 14.58 -23.75
C PHE D 53 37.40 14.47 -23.18
N MET D 54 36.49 15.24 -23.75
CA MET D 54 35.11 15.22 -23.31
C MET D 54 34.51 13.86 -23.65
N ILE D 55 34.75 13.37 -24.87
CA ILE D 55 34.20 12.06 -25.27
C ILE D 55 34.75 10.96 -24.34
N ASN D 56 36.06 10.96 -24.12
CA ASN D 56 36.66 9.98 -23.23
C ASN D 56 36.03 10.06 -21.86
N SER D 57 35.85 11.29 -21.36
CA SER D 57 35.24 11.48 -20.05
C SER D 57 33.80 11.01 -20.08
N LEU D 58 33.14 11.13 -21.23
CA LEU D 58 31.76 10.67 -21.38
C LEU D 58 31.73 9.13 -21.39
N LEU D 59 32.75 8.52 -21.96
CA LEU D 59 32.85 7.06 -21.99
C LEU D 59 33.03 6.55 -20.57
N GLU D 60 33.92 7.19 -19.79
CA GLU D 60 34.15 6.76 -18.41
C GLU D 60 32.89 6.92 -17.56
N LEU D 61 32.18 8.03 -17.73
CA LEU D 61 30.95 8.29 -17.01
C LEU D 61 29.91 7.20 -17.32
N ASP D 62 29.89 6.75 -18.57
CA ASP D 62 28.97 5.70 -18.98
C ASP D 62 29.24 4.39 -18.23
N ASP D 63 30.50 4.13 -17.91
CA ASP D 63 30.85 2.92 -17.17
C ASP D 63 30.33 3.02 -15.74
N GLU D 64 30.48 4.21 -15.15
CA GLU D 64 30.01 4.41 -13.80
C GLU D 64 28.51 4.20 -13.74
N LEU D 65 27.82 4.58 -14.82
CA LEU D 65 26.38 4.42 -14.89
C LEU D 65 25.96 2.94 -15.09
N ARG D 66 26.79 2.19 -15.83
CA ARG D 66 26.51 0.78 -16.05
C ARG D 66 26.71 -0.01 -14.77
N LYS D 67 27.53 0.50 -13.87
CA LYS D 67 27.77 -0.17 -12.61
C LYS D 67 26.59 0.13 -11.67
N LYS D 68 25.59 0.81 -12.19
CA LYS D 68 24.40 1.14 -11.41
C LYS D 68 23.15 0.70 -12.15
N GLY D 69 23.32 -0.27 -13.04
CA GLY D 69 22.21 -0.79 -13.82
C GLY D 69 21.56 0.29 -14.65
N SER D 70 22.39 1.11 -15.27
CA SER D 70 21.90 2.18 -16.10
C SER D 70 22.93 2.37 -17.20
N ARG D 71 22.89 3.52 -17.85
CA ARG D 71 23.85 3.85 -18.89
C ARG D 71 23.54 5.26 -19.35
N LEU D 72 24.51 5.87 -20.01
CA LEU D 72 24.32 7.22 -20.51
C LEU D 72 23.39 7.16 -21.73
N ASN D 73 22.35 7.98 -21.70
CA ASN D 73 21.37 8.05 -22.78
C ASN D 73 21.74 9.23 -23.67
N VAL D 74 22.24 8.94 -24.86
CA VAL D 74 22.66 9.99 -25.77
C VAL D 74 21.66 10.35 -26.87
N PHE D 75 21.55 11.65 -27.13
CA PHE D 75 20.68 12.20 -28.15
C PHE D 75 21.50 13.13 -29.05
N PHE D 76 20.98 13.47 -30.23
CA PHE D 76 21.69 14.38 -31.11
C PHE D 76 20.78 15.49 -31.63
N GLY D 77 21.31 16.72 -31.65
CA GLY D 77 20.54 17.86 -32.10
C GLY D 77 20.70 19.05 -31.17
N GLU D 78 20.02 20.15 -31.47
CA GLU D 78 20.11 21.33 -30.62
C GLU D 78 19.29 21.03 -29.37
N ALA D 79 19.91 21.22 -28.20
CA ALA D 79 19.27 20.97 -26.91
C ALA D 79 17.76 21.26 -26.85
N GLU D 80 17.38 22.51 -27.13
CA GLU D 80 15.96 22.88 -27.09
C GLU D 80 15.11 21.97 -27.98
N LYS D 81 15.55 21.76 -29.22
CA LYS D 81 14.81 20.89 -30.15
C LYS D 81 14.74 19.42 -29.73
N VAL D 82 15.78 18.95 -29.04
CA VAL D 82 15.82 17.58 -28.55
C VAL D 82 14.79 17.41 -27.45
N VAL D 83 14.84 18.30 -26.46
CA VAL D 83 13.89 18.24 -25.35
C VAL D 83 12.49 18.18 -25.94
N SER D 84 12.26 19.07 -26.89
CA SER D 84 10.96 19.18 -27.57
C SER D 84 10.57 17.87 -28.26
N ARG D 85 11.52 17.26 -28.98
CA ARG D 85 11.30 16.01 -29.73
C ARG D 85 11.14 14.71 -28.93
N PHE D 86 11.80 14.62 -27.79
CA PHE D 86 11.78 13.39 -27.01
C PHE D 86 11.24 13.41 -25.57
N PHE D 87 11.42 14.52 -24.85
CA PHE D 87 11.00 14.56 -23.45
C PHE D 87 9.68 15.24 -23.12
N ASN D 88 8.85 15.52 -24.12
CA ASN D 88 7.58 16.19 -23.87
C ASN D 88 6.69 15.54 -22.81
N LYS D 89 6.91 14.26 -22.52
CA LYS D 89 6.10 13.56 -21.51
C LYS D 89 6.75 13.29 -20.16
N VAL D 90 7.98 13.77 -19.97
CA VAL D 90 8.69 13.57 -18.71
C VAL D 90 8.17 14.58 -17.68
N ASP D 91 8.40 14.33 -16.39
CA ASP D 91 7.93 15.21 -15.33
C ASP D 91 8.75 16.46 -15.12
N ALA D 92 10.04 16.26 -14.89
CA ALA D 92 10.95 17.37 -14.66
C ALA D 92 12.26 17.14 -15.39
N ILE D 93 13.04 18.21 -15.49
CA ILE D 93 14.35 18.17 -16.13
C ILE D 93 15.27 18.95 -15.21
N TYR D 94 16.37 18.31 -14.80
CA TYR D 94 17.34 18.96 -13.94
C TYR D 94 18.63 19.19 -14.69
N VAL D 95 19.34 20.28 -14.36
CA VAL D 95 20.63 20.60 -14.97
C VAL D 95 21.39 21.55 -14.06
N ASN D 96 22.62 21.85 -14.45
CA ASN D 96 23.45 22.79 -13.72
C ASN D 96 23.62 23.99 -14.65
N GLU D 97 23.13 25.14 -14.24
CA GLU D 97 23.22 26.36 -15.03
C GLU D 97 24.67 26.70 -15.41
N ASP D 98 24.84 27.38 -16.53
CA ASP D 98 26.18 27.79 -16.91
C ASP D 98 26.14 29.30 -17.02
N TYR D 99 27.24 29.92 -17.41
CA TYR D 99 27.26 31.36 -17.44
C TYR D 99 27.66 32.07 -18.74
N THR D 100 27.50 31.42 -19.87
CA THR D 100 27.85 32.10 -21.13
C THR D 100 26.58 32.37 -21.89
N PRO D 101 26.61 33.39 -22.76
CA PRO D 101 25.45 33.76 -23.58
C PRO D 101 24.78 32.53 -24.19
N PHE D 102 25.57 31.71 -24.86
CA PHE D 102 25.07 30.50 -25.51
C PHE D 102 24.32 29.62 -24.54
N SER D 103 24.91 29.44 -23.37
CA SER D 103 24.31 28.61 -22.35
C SER D 103 23.04 29.20 -21.79
N ILE D 104 23.05 30.50 -21.59
CA ILE D 104 21.89 31.17 -21.03
C ILE D 104 20.71 31.14 -21.99
N SER D 105 20.95 31.39 -23.27
CA SER D 105 19.85 31.39 -24.21
C SER D 105 19.36 29.96 -24.49
N ARG D 106 20.29 29.00 -24.41
CA ARG D 106 19.95 27.61 -24.66
C ARG D 106 18.99 27.11 -23.58
N ASP D 107 19.21 27.58 -22.35
CA ASP D 107 18.39 27.19 -21.21
C ASP D 107 17.06 27.95 -21.21
N GLU D 108 17.07 29.17 -21.75
CA GLU D 108 15.83 29.93 -21.82
C GLU D 108 14.90 29.19 -22.77
N LYS D 109 15.45 28.73 -23.89
CA LYS D 109 14.66 28.00 -24.86
C LYS D 109 14.15 26.70 -24.26
N ILE D 110 15.01 26.00 -23.51
CA ILE D 110 14.57 24.76 -22.89
C ILE D 110 13.44 25.05 -21.92
N ARG D 111 13.56 26.16 -21.19
CA ARG D 111 12.52 26.54 -20.23
C ARG D 111 11.21 26.77 -20.97
N LYS D 112 11.25 27.53 -22.07
CA LYS D 112 10.03 27.78 -22.83
C LYS D 112 9.38 26.48 -23.24
N VAL D 113 10.16 25.60 -23.83
CA VAL D 113 9.65 24.30 -24.27
C VAL D 113 9.09 23.50 -23.10
N CYS D 114 9.67 23.70 -21.91
CA CYS D 114 9.23 22.99 -20.71
C CYS D 114 7.88 23.47 -20.17
N GLU D 115 7.67 24.78 -20.16
CA GLU D 115 6.44 25.37 -19.68
C GLU D 115 5.28 24.98 -20.59
N GLU D 116 5.56 24.87 -21.88
CA GLU D 116 4.55 24.51 -22.85
C GLU D 116 4.39 23.02 -22.99
N ASN D 117 4.67 22.28 -21.93
CA ASN D 117 4.56 20.84 -21.95
C ASN D 117 4.35 20.32 -20.54
N GLY D 118 4.31 21.24 -19.60
CA GLY D 118 4.11 20.87 -18.21
C GLY D 118 5.29 20.17 -17.61
N ILE D 119 6.49 20.51 -18.06
CA ILE D 119 7.71 19.90 -17.52
C ILE D 119 8.39 20.90 -16.61
N GLU D 120 8.69 20.48 -15.39
CA GLU D 120 9.36 21.40 -14.48
C GLU D 120 10.83 21.48 -14.89
N PHE D 121 11.36 22.68 -15.05
CA PHE D 121 12.75 22.84 -15.42
C PHE D 121 13.56 23.40 -14.24
N LYS D 122 14.41 22.58 -13.65
CA LYS D 122 15.19 23.01 -12.50
C LYS D 122 16.70 23.08 -12.74
N ALA D 123 17.25 24.29 -12.64
CA ALA D 123 18.69 24.52 -12.85
C ALA D 123 19.36 24.88 -11.51
N TYR D 124 20.55 24.36 -11.27
CA TYR D 124 21.26 24.61 -10.02
C TYR D 124 22.67 25.13 -10.25
N GLU D 125 23.23 25.79 -9.25
CA GLU D 125 24.59 26.30 -9.33
C GLU D 125 25.51 25.14 -8.93
N ASP D 126 26.57 24.92 -9.70
CA ASP D 126 27.50 23.85 -9.41
C ASP D 126 28.93 24.15 -9.87
N TYR D 127 29.06 24.81 -11.01
CA TYR D 127 30.38 25.09 -11.54
C TYR D 127 31.22 26.04 -10.72
N LEU D 128 30.59 26.95 -9.99
CA LEU D 128 31.34 27.91 -9.20
C LEU D 128 31.63 27.45 -7.78
N LEU D 129 32.72 27.97 -7.24
CA LEU D 129 33.16 27.66 -5.89
C LEU D 129 32.43 28.62 -4.94
N THR D 130 32.00 29.75 -5.48
CA THR D 130 31.31 30.80 -4.72
C THR D 130 29.98 31.19 -5.35
N PRO D 131 29.01 31.62 -4.51
CA PRO D 131 27.69 32.03 -5.01
C PRO D 131 27.82 33.21 -5.94
N LYS D 132 27.10 33.19 -7.06
CA LYS D 132 27.24 34.29 -8.01
C LYS D 132 26.74 35.63 -7.52
N SER D 133 25.86 35.65 -6.54
CA SER D 133 25.35 36.92 -6.05
C SER D 133 26.49 37.73 -5.42
N LEU D 134 27.51 37.03 -4.94
CA LEU D 134 28.65 37.68 -4.28
C LEU D 134 29.61 38.44 -5.19
N PHE D 135 29.34 38.51 -6.49
CA PHE D 135 30.27 39.22 -7.35
C PHE D 135 29.91 40.69 -7.55
N HIS D 136 30.91 41.56 -7.38
CA HIS D 136 30.74 43.00 -7.54
C HIS D 136 32.11 43.66 -7.41
N HIS D 137 33.15 43.01 -7.91
CA HIS D 137 34.51 43.54 -7.76
C HIS D 137 35.22 43.94 -9.04
N ARG D 138 36.06 44.98 -8.92
CA ARG D 138 36.80 45.47 -10.07
C ARG D 138 37.94 44.55 -10.46
N ASN D 139 38.75 44.17 -9.47
CA ASN D 139 39.89 43.30 -9.70
C ASN D 139 39.84 42.03 -8.86
N PHE D 140 40.74 41.12 -9.17
CA PHE D 140 40.80 39.83 -8.49
C PHE D 140 41.11 39.91 -7.00
N THR D 141 42.16 40.63 -6.64
CA THR D 141 42.55 40.71 -5.23
C THR D 141 41.39 41.17 -4.36
N SER D 142 40.64 42.16 -4.84
CA SER D 142 39.51 42.64 -4.08
C SER D 142 38.51 41.49 -3.90
N PHE D 143 38.22 40.80 -5.01
CA PHE D 143 37.28 39.67 -5.05
C PHE D 143 37.65 38.51 -4.11
N TYR D 144 38.89 38.05 -4.23
CA TYR D 144 39.40 36.96 -3.41
C TYR D 144 39.33 37.22 -1.91
N ASN D 145 39.82 38.36 -1.48
CA ASN D 145 39.80 38.71 -0.06
C ASN D 145 38.38 38.70 0.52
N GLU D 146 37.44 39.22 -0.25
CA GLU D 146 36.06 39.28 0.23
C GLU D 146 35.39 37.91 0.21
N VAL D 147 35.47 37.23 -0.93
CA VAL D 147 34.82 35.95 -1.08
C VAL D 147 35.47 34.73 -0.41
N SER D 148 36.79 34.76 -0.25
CA SER D 148 37.50 33.63 0.36
C SER D 148 37.15 33.44 1.83
N LYS D 149 36.59 34.47 2.42
CA LYS D 149 36.19 34.38 3.82
C LYS D 149 34.93 33.51 3.91
N VAL D 150 34.21 33.37 2.79
CA VAL D 150 33.00 32.56 2.75
C VAL D 150 33.37 31.09 2.79
N LYS D 151 32.48 30.27 3.35
CA LYS D 151 32.79 28.85 3.44
C LYS D 151 32.32 28.10 2.22
N VAL D 152 33.24 27.34 1.64
CA VAL D 152 32.97 26.54 0.46
C VAL D 152 32.11 25.33 0.85
N ARG D 153 31.05 25.08 0.08
CA ARG D 153 30.19 23.96 0.37
C ARG D 153 31.02 22.68 0.28
N GLU D 154 30.72 21.71 1.12
CA GLU D 154 31.45 20.43 1.14
C GLU D 154 30.89 19.45 0.13
N PRO D 155 31.76 18.64 -0.51
CA PRO D 155 31.28 17.68 -1.49
C PRO D 155 30.29 16.73 -0.86
N GLU D 156 29.33 16.23 -1.65
CA GLU D 156 28.35 15.28 -1.15
C GLU D 156 27.62 14.63 -2.31
N THR D 157 27.08 13.45 -2.07
CA THR D 157 26.37 12.73 -3.13
C THR D 157 25.11 12.11 -2.57
N MET D 158 23.99 12.31 -3.26
CA MET D 158 22.74 11.74 -2.82
C MET D 158 22.56 10.39 -3.49
N GLU D 159 21.82 9.51 -2.83
CA GLU D 159 21.52 8.19 -3.37
C GLU D 159 20.18 8.29 -4.08
N GLY D 160 19.98 7.49 -5.11
CA GLY D 160 18.72 7.53 -5.86
C GLY D 160 18.64 6.37 -6.82
N SER D 161 17.92 6.53 -7.91
CA SER D 161 17.79 5.45 -8.89
C SER D 161 17.93 5.92 -10.32
N PHE D 162 18.86 5.29 -11.05
CA PHE D 162 19.09 5.66 -12.45
C PHE D 162 18.31 4.75 -13.40
N ASP D 163 17.46 5.36 -14.22
CA ASP D 163 16.69 4.60 -15.18
C ASP D 163 17.29 4.78 -16.59
N VAL D 164 16.68 4.16 -17.58
CA VAL D 164 17.17 4.24 -18.95
C VAL D 164 16.02 4.43 -19.94
N THR D 165 16.35 4.87 -21.15
CA THR D 165 15.37 5.03 -22.21
C THR D 165 15.85 4.18 -23.37
N ASP D 166 15.13 3.11 -23.66
CA ASP D 166 15.53 2.21 -24.72
C ASP D 166 15.74 2.90 -26.05
N SER D 167 14.94 3.93 -26.34
CA SER D 167 15.06 4.64 -27.61
C SER D 167 16.46 5.25 -27.85
N SER D 168 16.87 6.15 -26.95
CA SER D 168 18.17 6.83 -27.01
C SER D 168 19.35 6.01 -27.51
N MET D 169 20.35 6.70 -28.05
CA MET D 169 21.56 6.06 -28.53
C MET D 169 22.48 5.91 -27.33
N ASN D 170 23.64 5.29 -27.53
CA ASN D 170 24.60 5.13 -26.45
C ASN D 170 25.93 5.77 -26.85
N VAL D 171 26.82 5.94 -25.87
CA VAL D 171 28.09 6.60 -26.12
C VAL D 171 28.83 6.21 -27.38
N ASP D 172 28.58 5.02 -27.92
CA ASP D 172 29.31 4.61 -29.11
C ASP D 172 29.11 5.64 -30.23
N PHE D 173 27.94 6.26 -30.25
CA PHE D 173 27.63 7.27 -31.26
C PHE D 173 28.61 8.43 -31.23
N LEU D 174 29.04 8.79 -30.03
CA LEU D 174 29.97 9.89 -29.85
C LEU D 174 31.35 9.65 -30.43
N LEU D 175 31.70 8.39 -30.67
CA LEU D 175 33.00 8.07 -31.23
C LEU D 175 33.30 8.74 -32.57
N THR D 176 32.26 9.17 -33.27
CA THR D 176 32.42 9.82 -34.58
C THR D 176 33.19 11.12 -34.43
N PHE D 177 32.87 11.85 -33.37
CA PHE D 177 33.51 13.13 -33.09
C PHE D 177 34.91 13.05 -32.47
N LYS D 178 35.30 11.86 -31.98
CA LYS D 178 36.62 11.71 -31.40
C LYS D 178 37.57 11.45 -32.56
N LYS D 179 38.40 12.43 -32.90
CA LYS D 179 39.29 12.29 -34.04
C LYS D 179 40.77 12.42 -33.72
N ILE D 180 41.11 13.24 -32.74
CA ILE D 180 42.51 13.47 -32.39
C ILE D 180 42.69 13.60 -30.88
N GLU D 181 43.25 12.59 -30.25
CA GLU D 181 43.45 12.64 -28.81
C GLU D 181 44.79 13.26 -28.40
N SER D 182 44.78 13.98 -27.29
CA SER D 182 46.01 14.57 -26.78
C SER D 182 46.84 13.45 -26.20
N PRO D 183 48.12 13.40 -26.55
CA PRO D 183 48.99 12.35 -26.01
C PRO D 183 49.23 12.59 -24.53
N LEU D 184 48.82 13.76 -24.05
CA LEU D 184 49.04 14.16 -22.69
C LEU D 184 47.90 13.93 -21.68
N PHE D 185 46.70 13.65 -22.18
CA PHE D 185 45.55 13.43 -21.30
C PHE D 185 44.75 12.27 -21.80
N ARG D 186 43.97 11.66 -20.93
CA ARG D 186 43.14 10.55 -21.33
C ARG D 186 41.69 10.80 -20.93
N GLY D 187 41.47 11.87 -20.16
CA GLY D 187 40.13 12.24 -19.72
C GLY D 187 39.63 11.34 -18.60
N GLY D 188 38.41 11.58 -18.12
CA GLY D 188 37.87 10.76 -17.05
C GLY D 188 38.25 11.17 -15.64
N ARG D 189 37.35 10.92 -14.70
CA ARG D 189 37.55 11.26 -13.30
C ARG D 189 38.70 10.52 -12.66
N ARG D 190 38.93 9.28 -13.08
CA ARG D 190 40.01 8.49 -12.53
C ARG D 190 41.35 9.16 -12.77
N GLU D 191 41.59 9.64 -13.99
CA GLU D 191 42.84 10.33 -14.29
C GLU D 191 42.87 11.64 -13.53
N GLY D 192 41.70 12.27 -13.43
CA GLY D 192 41.60 13.54 -12.73
C GLY D 192 42.08 13.45 -11.30
N LEU D 193 41.55 12.49 -10.53
CA LEU D 193 41.94 12.31 -9.15
C LEU D 193 43.42 11.96 -9.06
N TYR D 194 43.91 11.17 -10.00
CA TYR D 194 45.31 10.82 -9.98
C TYR D 194 46.16 12.08 -10.06
N LEU D 195 45.78 13.01 -10.93
CA LEU D 195 46.50 14.27 -11.11
C LEU D 195 46.37 15.16 -9.88
N LEU D 196 45.15 15.19 -9.33
CA LEU D 196 44.89 15.99 -8.14
C LEU D 196 45.84 15.59 -7.01
N HIS D 197 46.26 14.33 -6.99
CA HIS D 197 47.13 13.83 -5.93
C HIS D 197 48.62 13.75 -6.19
N ARG D 198 49.07 14.24 -7.33
CA ARG D 198 50.50 14.23 -7.59
C ARG D 198 51.05 15.29 -6.64
N ASN D 199 52.22 15.05 -6.08
CA ASN D 199 52.80 16.04 -5.19
C ASN D 199 53.88 16.79 -5.95
N VAL D 200 53.60 18.05 -6.27
CA VAL D 200 54.51 18.88 -7.03
C VAL D 200 54.96 20.09 -6.23
N ASP D 201 56.00 20.76 -6.71
CA ASP D 201 56.48 21.96 -6.07
C ASP D 201 55.83 23.14 -6.80
N PHE D 202 54.60 23.46 -6.39
CA PHE D 202 53.82 24.53 -7.01
C PHE D 202 54.54 25.87 -7.06
N ARG D 203 55.54 26.01 -6.21
CA ARG D 203 56.32 27.23 -6.14
C ARG D 203 57.08 27.43 -7.44
N ARG D 204 57.53 26.33 -8.03
CA ARG D 204 58.26 26.41 -9.29
C ARG D 204 57.36 26.08 -10.47
N ARG D 205 56.07 26.42 -10.36
CA ARG D 205 55.11 26.12 -11.40
C ARG D 205 55.34 26.91 -12.70
N ASP D 206 56.26 27.87 -12.67
CA ASP D 206 56.55 28.68 -13.85
C ASP D 206 57.52 28.03 -14.81
N TYR D 207 58.34 27.11 -14.30
CA TYR D 207 59.33 26.43 -15.13
C TYR D 207 58.71 25.29 -15.91
N PRO D 208 58.52 25.48 -17.23
CA PRO D 208 57.92 24.49 -18.12
C PRO D 208 58.67 23.17 -18.14
N ALA D 209 60.00 23.24 -18.14
CA ALA D 209 60.82 22.03 -18.17
C ALA D 209 60.50 21.13 -16.97
N GLU D 210 60.36 21.72 -15.79
CA GLU D 210 60.04 20.95 -14.60
C GLU D 210 58.59 20.50 -14.75
N ASN D 211 58.07 19.70 -13.82
CA ASN D 211 56.70 19.25 -13.96
C ASN D 211 55.90 19.70 -12.76
N ASN D 212 55.85 21.00 -12.53
CA ASN D 212 55.16 21.49 -11.35
C ASN D 212 53.74 22.03 -11.49
N ASN D 213 53.06 21.64 -12.56
CA ASN D 213 51.68 22.07 -12.75
C ASN D 213 50.80 20.83 -12.61
N TYR D 214 49.62 20.99 -12.01
CA TYR D 214 48.74 19.85 -11.81
C TYR D 214 48.06 19.35 -13.08
N ARG D 215 48.05 20.18 -14.12
CA ARG D 215 47.39 19.82 -15.37
C ARG D 215 45.95 19.40 -15.09
N LEU D 216 45.27 20.14 -14.23
CA LEU D 216 43.90 19.84 -13.85
C LEU D 216 42.83 20.61 -14.61
N SER D 217 43.23 21.68 -15.30
CA SER D 217 42.26 22.51 -16.00
C SER D 217 41.20 21.76 -16.80
N PRO D 218 41.63 20.83 -17.69
CA PRO D 218 40.62 20.12 -18.47
C PRO D 218 39.63 19.32 -17.60
N HIS D 219 40.11 18.77 -16.50
CA HIS D 219 39.24 18.00 -15.61
C HIS D 219 38.26 18.90 -14.86
N LEU D 220 38.70 20.13 -14.58
CA LEU D 220 37.86 21.09 -13.88
C LEU D 220 36.85 21.64 -14.89
N LYS D 221 37.33 22.05 -16.06
CA LYS D 221 36.47 22.57 -17.10
C LYS D 221 35.36 21.59 -17.46
N PHE D 222 35.71 20.32 -17.66
CA PHE D 222 34.68 19.34 -18.01
C PHE D 222 34.01 18.64 -16.82
N GLY D 223 34.40 19.04 -15.62
CA GLY D 223 33.81 18.49 -14.40
C GLY D 223 33.99 17.04 -14.04
N THR D 224 35.14 16.43 -14.32
CA THR D 224 35.34 15.04 -13.94
C THR D 224 35.47 15.03 -12.42
N ILE D 225 35.86 16.17 -11.87
CA ILE D 225 35.95 16.36 -10.43
C ILE D 225 35.32 17.73 -10.17
N SER D 226 34.76 17.93 -8.98
CA SER D 226 34.14 19.20 -8.68
C SER D 226 35.10 20.24 -8.11
N MET D 227 34.78 21.49 -8.39
CA MET D 227 35.53 22.65 -7.92
C MET D 227 35.70 22.55 -6.40
N ARG D 228 34.63 22.08 -5.75
CA ARG D 228 34.60 21.90 -4.32
C ARG D 228 35.54 20.78 -3.88
N GLU D 229 35.63 19.73 -4.69
CA GLU D 229 36.51 18.61 -4.37
C GLU D 229 37.97 19.03 -4.48
N ALA D 230 38.30 19.70 -5.58
CA ALA D 230 39.66 20.14 -5.76
C ALA D 230 40.03 21.02 -4.57
N TYR D 231 39.08 21.89 -4.19
CA TYR D 231 39.31 22.82 -3.09
C TYR D 231 39.63 22.14 -1.76
N TYR D 232 38.77 21.23 -1.32
CA TYR D 232 39.02 20.59 -0.05
C TYR D 232 40.22 19.67 -0.03
N THR D 233 40.57 19.09 -1.17
CA THR D 233 41.70 18.19 -1.20
C THR D 233 43.00 18.97 -1.05
N GLN D 234 42.99 20.22 -1.52
CA GLN D 234 44.16 21.07 -1.49
C GLN D 234 43.96 22.27 -0.57
N LYS D 235 42.98 22.18 0.32
CA LYS D 235 42.69 23.29 1.22
C LYS D 235 43.89 23.94 1.85
N GLY D 236 44.89 23.13 2.20
CA GLY D 236 46.06 23.69 2.84
C GLY D 236 47.04 24.44 1.95
N LYS D 237 46.89 24.34 0.63
CA LYS D 237 47.81 25.02 -0.27
C LYS D 237 47.26 26.34 -0.78
N GLU D 238 47.53 27.40 -0.03
CA GLU D 238 47.10 28.77 -0.34
C GLU D 238 47.31 29.20 -1.80
N GLU D 239 48.49 28.93 -2.37
CA GLU D 239 48.80 29.29 -3.76
C GLU D 239 47.85 28.63 -4.75
N PHE D 240 47.63 27.34 -4.59
CA PHE D 240 46.75 26.59 -5.46
C PHE D 240 45.30 27.03 -5.29
N VAL D 241 44.87 27.21 -4.04
CA VAL D 241 43.51 27.63 -3.79
C VAL D 241 43.21 29.03 -4.33
N ARG D 242 44.19 29.94 -4.25
CA ARG D 242 43.97 31.28 -4.76
C ARG D 242 43.80 31.23 -6.27
N GLU D 243 44.63 30.44 -6.95
CA GLU D 243 44.52 30.31 -8.40
C GLU D 243 43.23 29.60 -8.81
N LEU D 244 42.72 28.75 -7.95
CA LEU D 244 41.48 28.06 -8.25
C LEU D 244 40.38 29.13 -8.33
N TYR D 245 40.48 30.14 -7.48
CA TYR D 245 39.49 31.22 -7.45
C TYR D 245 39.53 32.09 -8.70
N TRP D 246 40.60 31.99 -9.49
CA TRP D 246 40.68 32.76 -10.71
C TRP D 246 39.67 32.27 -11.73
N ARG D 247 39.27 31.02 -11.60
CA ARG D 247 38.29 30.45 -12.50
C ARG D 247 36.96 31.12 -12.25
N ASP D 248 36.59 31.21 -10.97
CA ASP D 248 35.33 31.85 -10.60
C ASP D 248 35.35 33.31 -11.04
N PHE D 249 36.44 33.99 -10.72
CA PHE D 249 36.55 35.39 -11.10
C PHE D 249 36.27 35.64 -12.57
N PHE D 250 37.02 34.99 -13.47
CA PHE D 250 36.77 35.23 -14.90
C PHE D 250 35.39 34.78 -15.35
N THR D 251 34.89 33.69 -14.78
CA THR D 251 33.57 33.21 -15.16
C THR D 251 32.51 34.25 -14.84
N LEU D 252 32.52 34.72 -13.60
CA LEU D 252 31.57 35.73 -13.14
C LEU D 252 31.76 37.07 -13.86
N LEU D 253 33.02 37.41 -14.14
CA LEU D 253 33.30 38.64 -14.85
C LEU D 253 32.52 38.59 -16.16
N ALA D 254 32.67 37.49 -16.89
CA ALA D 254 31.99 37.33 -18.17
C ALA D 254 30.49 37.24 -17.98
N TYR D 255 30.06 36.67 -16.86
CA TYR D 255 28.64 36.52 -16.61
C TYR D 255 27.94 37.86 -16.48
N TYR D 256 28.58 38.80 -15.78
CA TYR D 256 28.02 40.12 -15.56
C TYR D 256 28.36 41.16 -16.65
N ASN D 257 29.24 40.77 -17.57
CA ASN D 257 29.69 41.62 -18.68
C ASN D 257 29.77 40.80 -19.98
N PRO D 258 28.61 40.32 -20.47
CA PRO D 258 28.53 39.51 -21.69
C PRO D 258 29.28 40.13 -22.88
N HIS D 259 29.39 41.45 -22.89
CA HIS D 259 30.06 42.08 -24.01
C HIS D 259 31.52 41.66 -24.20
N VAL D 260 32.16 41.07 -23.19
CA VAL D 260 33.55 40.67 -23.37
C VAL D 260 33.70 39.70 -24.53
N PHE D 261 32.63 38.97 -24.83
CA PHE D 261 32.70 38.03 -25.95
C PHE D 261 32.48 38.77 -27.26
N GLY D 262 33.54 39.41 -27.76
CA GLY D 262 33.41 40.13 -29.00
C GLY D 262 33.96 41.55 -28.89
N HIS D 263 33.93 42.12 -27.69
CA HIS D 263 34.43 43.48 -27.47
C HIS D 263 35.42 43.48 -26.32
N CYS D 264 36.09 44.61 -26.12
CA CYS D 264 37.05 44.74 -25.04
C CYS D 264 36.31 45.00 -23.74
N TYR D 265 36.84 44.46 -22.63
CA TYR D 265 36.24 44.66 -21.33
C TYR D 265 36.13 46.17 -21.14
N ARG D 266 37.24 46.85 -21.34
CA ARG D 266 37.30 48.32 -21.26
C ARG D 266 37.05 48.78 -22.70
N ARG D 267 35.78 49.00 -23.04
CA ARG D 267 35.37 49.37 -24.39
C ARG D 267 36.15 50.42 -25.19
N GLU D 268 36.81 51.35 -24.51
CA GLU D 268 37.60 52.36 -25.23
C GLU D 268 38.43 51.71 -26.32
N TYR D 269 39.17 50.69 -25.90
CA TYR D 269 40.09 49.98 -26.77
C TYR D 269 39.53 49.23 -27.97
N ASP D 270 38.23 49.34 -28.19
CA ASP D 270 37.61 48.70 -29.34
C ASP D 270 38.00 49.52 -30.57
N ASN D 271 38.79 50.56 -30.33
CA ASN D 271 39.25 51.46 -31.38
C ASN D 271 40.70 51.25 -31.80
N ILE D 272 41.38 50.34 -31.11
CA ILE D 272 42.77 50.06 -31.44
C ILE D 272 42.86 49.62 -32.91
N SER D 273 43.86 50.13 -33.62
CA SER D 273 44.04 49.77 -35.01
C SER D 273 45.06 48.66 -35.09
N TRP D 274 44.61 47.44 -34.85
CA TRP D 274 45.48 46.28 -34.89
C TRP D 274 46.13 46.15 -36.25
N GLU D 275 47.45 46.05 -36.28
CA GLU D 275 48.18 45.91 -37.53
C GLU D 275 47.75 44.62 -38.26
N ASN D 276 47.31 43.62 -37.50
CA ASN D 276 46.86 42.33 -38.03
C ASN D 276 47.56 41.79 -39.27
N ASN D 277 48.89 41.82 -39.27
CA ASN D 277 49.63 41.30 -40.41
C ASN D 277 49.50 39.78 -40.50
N GLU D 278 48.52 39.31 -41.26
CA GLU D 278 48.26 37.89 -41.44
C GLU D 278 49.51 37.03 -41.56
N SER D 279 50.61 37.64 -41.96
CA SER D 279 51.87 36.93 -42.11
C SER D 279 52.49 36.60 -40.75
N TYR D 280 52.58 37.59 -39.86
CA TYR D 280 53.15 37.36 -38.53
C TYR D 280 52.29 36.34 -37.78
N PHE D 281 50.98 36.53 -37.85
CA PHE D 281 50.02 35.64 -37.20
C PHE D 281 50.24 34.20 -37.59
N GLU D 282 50.53 33.98 -38.87
CA GLU D 282 50.77 32.63 -39.35
C GLU D 282 52.05 32.07 -38.73
N ALA D 283 53.07 32.92 -38.62
CA ALA D 283 54.34 32.53 -38.03
C ALA D 283 54.15 32.14 -36.57
N TRP D 284 53.30 32.90 -35.88
CA TRP D 284 52.99 32.67 -34.48
C TRP D 284 52.31 31.31 -34.27
N LYS D 285 51.32 31.02 -35.10
CA LYS D 285 50.61 29.76 -34.97
C LYS D 285 51.49 28.56 -35.20
N GLU D 286 52.47 28.72 -36.08
CA GLU D 286 53.38 27.63 -36.43
C GLU D 286 54.59 27.54 -35.53
N GLY D 287 54.82 28.59 -34.73
CA GLY D 287 55.97 28.56 -33.86
C GLY D 287 57.22 28.74 -34.69
N ARG D 288 57.09 29.59 -35.71
CA ARG D 288 58.21 29.90 -36.60
C ARG D 288 58.54 31.37 -36.40
N THR D 289 58.36 31.84 -35.17
CA THR D 289 58.69 33.20 -34.82
C THR D 289 60.18 33.07 -34.54
N GLY D 290 60.89 34.17 -34.35
CA GLY D 290 62.31 34.00 -34.10
C GLY D 290 62.73 33.73 -32.66
N TYR D 291 61.74 33.65 -31.77
CA TYR D 291 62.02 33.47 -30.35
C TYR D 291 61.78 32.04 -29.86
N PRO D 292 62.86 31.38 -29.42
CA PRO D 292 62.85 29.99 -28.90
C PRO D 292 61.73 29.62 -27.92
N ILE D 293 61.56 30.42 -26.87
CA ILE D 293 60.55 30.14 -25.86
C ILE D 293 59.14 30.24 -26.43
N ILE D 294 58.91 31.21 -27.31
CA ILE D 294 57.59 31.40 -27.92
C ILE D 294 57.32 30.25 -28.89
N ASP D 295 58.34 29.87 -29.66
CA ASP D 295 58.23 28.77 -30.62
C ASP D 295 57.96 27.45 -29.92
N ALA D 296 58.65 27.23 -28.81
CA ALA D 296 58.47 26.00 -28.05
C ALA D 296 57.02 25.96 -27.54
N GLY D 297 56.56 27.08 -26.98
CA GLY D 297 55.20 27.13 -26.48
C GLY D 297 54.16 26.74 -27.53
N MET D 298 54.13 27.47 -28.63
CA MET D 298 53.16 27.20 -29.68
C MET D 298 53.23 25.79 -30.23
N ARG D 299 54.46 25.30 -30.40
CA ARG D 299 54.62 23.95 -30.93
C ARG D 299 54.05 22.94 -29.95
N MET D 300 54.37 23.09 -28.68
CA MET D 300 53.84 22.16 -27.70
C MET D 300 52.33 22.21 -27.75
N LEU D 301 51.78 23.42 -27.61
CA LEU D 301 50.34 23.62 -27.65
C LEU D 301 49.72 22.93 -28.85
N ASN D 302 50.34 23.07 -30.02
CA ASN D 302 49.76 22.46 -31.21
C ASN D 302 49.70 20.95 -31.21
N SER D 303 50.71 20.28 -30.68
CA SER D 303 50.68 18.83 -30.68
C SER D 303 50.09 18.26 -29.42
N THR D 304 50.09 19.05 -28.36
CA THR D 304 49.57 18.56 -27.10
C THR D 304 48.22 19.16 -26.67
N GLY D 305 47.95 20.39 -27.07
CA GLY D 305 46.70 21.04 -26.69
C GLY D 305 46.77 21.60 -25.28
N TYR D 306 47.99 21.71 -24.76
CA TYR D 306 48.24 22.22 -23.41
C TYR D 306 49.59 22.94 -23.31
N ILE D 307 49.66 23.89 -22.37
CA ILE D 307 50.89 24.65 -22.07
C ILE D 307 50.61 25.31 -20.72
N ASN D 308 51.63 25.39 -19.86
CA ASN D 308 51.41 25.98 -18.54
C ASN D 308 51.12 27.48 -18.63
N GLY D 309 50.53 28.02 -17.58
CA GLY D 309 50.18 29.42 -17.56
C GLY D 309 51.29 30.40 -17.90
N ARG D 310 52.51 30.05 -17.57
CA ARG D 310 53.62 30.94 -17.84
C ARG D 310 53.82 31.09 -19.33
N VAL D 311 53.94 29.97 -20.01
CA VAL D 311 54.14 29.99 -21.45
C VAL D 311 52.92 30.57 -22.11
N ARG D 312 51.76 30.22 -21.56
CA ARG D 312 50.49 30.68 -22.08
C ARG D 312 50.47 32.18 -22.24
N MET D 313 50.85 32.91 -21.19
CA MET D 313 50.80 34.36 -21.30
C MET D 313 51.98 34.99 -22.04
N LEU D 314 53.10 34.28 -22.10
CA LEU D 314 54.24 34.81 -22.84
C LEU D 314 53.85 34.80 -24.32
N VAL D 315 53.22 33.70 -24.71
CA VAL D 315 52.76 33.50 -26.07
C VAL D 315 51.65 34.51 -26.41
N ALA D 316 50.72 34.70 -25.48
CA ALA D 316 49.63 35.65 -25.71
C ALA D 316 50.18 37.06 -25.81
N PHE D 317 51.13 37.38 -24.93
CA PHE D 317 51.77 38.70 -24.91
C PHE D 317 52.39 39.01 -26.28
N PHE D 318 53.22 38.08 -26.74
CA PHE D 318 53.92 38.24 -27.99
C PHE D 318 53.01 38.52 -29.19
N LEU D 319 51.88 37.82 -29.25
CA LEU D 319 50.99 38.03 -30.37
C LEU D 319 50.29 39.38 -30.33
N VAL D 320 49.92 39.82 -29.14
CA VAL D 320 49.22 41.09 -29.05
C VAL D 320 50.11 42.32 -28.97
N LYS D 321 51.04 42.33 -28.01
CA LYS D 321 51.90 43.48 -27.82
C LYS D 321 53.22 43.52 -28.58
N VAL D 322 53.46 42.55 -29.46
CA VAL D 322 54.70 42.54 -30.22
C VAL D 322 54.44 42.37 -31.73
N LEU D 323 53.56 41.45 -32.10
CA LEU D 323 53.22 41.24 -33.50
C LEU D 323 52.01 42.12 -33.82
N PHE D 324 51.51 42.81 -32.79
CA PHE D 324 50.37 43.71 -32.91
C PHE D 324 49.17 43.11 -33.66
N VAL D 325 48.74 41.95 -33.20
CA VAL D 325 47.59 41.24 -33.77
C VAL D 325 46.44 41.25 -32.74
N ASP D 326 45.23 41.51 -33.23
CA ASP D 326 44.03 41.57 -32.37
C ASP D 326 43.93 40.37 -31.43
N TRP D 327 43.81 40.63 -30.13
CA TRP D 327 43.70 39.54 -29.18
C TRP D 327 42.57 38.55 -29.50
N ARG D 328 41.51 39.01 -30.17
CA ARG D 328 40.41 38.12 -30.52
C ARG D 328 40.89 37.00 -31.44
N TRP D 329 41.90 37.29 -32.26
CA TRP D 329 42.46 36.30 -33.19
C TRP D 329 43.12 35.17 -32.39
N GLY D 330 43.93 35.58 -31.41
CA GLY D 330 44.62 34.63 -30.56
C GLY D 330 43.63 33.87 -29.70
N GLU D 331 42.63 34.59 -29.18
CA GLU D 331 41.61 33.95 -28.35
C GLU D 331 40.99 32.79 -29.12
N ARG D 332 40.60 33.05 -30.36
CA ARG D 332 39.98 32.00 -31.17
C ARG D 332 40.95 30.88 -31.52
N TYR D 333 42.19 31.22 -31.83
CA TYR D 333 43.15 30.17 -32.15
C TYR D 333 43.30 29.22 -30.95
N PHE D 334 43.45 29.79 -29.75
CA PHE D 334 43.58 29.01 -28.53
C PHE D 334 42.37 28.13 -28.35
N ALA D 335 41.19 28.69 -28.60
CA ALA D 335 39.94 27.94 -28.46
C ALA D 335 39.97 26.71 -29.35
N THR D 336 40.78 26.82 -30.37
CA THR D 336 40.94 25.78 -31.34
C THR D 336 41.92 24.67 -30.96
N LYS D 337 42.76 24.94 -29.97
CA LYS D 337 43.77 23.97 -29.56
C LYS D 337 43.71 23.49 -28.13
N LEU D 338 43.40 24.39 -27.21
CA LEU D 338 43.33 24.05 -25.79
C LEU D 338 42.46 22.84 -25.46
N VAL D 339 43.02 21.89 -24.72
CA VAL D 339 42.26 20.73 -24.32
C VAL D 339 41.31 21.15 -23.20
N ASP D 340 41.65 22.27 -22.56
CA ASP D 340 40.86 22.80 -21.45
C ASP D 340 40.07 24.07 -21.80
N TYR D 341 39.82 24.32 -23.09
CA TYR D 341 39.11 25.53 -23.48
C TYR D 341 37.88 25.92 -22.68
N ASP D 342 37.95 27.13 -22.12
CA ASP D 342 36.85 27.69 -21.34
C ASP D 342 36.58 29.09 -21.88
N PRO D 343 35.46 29.29 -22.58
CA PRO D 343 35.13 30.61 -23.14
C PRO D 343 35.48 31.81 -22.27
N ALA D 344 34.92 31.84 -21.07
CA ALA D 344 35.15 32.96 -20.15
C ALA D 344 36.58 33.04 -19.61
N ILE D 345 37.13 31.90 -19.22
CA ILE D 345 38.48 31.88 -18.67
C ILE D 345 39.50 32.24 -19.74
N ASN D 346 39.31 31.73 -20.95
CA ASN D 346 40.22 32.03 -22.04
C ASN D 346 40.08 33.52 -22.38
N ASN D 347 38.86 33.99 -22.53
CA ASN D 347 38.60 35.38 -22.86
C ASN D 347 39.21 36.33 -21.82
N GLY D 348 38.93 36.05 -20.54
CA GLY D 348 39.42 36.87 -19.46
C GLY D 348 40.94 36.99 -19.50
N ASN D 349 41.61 35.87 -19.69
CA ASN D 349 43.06 35.87 -19.73
C ASN D 349 43.63 36.62 -20.92
N TRP D 350 43.01 36.51 -22.09
CA TRP D 350 43.53 37.23 -23.26
C TRP D 350 43.42 38.74 -23.04
N GLN D 351 42.23 39.20 -22.66
CA GLN D 351 42.03 40.63 -22.41
C GLN D 351 42.99 41.14 -21.35
N TRP D 352 43.22 40.33 -20.31
CA TRP D 352 44.13 40.69 -19.23
C TRP D 352 45.51 40.98 -19.80
N ILE D 353 46.00 40.05 -20.61
CA ILE D 353 47.31 40.17 -21.23
C ILE D 353 47.41 41.34 -22.20
N ALA D 354 46.32 41.59 -22.92
CA ALA D 354 46.29 42.68 -23.90
C ALA D 354 46.06 44.04 -23.25
N SER D 355 45.94 44.05 -21.92
CA SER D 355 45.71 45.30 -21.21
C SER D 355 44.40 45.97 -21.62
N THR D 356 43.40 45.17 -21.94
CA THR D 356 42.10 45.71 -22.32
C THR D 356 41.09 45.13 -21.35
N GLY D 357 41.61 44.47 -20.32
CA GLY D 357 40.76 43.85 -19.33
C GLY D 357 40.96 44.29 -17.89
N VAL D 358 40.80 43.32 -16.99
CA VAL D 358 40.92 43.54 -15.56
C VAL D 358 42.25 44.14 -15.09
N ASP D 359 43.34 43.85 -15.78
CA ASP D 359 44.61 44.44 -15.38
C ASP D 359 44.65 45.77 -16.12
N TYR D 360 44.66 46.85 -15.35
CA TYR D 360 44.65 48.19 -15.94
C TYR D 360 46.01 48.74 -16.39
N MET D 361 47.10 48.17 -15.88
CA MET D 361 48.44 48.63 -16.26
C MET D 361 48.86 48.01 -17.60
N PHE D 362 49.76 48.68 -18.32
CA PHE D 362 50.24 48.16 -19.61
C PHE D 362 51.46 47.30 -19.33
N ARG D 363 51.22 46.02 -19.05
CA ARG D 363 52.29 45.08 -18.74
C ARG D 363 53.07 44.60 -19.95
N VAL D 364 54.39 44.50 -19.79
CA VAL D 364 55.27 44.04 -20.86
C VAL D 364 56.31 43.06 -20.34
N PHE D 365 56.69 42.09 -21.16
CA PHE D 365 57.69 41.09 -20.79
C PHE D 365 58.84 41.08 -21.79
N ASN D 366 60.04 40.77 -21.30
CA ASN D 366 61.19 40.70 -22.17
C ASN D 366 61.35 39.26 -22.61
N PRO D 367 61.02 38.95 -23.86
CA PRO D 367 61.13 37.58 -24.37
C PRO D 367 62.41 36.87 -23.97
N TRP D 368 63.54 37.48 -24.25
CA TRP D 368 64.83 36.85 -23.94
C TRP D 368 65.10 36.72 -22.46
N LYS D 369 64.74 37.74 -21.69
CA LYS D 369 64.97 37.69 -20.25
C LYS D 369 64.10 36.58 -19.66
N GLN D 370 62.84 36.58 -20.07
CA GLN D 370 61.85 35.60 -19.63
C GLN D 370 62.33 34.19 -20.00
N GLN D 371 62.67 34.02 -21.29
CA GLN D 371 63.15 32.73 -21.80
C GLN D 371 64.31 32.20 -20.97
N GLU D 372 65.25 33.08 -20.64
CA GLU D 372 66.42 32.69 -19.89
C GLU D 372 66.16 32.38 -18.41
N LYS D 373 65.14 32.99 -17.83
CA LYS D 373 64.85 32.75 -16.42
C LYS D 373 64.08 31.47 -16.14
N PHE D 374 63.07 31.19 -16.96
CA PHE D 374 62.24 30.01 -16.77
C PHE D 374 62.63 28.75 -17.53
N ASP D 375 63.68 28.85 -18.34
CA ASP D 375 64.18 27.70 -19.07
C ASP D 375 65.68 27.89 -19.24
N PRO D 376 66.41 28.06 -18.12
CA PRO D 376 67.86 28.27 -18.09
C PRO D 376 68.67 27.23 -18.86
N GLU D 377 68.22 25.98 -18.85
CA GLU D 377 68.93 24.92 -19.54
C GLU D 377 68.37 24.72 -20.93
N ALA D 378 67.34 25.50 -21.25
CA ALA D 378 66.69 25.41 -22.56
C ALA D 378 66.15 24.01 -22.78
N LYS D 379 65.90 23.30 -21.68
CA LYS D 379 65.37 21.93 -21.75
C LYS D 379 64.00 21.91 -22.42
N PHE D 380 63.14 22.87 -22.03
CA PHE D 380 61.81 22.96 -22.60
C PHE D 380 61.91 23.26 -24.09
N ILE D 381 62.73 24.26 -24.42
CA ILE D 381 62.92 24.67 -25.80
C ILE D 381 63.42 23.52 -26.66
N LYS D 382 64.42 22.83 -26.13
CA LYS D 382 65.01 21.69 -26.83
C LYS D 382 64.02 20.55 -27.04
N GLU D 383 63.08 20.43 -26.12
CA GLU D 383 62.08 19.37 -26.20
C GLU D 383 61.04 19.60 -27.28
N TRP D 384 60.83 20.87 -27.65
CA TRP D 384 59.82 21.16 -28.64
C TRP D 384 60.27 21.83 -29.94
N VAL D 385 61.43 22.47 -29.93
CA VAL D 385 61.95 23.10 -31.13
C VAL D 385 63.02 22.20 -31.74
N GLU D 386 62.60 21.38 -32.70
CA GLU D 386 63.46 20.41 -33.39
C GLU D 386 64.86 20.93 -33.73
N GLU D 387 64.91 22.00 -34.51
CA GLU D 387 66.18 22.59 -34.93
C GLU D 387 67.17 22.97 -33.83
N LEU D 388 66.69 23.50 -32.71
CA LEU D 388 67.61 23.88 -31.65
C LEU D 388 67.93 22.72 -30.74
N LYS D 389 67.54 21.51 -31.15
CA LYS D 389 67.77 20.32 -30.35
C LYS D 389 69.19 20.11 -29.85
N ASP D 390 70.18 20.54 -30.63
CA ASP D 390 71.58 20.35 -30.22
C ASP D 390 72.37 21.63 -29.97
N VAL D 391 71.75 22.77 -30.21
CA VAL D 391 72.42 24.03 -29.97
C VAL D 391 72.54 24.18 -28.45
N PRO D 392 73.75 24.52 -27.95
CA PRO D 392 73.90 24.67 -26.50
C PRO D 392 73.07 25.85 -26.00
N PRO D 393 72.45 25.70 -24.81
CA PRO D 393 71.61 26.72 -24.18
C PRO D 393 72.14 28.15 -24.28
N SER D 394 73.41 28.32 -23.92
CA SER D 394 74.05 29.62 -23.97
C SER D 394 73.73 30.38 -25.27
N ILE D 395 73.87 29.68 -26.39
CA ILE D 395 73.59 30.26 -27.69
C ILE D 395 72.09 30.51 -27.86
N ILE D 396 71.29 29.48 -27.61
CA ILE D 396 69.84 29.60 -27.74
C ILE D 396 69.31 30.88 -27.09
N HIS D 397 69.83 31.20 -25.90
CA HIS D 397 69.41 32.39 -25.18
C HIS D 397 69.90 33.68 -25.81
N SER D 398 70.65 33.57 -26.90
CA SER D 398 71.19 34.73 -27.61
C SER D 398 71.12 34.49 -29.10
N ILE D 399 70.36 33.46 -29.47
CA ILE D 399 70.21 33.05 -30.85
C ILE D 399 69.86 34.21 -31.80
N TYR D 400 69.59 35.38 -31.24
CA TYR D 400 69.26 36.54 -32.07
C TYR D 400 70.55 37.15 -32.61
N LYS D 401 71.67 36.76 -32.00
CA LYS D 401 72.99 37.22 -32.42
C LYS D 401 73.53 36.33 -33.53
N THR D 402 73.24 35.03 -33.43
CA THR D 402 73.68 34.06 -34.41
C THR D 402 72.58 33.81 -35.45
N LYS D 403 72.53 32.58 -35.95
CA LYS D 403 71.54 32.19 -36.95
C LYS D 403 71.78 30.72 -37.29
N VAL D 404 71.28 29.85 -36.42
CA VAL D 404 71.43 28.41 -36.63
C VAL D 404 70.62 27.98 -37.84
N PRO D 405 71.03 26.86 -38.48
CA PRO D 405 70.32 26.33 -39.66
C PRO D 405 68.90 25.84 -39.41
N GLY D 406 67.99 26.19 -40.31
CA GLY D 406 66.61 25.76 -40.20
C GLY D 406 65.75 26.50 -39.19
N TYR D 407 66.35 27.39 -38.41
CA TYR D 407 65.58 28.13 -37.43
C TYR D 407 65.54 29.59 -37.82
N PRO D 408 64.36 30.09 -38.16
CA PRO D 408 64.22 31.49 -38.57
C PRO D 408 64.74 32.41 -37.49
N SER D 409 65.35 33.51 -37.91
CA SER D 409 65.87 34.48 -36.95
C SER D 409 64.67 35.34 -36.58
N PRO D 410 64.74 36.05 -35.43
CA PRO D 410 63.63 36.90 -34.98
C PRO D 410 62.87 37.60 -36.10
N ILE D 411 61.57 37.38 -36.17
CA ILE D 411 60.76 37.99 -37.21
C ILE D 411 60.33 39.42 -36.90
N VAL D 412 60.98 40.04 -35.91
CA VAL D 412 60.73 41.44 -35.52
C VAL D 412 61.55 41.72 -34.27
N ASN D 413 61.75 42.99 -33.95
CA ASN D 413 62.46 43.37 -32.74
C ASN D 413 61.37 43.73 -31.75
N TRP D 414 61.20 42.89 -30.73
CA TRP D 414 60.15 43.10 -29.75
C TRP D 414 60.16 44.49 -29.09
N LEU D 415 61.34 44.97 -28.71
CA LEU D 415 61.44 46.27 -28.04
C LEU D 415 60.83 47.43 -28.83
N GLU D 416 61.20 47.57 -30.11
CA GLU D 416 60.64 48.63 -30.94
C GLU D 416 59.12 48.45 -31.04
N ARG D 417 58.70 47.23 -31.37
CA ARG D 417 57.27 46.91 -31.52
C ARG D 417 56.47 47.28 -30.28
N VAL D 418 56.90 46.74 -29.13
CA VAL D 418 56.21 47.00 -27.87
C VAL D 418 56.02 48.51 -27.65
N ASN D 419 57.03 49.30 -27.98
CA ASN D 419 56.93 50.75 -27.81
C ASN D 419 55.88 51.32 -28.74
N TYR D 420 55.87 50.85 -29.97
CA TYR D 420 54.90 51.33 -30.93
C TYR D 420 53.48 50.93 -30.51
N VAL D 421 53.31 49.67 -30.14
CA VAL D 421 52.00 49.19 -29.72
C VAL D 421 51.49 49.99 -28.54
N LYS D 422 52.38 50.31 -27.60
CA LYS D 422 51.95 51.09 -26.44
C LYS D 422 51.54 52.52 -26.82
N SER D 423 52.32 53.15 -27.68
CA SER D 423 52.01 54.51 -28.10
C SER D 423 50.63 54.49 -28.74
N GLU D 424 50.34 53.42 -29.48
CA GLU D 424 49.06 53.27 -30.14
C GLU D 424 47.94 53.17 -29.12
N TYR D 425 48.23 52.57 -27.96
CA TYR D 425 47.24 52.42 -26.90
C TYR D 425 46.99 53.77 -26.28
N LYS D 426 48.06 54.43 -25.84
CA LYS D 426 47.95 55.75 -25.23
C LYS D 426 47.18 56.65 -26.20
N ASN D 427 47.48 56.47 -27.47
CA ASN D 427 46.84 57.23 -28.54
C ASN D 427 45.32 57.15 -28.43
N VAL D 428 44.79 55.93 -28.31
CA VAL D 428 43.35 55.72 -28.19
C VAL D 428 42.72 56.57 -27.08
N LYS D 429 43.45 56.77 -25.98
CA LYS D 429 42.95 57.59 -24.89
C LYS D 429 42.61 58.98 -25.39
N ALA D 430 43.59 59.62 -26.03
CA ALA D 430 43.40 60.96 -26.59
C ALA D 430 42.23 60.96 -27.59
#